data_1IHJ
# 
_entry.id   1IHJ 
# 
_audit_conform.dict_name       mmcif_pdbx.dic 
_audit_conform.dict_version    5.398 
_audit_conform.dict_location   http://mmcif.pdb.org/dictionaries/ascii/mmcif_pdbx.dic 
# 
loop_
_database_2.database_id 
_database_2.database_code 
_database_2.pdbx_database_accession 
_database_2.pdbx_DOI 
PDB   1IHJ         pdb_00001ihj 10.2210/pdb1ihj/pdb 
RCSB  RCSB013273   ?            ?                   
WWPDB D_1000013273 ?            ?                   
# 
loop_
_pdbx_audit_revision_history.ordinal 
_pdbx_audit_revision_history.data_content_type 
_pdbx_audit_revision_history.major_revision 
_pdbx_audit_revision_history.minor_revision 
_pdbx_audit_revision_history.revision_date 
1 'Structure model' 1 0 2001-08-22 
2 'Structure model' 1 1 2008-04-27 
3 'Structure model' 1 2 2011-07-13 
4 'Structure model' 1 3 2023-08-16 
5 'Structure model' 1 4 2024-11-06 
# 
_pdbx_audit_revision_details.ordinal             1 
_pdbx_audit_revision_details.revision_ordinal    1 
_pdbx_audit_revision_details.data_content_type   'Structure model' 
_pdbx_audit_revision_details.provider            repository 
_pdbx_audit_revision_details.type                'Initial release' 
_pdbx_audit_revision_details.description         ? 
_pdbx_audit_revision_details.details             ? 
# 
loop_
_pdbx_audit_revision_group.ordinal 
_pdbx_audit_revision_group.revision_ordinal 
_pdbx_audit_revision_group.data_content_type 
_pdbx_audit_revision_group.group 
1 2 'Structure model' 'Version format compliance' 
2 3 'Structure model' 'Version format compliance' 
3 4 'Structure model' 'Data collection'           
4 4 'Structure model' 'Database references'       
5 4 'Structure model' 'Refinement description'    
6 5 'Structure model' 'Structure summary'         
# 
loop_
_pdbx_audit_revision_category.ordinal 
_pdbx_audit_revision_category.revision_ordinal 
_pdbx_audit_revision_category.data_content_type 
_pdbx_audit_revision_category.category 
1 4 'Structure model' chem_comp_atom                
2 4 'Structure model' chem_comp_bond                
3 4 'Structure model' database_2                    
4 4 'Structure model' pdbx_initial_refinement_model 
5 5 'Structure model' pdbx_entry_details            
6 5 'Structure model' pdbx_modification_feature     
# 
loop_
_pdbx_audit_revision_item.ordinal 
_pdbx_audit_revision_item.revision_ordinal 
_pdbx_audit_revision_item.data_content_type 
_pdbx_audit_revision_item.item 
1 4 'Structure model' '_database_2.pdbx_DOI'                
2 4 'Structure model' '_database_2.pdbx_database_accession' 
# 
_pdbx_database_status.status_code                     REL 
_pdbx_database_status.entry_id                        1IHJ 
_pdbx_database_status.recvd_initial_deposition_date   2001-04-19 
_pdbx_database_status.deposit_site                    RCSB 
_pdbx_database_status.process_site                    RCSB 
_pdbx_database_status.SG_entry                        . 
_pdbx_database_status.pdb_format_compatible           Y 
_pdbx_database_status.status_code_mr                  ? 
_pdbx_database_status.status_code_sf                  ? 
_pdbx_database_status.status_code_cs                  ? 
_pdbx_database_status.status_code_nmr_data            ? 
_pdbx_database_status.methods_development_category    ? 
# 
loop_
_audit_author.name 
_audit_author.pdbx_ordinal 
'Kimple, M.E.'     1 
'Siderovski, D.P.' 2 
'Sondek, J.'       3 
# 
_citation.id                        primary 
_citation.title                     
'Functional relevance of the disulfide-linked complex of the N-terminal PDZ domain of InaD with NorpA.' 
_citation.journal_abbrev            'EMBO J.' 
_citation.journal_volume            20 
_citation.page_first                4414 
_citation.page_last                 4422 
_citation.year                      2001 
_citation.journal_id_ASTM           EMJODG 
_citation.country                   UK 
_citation.journal_id_ISSN           0261-4189 
_citation.journal_id_CSD            0897 
_citation.book_publisher            ? 
_citation.pdbx_database_id_PubMed   11500369 
_citation.pdbx_database_id_DOI      10.1093/emboj/20.16.4414 
# 
loop_
_citation_author.citation_id 
_citation_author.name 
_citation_author.ordinal 
_citation_author.identifier_ORCID 
primary 'Kimple, M.E.'     1 ? 
primary 'Siderovski, D.P.' 2 ? 
primary 'Sondek, J.'       3 ? 
# 
loop_
_entity.id 
_entity.type 
_entity.src_method 
_entity.pdbx_description 
_entity.formula_weight 
_entity.pdbx_number_of_molecules 
_entity.pdbx_ec 
_entity.pdbx_mutation 
_entity.pdbx_fragment 
_entity.details 
1 polymer man InaD              10771.533 2   ?       ? 'PDZ1 domain' ? 
2 polymer syn 'phospholipase C' 755.859   2   3.1.4.3 ? C-terminus    ? 
3 water   nat water             18.015    172 ?       ? ?             ? 
# 
_entity_name_com.entity_id   2 
_entity_name_com.name        NorpA 
# 
loop_
_entity_poly.entity_id 
_entity_poly.type 
_entity_poly.nstd_linkage 
_entity_poly.nstd_monomer 
_entity_poly.pdbx_seq_one_letter_code 
_entity_poly.pdbx_seq_one_letter_code_can 
_entity_poly.pdbx_strand_id 
_entity_poly.pdbx_target_identifier 
1 'polypeptide(L)' no no 
;MAGELIHMVTLDKTGKKSFGICIVRGEVKDSPNTKTTGIFIKGIVPDSPAHLCGRLKVGDRILSLNGKDVRNSTEQAVID
LIKEADFKIELEIQTFDK
;
;MAGELIHMVTLDKTGKKSFGICIVRGEVKDSPNTKTTGIFIKGIVPDSPAHLCGRLKVGDRILSLNGKDVRNSTEQAVID
LIKEADFKIELEIQTFDK
;
A,B ? 
2 'polypeptide(L)' no no GKTEFCA                                                                                               
GKTEFCA                                                                                               C,D ? 
# 
_pdbx_entity_nonpoly.entity_id   3 
_pdbx_entity_nonpoly.name        water 
_pdbx_entity_nonpoly.comp_id     HOH 
# 
loop_
_entity_poly_seq.entity_id 
_entity_poly_seq.num 
_entity_poly_seq.mon_id 
_entity_poly_seq.hetero 
1 1  MET n 
1 2  ALA n 
1 3  GLY n 
1 4  GLU n 
1 5  LEU n 
1 6  ILE n 
1 7  HIS n 
1 8  MET n 
1 9  VAL n 
1 10 THR n 
1 11 LEU n 
1 12 ASP n 
1 13 LYS n 
1 14 THR n 
1 15 GLY n 
1 16 LYS n 
1 17 LYS n 
1 18 SER n 
1 19 PHE n 
1 20 GLY n 
1 21 ILE n 
1 22 CYS n 
1 23 ILE n 
1 24 VAL n 
1 25 ARG n 
1 26 GLY n 
1 27 GLU n 
1 28 VAL n 
1 29 LYS n 
1 30 ASP n 
1 31 SER n 
1 32 PRO n 
1 33 ASN n 
1 34 THR n 
1 35 LYS n 
1 36 THR n 
1 37 THR n 
1 38 GLY n 
1 39 ILE n 
1 40 PHE n 
1 41 ILE n 
1 42 LYS n 
1 43 GLY n 
1 44 ILE n 
1 45 VAL n 
1 46 PRO n 
1 47 ASP n 
1 48 SER n 
1 49 PRO n 
1 50 ALA n 
1 51 HIS n 
1 52 LEU n 
1 53 CYS n 
1 54 GLY n 
1 55 ARG n 
1 56 LEU n 
1 57 LYS n 
1 58 VAL n 
1 59 GLY n 
1 60 ASP n 
1 61 ARG n 
1 62 ILE n 
1 63 LEU n 
1 64 SER n 
1 65 LEU n 
1 66 ASN n 
1 67 GLY n 
1 68 LYS n 
1 69 ASP n 
1 70 VAL n 
1 71 ARG n 
1 72 ASN n 
1 73 SER n 
1 74 THR n 
1 75 GLU n 
1 76 GLN n 
1 77 ALA n 
1 78 VAL n 
1 79 ILE n 
1 80 ASP n 
1 81 LEU n 
1 82 ILE n 
1 83 LYS n 
1 84 GLU n 
1 85 ALA n 
1 86 ASP n 
1 87 PHE n 
1 88 LYS n 
1 89 ILE n 
1 90 GLU n 
1 91 LEU n 
1 92 GLU n 
1 93 ILE n 
1 94 GLN n 
1 95 THR n 
1 96 PHE n 
1 97 ASP n 
1 98 LYS n 
2 1  GLY n 
2 2  LYS n 
2 3  THR n 
2 4  GLU n 
2 5  PHE n 
2 6  CYS n 
2 7  ALA n 
# 
_entity_src_gen.entity_id                          1 
_entity_src_gen.pdbx_src_id                        1 
_entity_src_gen.pdbx_alt_source_flag               sample 
_entity_src_gen.pdbx_seq_type                      ? 
_entity_src_gen.pdbx_beg_seq_num                   ? 
_entity_src_gen.pdbx_end_seq_num                   ? 
_entity_src_gen.gene_src_common_name               'fruit fly' 
_entity_src_gen.gene_src_genus                     Drosophila 
_entity_src_gen.pdbx_gene_src_gene                 inaD 
_entity_src_gen.gene_src_species                   ? 
_entity_src_gen.gene_src_strain                    ? 
_entity_src_gen.gene_src_tissue                    ? 
_entity_src_gen.gene_src_tissue_fraction           ? 
_entity_src_gen.gene_src_details                   ? 
_entity_src_gen.pdbx_gene_src_fragment             ? 
_entity_src_gen.pdbx_gene_src_scientific_name      'Drosophila melanogaster' 
_entity_src_gen.pdbx_gene_src_ncbi_taxonomy_id     7227 
_entity_src_gen.pdbx_gene_src_variant              ? 
_entity_src_gen.pdbx_gene_src_cell_line            ? 
_entity_src_gen.pdbx_gene_src_atcc                 ? 
_entity_src_gen.pdbx_gene_src_organ                ? 
_entity_src_gen.pdbx_gene_src_organelle            ? 
_entity_src_gen.pdbx_gene_src_cell                 ? 
_entity_src_gen.pdbx_gene_src_cellular_location    ? 
_entity_src_gen.host_org_common_name               ? 
_entity_src_gen.pdbx_host_org_scientific_name      'Escherichia coli BL21(DE3)' 
_entity_src_gen.pdbx_host_org_ncbi_taxonomy_id     469008 
_entity_src_gen.host_org_genus                     Escherichia 
_entity_src_gen.pdbx_host_org_gene                 ? 
_entity_src_gen.pdbx_host_org_organ                ? 
_entity_src_gen.host_org_species                   'Escherichia coli' 
_entity_src_gen.pdbx_host_org_tissue               ? 
_entity_src_gen.pdbx_host_org_tissue_fraction      ? 
_entity_src_gen.pdbx_host_org_strain               'BL21(DE3)' 
_entity_src_gen.pdbx_host_org_variant              ? 
_entity_src_gen.pdbx_host_org_cell_line            ? 
_entity_src_gen.pdbx_host_org_atcc                 ? 
_entity_src_gen.pdbx_host_org_culture_collection   ? 
_entity_src_gen.pdbx_host_org_cell                 ? 
_entity_src_gen.pdbx_host_org_organelle            ? 
_entity_src_gen.pdbx_host_org_cellular_location    ? 
_entity_src_gen.pdbx_host_org_vector_type          ? 
_entity_src_gen.pdbx_host_org_vector               ? 
_entity_src_gen.host_org_details                   ? 
_entity_src_gen.expression_system_id               ? 
_entity_src_gen.plasmid_name                       ? 
_entity_src_gen.plasmid_details                    ? 
_entity_src_gen.pdbx_description                   ? 
# 
_pdbx_entity_src_syn.entity_id              2 
_pdbx_entity_src_syn.pdbx_src_id            1 
_pdbx_entity_src_syn.pdbx_alt_source_flag   sample 
_pdbx_entity_src_syn.pdbx_beg_seq_num       ? 
_pdbx_entity_src_syn.pdbx_end_seq_num       ? 
_pdbx_entity_src_syn.organism_scientific    ? 
_pdbx_entity_src_syn.organism_common_name   ? 
_pdbx_entity_src_syn.ncbi_taxonomy_id       ? 
_pdbx_entity_src_syn.details                
'This peptide was chemically synthesized. It consists of the final seven residues of phospholipase C (gktefca).' 
# 
loop_
_chem_comp.id 
_chem_comp.type 
_chem_comp.mon_nstd_flag 
_chem_comp.name 
_chem_comp.pdbx_synonyms 
_chem_comp.formula 
_chem_comp.formula_weight 
ALA 'L-peptide linking' y ALANINE         ? 'C3 H7 N O2'     89.093  
ARG 'L-peptide linking' y ARGININE        ? 'C6 H15 N4 O2 1' 175.209 
ASN 'L-peptide linking' y ASPARAGINE      ? 'C4 H8 N2 O3'    132.118 
ASP 'L-peptide linking' y 'ASPARTIC ACID' ? 'C4 H7 N O4'     133.103 
CYS 'L-peptide linking' y CYSTEINE        ? 'C3 H7 N O2 S'   121.158 
GLN 'L-peptide linking' y GLUTAMINE       ? 'C5 H10 N2 O3'   146.144 
GLU 'L-peptide linking' y 'GLUTAMIC ACID' ? 'C5 H9 N O4'     147.129 
GLY 'peptide linking'   y GLYCINE         ? 'C2 H5 N O2'     75.067  
HIS 'L-peptide linking' y HISTIDINE       ? 'C6 H10 N3 O2 1' 156.162 
HOH non-polymer         . WATER           ? 'H2 O'           18.015  
ILE 'L-peptide linking' y ISOLEUCINE      ? 'C6 H13 N O2'    131.173 
LEU 'L-peptide linking' y LEUCINE         ? 'C6 H13 N O2'    131.173 
LYS 'L-peptide linking' y LYSINE          ? 'C6 H15 N2 O2 1' 147.195 
MET 'L-peptide linking' y METHIONINE      ? 'C5 H11 N O2 S'  149.211 
PHE 'L-peptide linking' y PHENYLALANINE   ? 'C9 H11 N O2'    165.189 
PRO 'L-peptide linking' y PROLINE         ? 'C5 H9 N O2'     115.130 
SER 'L-peptide linking' y SERINE          ? 'C3 H7 N O3'     105.093 
THR 'L-peptide linking' y THREONINE       ? 'C4 H9 N O3'     119.119 
VAL 'L-peptide linking' y VALINE          ? 'C5 H11 N O2'    117.146 
# 
loop_
_pdbx_poly_seq_scheme.asym_id 
_pdbx_poly_seq_scheme.entity_id 
_pdbx_poly_seq_scheme.seq_id 
_pdbx_poly_seq_scheme.mon_id 
_pdbx_poly_seq_scheme.ndb_seq_num 
_pdbx_poly_seq_scheme.pdb_seq_num 
_pdbx_poly_seq_scheme.auth_seq_num 
_pdbx_poly_seq_scheme.pdb_mon_id 
_pdbx_poly_seq_scheme.auth_mon_id 
_pdbx_poly_seq_scheme.pdb_strand_id 
_pdbx_poly_seq_scheme.pdb_ins_code 
_pdbx_poly_seq_scheme.hetero 
A 1 1  MET 1  10  ?   ?   ?   A . n 
A 1 2  ALA 2  11  ?   ?   ?   A . n 
A 1 3  GLY 3  12  12  GLY GLY A . n 
A 1 4  GLU 4  13  13  GLU GLU A . n 
A 1 5  LEU 5  14  14  LEU LEU A . n 
A 1 6  ILE 6  15  15  ILE ILE A . n 
A 1 7  HIS 7  16  16  HIS HIS A . n 
A 1 8  MET 8  17  17  MET MET A . n 
A 1 9  VAL 9  18  18  VAL VAL A . n 
A 1 10 THR 10 19  19  THR THR A . n 
A 1 11 LEU 11 20  20  LEU LEU A . n 
A 1 12 ASP 12 21  21  ASP ASP A . n 
A 1 13 LYS 13 22  22  LYS LYS A . n 
A 1 14 THR 14 23  23  THR THR A . n 
A 1 15 GLY 15 24  24  GLY GLY A . n 
A 1 16 LYS 16 25  25  LYS LYS A . n 
A 1 17 LYS 17 26  26  LYS LYS A . n 
A 1 18 SER 18 27  27  SER SER A . n 
A 1 19 PHE 19 28  28  PHE PHE A . n 
A 1 20 GLY 20 29  29  GLY GLY A . n 
A 1 21 ILE 21 30  30  ILE ILE A . n 
A 1 22 CYS 22 31  31  CYS CYS A . n 
A 1 23 ILE 23 32  32  ILE ILE A . n 
A 1 24 VAL 24 33  33  VAL VAL A . n 
A 1 25 ARG 25 34  34  ARG ARG A . n 
A 1 26 GLY 26 35  35  GLY GLY A . n 
A 1 27 GLU 27 36  36  GLU GLU A . n 
A 1 28 VAL 28 37  37  VAL VAL A . n 
A 1 29 LYS 29 38  38  LYS LYS A . n 
A 1 30 ASP 30 39  39  ASP ASP A . n 
A 1 31 SER 31 40  40  SER SER A . n 
A 1 32 PRO 32 41  41  PRO PRO A . n 
A 1 33 ASN 33 42  42  ASN ASN A . n 
A 1 34 THR 34 43  43  THR THR A . n 
A 1 35 LYS 35 44  44  LYS LYS A . n 
A 1 36 THR 36 45  45  THR THR A . n 
A 1 37 THR 37 46  46  THR THR A . n 
A 1 38 GLY 38 47  47  GLY GLY A . n 
A 1 39 ILE 39 48  48  ILE ILE A . n 
A 1 40 PHE 40 49  49  PHE PHE A . n 
A 1 41 ILE 41 50  50  ILE ILE A . n 
A 1 42 LYS 42 51  51  LYS LYS A . n 
A 1 43 GLY 43 52  52  GLY GLY A . n 
A 1 44 ILE 44 53  53  ILE ILE A . n 
A 1 45 VAL 45 54  54  VAL VAL A . n 
A 1 46 PRO 46 55  55  PRO PRO A . n 
A 1 47 ASP 47 56  56  ASP ASP A . n 
A 1 48 SER 48 57  57  SER SER A . n 
A 1 49 PRO 49 58  58  PRO PRO A . n 
A 1 50 ALA 50 59  59  ALA ALA A . n 
A 1 51 HIS 51 60  60  HIS HIS A . n 
A 1 52 LEU 52 61  61  LEU LEU A . n 
A 1 53 CYS 53 62  62  CYS CYS A . n 
A 1 54 GLY 54 63  63  GLY GLY A . n 
A 1 55 ARG 55 64  64  ARG ARG A . n 
A 1 56 LEU 56 65  65  LEU LEU A . n 
A 1 57 LYS 57 66  66  LYS LYS A . n 
A 1 58 VAL 58 67  67  VAL VAL A . n 
A 1 59 GLY 59 68  68  GLY GLY A . n 
A 1 60 ASP 60 69  69  ASP ASP A . n 
A 1 61 ARG 61 70  70  ARG ARG A . n 
A 1 62 ILE 62 71  71  ILE ILE A . n 
A 1 63 LEU 63 72  72  LEU LEU A . n 
A 1 64 SER 64 73  73  SER SER A . n 
A 1 65 LEU 65 74  74  LEU LEU A . n 
A 1 66 ASN 66 75  75  ASN ASN A . n 
A 1 67 GLY 67 76  76  GLY GLY A . n 
A 1 68 LYS 68 77  77  LYS LYS A . n 
A 1 69 ASP 69 78  78  ASP ASP A . n 
A 1 70 VAL 70 79  79  VAL VAL A . n 
A 1 71 ARG 71 80  80  ARG ARG A . n 
A 1 72 ASN 72 81  81  ASN ASN A . n 
A 1 73 SER 73 82  82  SER SER A . n 
A 1 74 THR 74 83  83  THR THR A . n 
A 1 75 GLU 75 84  84  GLU GLU A . n 
A 1 76 GLN 76 85  85  GLN GLN A . n 
A 1 77 ALA 77 86  86  ALA ALA A . n 
A 1 78 VAL 78 87  87  VAL VAL A . n 
A 1 79 ILE 79 88  88  ILE ILE A . n 
A 1 80 ASP 80 89  89  ASP ASP A . n 
A 1 81 LEU 81 90  90  LEU LEU A . n 
A 1 82 ILE 82 91  91  ILE ILE A . n 
A 1 83 LYS 83 92  92  LYS LYS A . n 
A 1 84 GLU 84 93  93  GLU GLU A . n 
A 1 85 ALA 85 94  94  ALA ALA A . n 
A 1 86 ASP 86 95  95  ASP ALA A . n 
A 1 87 PHE 87 96  96  PHE PHE A . n 
A 1 88 LYS 88 97  97  LYS LYS A . n 
A 1 89 ILE 89 98  98  ILE ILE A . n 
A 1 90 GLU 90 99  99  GLU GLU A . n 
A 1 91 LEU 91 100 100 LEU LEU A . n 
A 1 92 GLU 92 101 101 GLU GLU A . n 
A 1 93 ILE 93 102 102 ILE ILE A . n 
A 1 94 GLN 94 103 103 GLN GLN A . n 
A 1 95 THR 95 104 104 THR THR A . n 
A 1 96 PHE 96 105 105 PHE ALA A . n 
A 1 97 ASP 97 106 ?   ?   ?   A . n 
A 1 98 LYS 98 107 ?   ?   ?   A . n 
B 1 1  MET 1  10  ?   ?   ?   B . n 
B 1 2  ALA 2  11  ?   ?   ?   B . n 
B 1 3  GLY 3  12  12  GLY GLY B . n 
B 1 4  GLU 4  13  13  GLU GLU B . n 
B 1 5  LEU 5  14  14  LEU LEU B . n 
B 1 6  ILE 6  15  15  ILE ILE B . n 
B 1 7  HIS 7  16  16  HIS HIS B . n 
B 1 8  MET 8  17  17  MET MET B . n 
B 1 9  VAL 9  18  18  VAL VAL B . n 
B 1 10 THR 10 19  19  THR THR B . n 
B 1 11 LEU 11 20  20  LEU LEU B . n 
B 1 12 ASP 12 21  21  ASP ASP B . n 
B 1 13 LYS 13 22  22  LYS LYS B . n 
B 1 14 THR 14 23  23  THR THR B . n 
B 1 15 GLY 15 24  24  GLY GLY B . n 
B 1 16 LYS 16 25  25  LYS LYS B . n 
B 1 17 LYS 17 26  26  LYS LYS B . n 
B 1 18 SER 18 27  27  SER SER B . n 
B 1 19 PHE 19 28  28  PHE PHE B . n 
B 1 20 GLY 20 29  29  GLY GLY B . n 
B 1 21 ILE 21 30  30  ILE ILE B . n 
B 1 22 CYS 22 31  31  CYS CYS B . n 
B 1 23 ILE 23 32  32  ILE ILE B . n 
B 1 24 VAL 24 33  33  VAL VAL B . n 
B 1 25 ARG 25 34  34  ARG ARG B . n 
B 1 26 GLY 26 35  35  GLY GLY B . n 
B 1 27 GLU 27 36  36  GLU GLU B . n 
B 1 28 VAL 28 37  37  VAL ALA B . n 
B 1 29 LYS 29 38  38  LYS LYS B . n 
B 1 30 ASP 30 39  39  ASP ASP B . n 
B 1 31 SER 31 40  40  SER SER B . n 
B 1 32 PRO 32 41  41  PRO PRO B . n 
B 1 33 ASN 33 42  42  ASN ASN B . n 
B 1 34 THR 34 43  43  THR THR B . n 
B 1 35 LYS 35 44  44  LYS LYS B . n 
B 1 36 THR 36 45  45  THR THR B . n 
B 1 37 THR 37 46  46  THR THR B . n 
B 1 38 GLY 38 47  47  GLY GLY B . n 
B 1 39 ILE 39 48  48  ILE ILE B . n 
B 1 40 PHE 40 49  49  PHE PHE B . n 
B 1 41 ILE 41 50  50  ILE ILE B . n 
B 1 42 LYS 42 51  51  LYS LYS B . n 
B 1 43 GLY 43 52  52  GLY GLY B . n 
B 1 44 ILE 44 53  53  ILE ILE B . n 
B 1 45 VAL 45 54  54  VAL VAL B . n 
B 1 46 PRO 46 55  55  PRO PRO B . n 
B 1 47 ASP 47 56  56  ASP ASP B . n 
B 1 48 SER 48 57  57  SER SER B . n 
B 1 49 PRO 49 58  58  PRO PRO B . n 
B 1 50 ALA 50 59  59  ALA ALA B . n 
B 1 51 HIS 51 60  60  HIS HIS B . n 
B 1 52 LEU 52 61  61  LEU LEU B . n 
B 1 53 CYS 53 62  62  CYS CYS B . n 
B 1 54 GLY 54 63  63  GLY GLY B . n 
B 1 55 ARG 55 64  64  ARG ARG B . n 
B 1 56 LEU 56 65  65  LEU LEU B . n 
B 1 57 LYS 57 66  66  LYS LYS B . n 
B 1 58 VAL 58 67  67  VAL VAL B . n 
B 1 59 GLY 59 68  68  GLY GLY B . n 
B 1 60 ASP 60 69  69  ASP ASP B . n 
B 1 61 ARG 61 70  70  ARG ARG B . n 
B 1 62 ILE 62 71  71  ILE ILE B . n 
B 1 63 LEU 63 72  72  LEU LEU B . n 
B 1 64 SER 64 73  73  SER SER B . n 
B 1 65 LEU 65 74  74  LEU LEU B . n 
B 1 66 ASN 66 75  75  ASN ASN B . n 
B 1 67 GLY 67 76  76  GLY GLY B . n 
B 1 68 LYS 68 77  77  LYS LYS B . n 
B 1 69 ASP 69 78  78  ASP ASP B . n 
B 1 70 VAL 70 79  79  VAL VAL B . n 
B 1 71 ARG 71 80  80  ARG ARG B . n 
B 1 72 ASN 72 81  81  ASN ASN B . n 
B 1 73 SER 73 82  82  SER SER B . n 
B 1 74 THR 74 83  83  THR THR B . n 
B 1 75 GLU 75 84  84  GLU GLU B . n 
B 1 76 GLN 76 85  85  GLN GLN B . n 
B 1 77 ALA 77 86  86  ALA ALA B . n 
B 1 78 VAL 78 87  87  VAL VAL B . n 
B 1 79 ILE 79 88  88  ILE ILE B . n 
B 1 80 ASP 80 89  89  ASP ASP B . n 
B 1 81 LEU 81 90  90  LEU LEU B . n 
B 1 82 ILE 82 91  91  ILE ILE B . n 
B 1 83 LYS 83 92  92  LYS LYS B . n 
B 1 84 GLU 84 93  93  GLU GLU B . n 
B 1 85 ALA 85 94  94  ALA ALA B . n 
B 1 86 ASP 86 95  95  ASP ASP B . n 
B 1 87 PHE 87 96  96  PHE PHE B . n 
B 1 88 LYS 88 97  97  LYS LYS B . n 
B 1 89 ILE 89 98  98  ILE ILE B . n 
B 1 90 GLU 90 99  99  GLU GLU B . n 
B 1 91 LEU 91 100 100 LEU LEU B . n 
B 1 92 GLU 92 101 101 GLU GLU B . n 
B 1 93 ILE 93 102 102 ILE ILE B . n 
B 1 94 GLN 94 103 103 GLN GLN B . n 
B 1 95 THR 95 104 104 THR THR B . n 
B 1 96 PHE 96 105 105 PHE ALA B . n 
B 1 97 ASP 97 106 106 ASP ASP B . n 
B 1 98 LYS 98 107 ?   ?   ?   B . n 
C 2 1  GLY 1  1   ?   ?   ?   C . n 
C 2 2  LYS 2  2   ?   ?   ?   C . n 
C 2 3  THR 3  3   3   THR THR C . n 
C 2 4  GLU 4  4   4   GLU GLU C . n 
C 2 5  PHE 5  5   5   PHE PHE C . n 
C 2 6  CYS 6  6   6   CYS CYS C . n 
C 2 7  ALA 7  7   7   ALA ALA C . n 
D 2 1  GLY 1  1   ?   ?   ?   D . n 
D 2 2  LYS 2  2   ?   ?   ?   D . n 
D 2 3  THR 3  3   3   THR THR D . n 
D 2 4  GLU 4  4   4   GLU GLU D . n 
D 2 5  PHE 5  5   5   PHE PHE D . n 
D 2 6  CYS 6  6   6   CYS CYS D . n 
D 2 7  ALA 7  7   7   ALA ALA D . n 
# 
loop_
_pdbx_nonpoly_scheme.asym_id 
_pdbx_nonpoly_scheme.entity_id 
_pdbx_nonpoly_scheme.mon_id 
_pdbx_nonpoly_scheme.ndb_seq_num 
_pdbx_nonpoly_scheme.pdb_seq_num 
_pdbx_nonpoly_scheme.auth_seq_num 
_pdbx_nonpoly_scheme.pdb_mon_id 
_pdbx_nonpoly_scheme.auth_mon_id 
_pdbx_nonpoly_scheme.pdb_strand_id 
_pdbx_nonpoly_scheme.pdb_ins_code 
E 3 HOH 1  1003 1003 HOH WAT A . 
E 3 HOH 2  1005 1005 HOH WAT A . 
E 3 HOH 3  1009 1009 HOH WAT A . 
E 3 HOH 4  1010 1010 HOH WAT A . 
E 3 HOH 5  1011 1011 HOH WAT A . 
E 3 HOH 6  1013 1013 HOH WAT A . 
E 3 HOH 7  1014 1014 HOH WAT A . 
E 3 HOH 8  1016 1016 HOH WAT A . 
E 3 HOH 9  1018 1018 HOH WAT A . 
E 3 HOH 10 1023 1023 HOH WAT A . 
E 3 HOH 11 1024 1024 HOH WAT A . 
E 3 HOH 12 1025 1025 HOH WAT A . 
E 3 HOH 13 1027 1027 HOH WAT A . 
E 3 HOH 14 1031 1031 HOH WAT A . 
E 3 HOH 15 1034 1034 HOH WAT A . 
E 3 HOH 16 1035 1035 HOH WAT A . 
E 3 HOH 17 1040 1040 HOH WAT A . 
E 3 HOH 18 1041 1041 HOH WAT A . 
E 3 HOH 19 1043 1043 HOH WAT A . 
E 3 HOH 20 1045 1045 HOH WAT A . 
E 3 HOH 21 1046 1046 HOH WAT A . 
E 3 HOH 22 1048 1048 HOH WAT A . 
E 3 HOH 23 1050 1050 HOH WAT A . 
E 3 HOH 24 1051 1051 HOH WAT A . 
E 3 HOH 25 1054 1054 HOH WAT A . 
E 3 HOH 26 1056 1056 HOH WAT A . 
E 3 HOH 27 1060 1060 HOH WAT A . 
E 3 HOH 28 1061 1061 HOH WAT A . 
E 3 HOH 29 1065 1065 HOH WAT A . 
E 3 HOH 30 1066 1066 HOH WAT A . 
E 3 HOH 31 1067 1067 HOH WAT A . 
E 3 HOH 32 1069 1069 HOH WAT A . 
E 3 HOH 33 1070 1070 HOH WAT A . 
E 3 HOH 34 1071 1071 HOH WAT A . 
E 3 HOH 35 1074 1074 HOH WAT A . 
E 3 HOH 36 1090 1090 HOH WAT A . 
E 3 HOH 37 1091 1091 HOH WAT A . 
E 3 HOH 38 1092 1092 HOH WAT A . 
E 3 HOH 39 1093 1093 HOH WAT A . 
E 3 HOH 40 1094 1094 HOH WAT A . 
E 3 HOH 41 1097 1097 HOH WAT A . 
E 3 HOH 42 1100 1100 HOH WAT A . 
E 3 HOH 43 1102 1102 HOH WAT A . 
E 3 HOH 44 1104 1104 HOH WAT A . 
E 3 HOH 45 1105 1105 HOH WAT A . 
E 3 HOH 46 1107 1107 HOH WAT A . 
E 3 HOH 47 1109 1109 HOH WAT A . 
E 3 HOH 48 1115 1115 HOH WAT A . 
E 3 HOH 49 1117 1117 HOH WAT A . 
E 3 HOH 50 1118 1118 HOH WAT A . 
E 3 HOH 51 1119 1119 HOH WAT A . 
E 3 HOH 52 1120 1120 HOH WAT A . 
E 3 HOH 53 1121 1121 HOH WAT A . 
E 3 HOH 54 1122 1122 HOH WAT A . 
E 3 HOH 55 1123 1123 HOH WAT A . 
E 3 HOH 56 1124 1124 HOH WAT A . 
E 3 HOH 57 1125 1125 HOH WAT A . 
E 3 HOH 58 1126 1126 HOH WAT A . 
E 3 HOH 59 1127 1127 HOH WAT A . 
E 3 HOH 60 1128 1128 HOH WAT A . 
E 3 HOH 61 1129 1129 HOH WAT A . 
E 3 HOH 62 1137 1137 HOH WAT A . 
E 3 HOH 63 1138 1138 HOH WAT A . 
E 3 HOH 64 1139 1139 HOH WAT A . 
E 3 HOH 65 1140 1140 HOH WAT A . 
E 3 HOH 66 1141 1141 HOH WAT A . 
E 3 HOH 67 1142 1142 HOH WAT A . 
E 3 HOH 68 1143 1143 HOH WAT A . 
E 3 HOH 69 1146 1146 HOH WAT A . 
E 3 HOH 70 1147 1147 HOH WAT A . 
E 3 HOH 71 1148 1148 HOH WAT A . 
E 3 HOH 72 1165 1165 HOH WAT A . 
E 3 HOH 73 1166 1166 HOH WAT A . 
E 3 HOH 74 1167 1167 HOH WAT A . 
E 3 HOH 75 1168 1168 HOH WAT A . 
E 3 HOH 76 1169 1169 HOH WAT A . 
E 3 HOH 77 1170 1170 HOH WAT A . 
E 3 HOH 78 1171 1171 HOH WAT A . 
E 3 HOH 79 1172 1172 HOH WAT A . 
F 3 HOH 1  1001 1001 HOH WAT B . 
F 3 HOH 2  1002 1002 HOH WAT B . 
F 3 HOH 3  1004 1004 HOH WAT B . 
F 3 HOH 4  1006 1006 HOH WAT B . 
F 3 HOH 5  1007 1007 HOH WAT B . 
F 3 HOH 6  1008 1008 HOH WAT B . 
F 3 HOH 7  1012 1012 HOH WAT B . 
F 3 HOH 8  1015 1015 HOH WAT B . 
F 3 HOH 9  1017 1017 HOH WAT B . 
F 3 HOH 10 1019 1019 HOH WAT B . 
F 3 HOH 11 1020 1020 HOH WAT B . 
F 3 HOH 12 1022 1022 HOH WAT B . 
F 3 HOH 13 1026 1026 HOH WAT B . 
F 3 HOH 14 1028 1028 HOH WAT B . 
F 3 HOH 15 1030 1030 HOH WAT B . 
F 3 HOH 16 1032 1032 HOH WAT B . 
F 3 HOH 17 1033 1033 HOH WAT B . 
F 3 HOH 18 1036 1036 HOH WAT B . 
F 3 HOH 19 1038 1038 HOH WAT B . 
F 3 HOH 20 1039 1039 HOH WAT B . 
F 3 HOH 21 1042 1042 HOH WAT B . 
F 3 HOH 22 1044 1044 HOH WAT B . 
F 3 HOH 23 1047 1047 HOH WAT B . 
F 3 HOH 24 1049 1049 HOH WAT B . 
F 3 HOH 25 1052 1052 HOH WAT B . 
F 3 HOH 26 1053 1053 HOH WAT B . 
F 3 HOH 27 1057 1057 HOH WAT B . 
F 3 HOH 28 1059 1059 HOH WAT B . 
F 3 HOH 29 1062 1062 HOH WAT B . 
F 3 HOH 30 1063 1063 HOH WAT B . 
F 3 HOH 31 1068 1068 HOH WAT B . 
F 3 HOH 32 1072 1072 HOH WAT B . 
F 3 HOH 33 1073 1073 HOH WAT B . 
F 3 HOH 34 1075 1075 HOH WAT B . 
F 3 HOH 35 1076 1076 HOH WAT B . 
F 3 HOH 36 1077 1077 HOH WAT B . 
F 3 HOH 37 1078 1078 HOH WAT B . 
F 3 HOH 38 1079 1079 HOH WAT B . 
F 3 HOH 39 1080 1080 HOH WAT B . 
F 3 HOH 40 1081 1081 HOH WAT B . 
F 3 HOH 41 1082 1082 HOH WAT B . 
F 3 HOH 42 1083 1083 HOH WAT B . 
F 3 HOH 43 1084 1084 HOH WAT B . 
F 3 HOH 44 1085 1085 HOH WAT B . 
F 3 HOH 45 1086 1086 HOH WAT B . 
F 3 HOH 46 1087 1087 HOH WAT B . 
F 3 HOH 47 1088 1088 HOH WAT B . 
F 3 HOH 48 1089 1089 HOH WAT B . 
F 3 HOH 49 1095 1095 HOH WAT B . 
F 3 HOH 50 1096 1096 HOH WAT B . 
F 3 HOH 51 1098 1098 HOH WAT B . 
F 3 HOH 52 1099 1099 HOH WAT B . 
F 3 HOH 53 1101 1101 HOH WAT B . 
F 3 HOH 54 1106 1106 HOH WAT B . 
F 3 HOH 55 1108 1108 HOH WAT B . 
F 3 HOH 56 1110 1110 HOH WAT B . 
F 3 HOH 57 1111 1111 HOH WAT B . 
F 3 HOH 58 1112 1112 HOH WAT B . 
F 3 HOH 59 1113 1113 HOH WAT B . 
F 3 HOH 60 1116 1116 HOH WAT B . 
F 3 HOH 61 1130 1130 HOH WAT B . 
F 3 HOH 62 1131 1131 HOH WAT B . 
F 3 HOH 63 1132 1132 HOH WAT B . 
F 3 HOH 64 1133 1133 HOH WAT B . 
F 3 HOH 65 1134 1134 HOH WAT B . 
F 3 HOH 66 1135 1135 HOH WAT B . 
F 3 HOH 67 1136 1136 HOH WAT B . 
F 3 HOH 68 1149 1149 HOH WAT B . 
F 3 HOH 69 1150 1150 HOH WAT B . 
F 3 HOH 70 1151 1151 HOH WAT B . 
F 3 HOH 71 1152 1152 HOH WAT B . 
F 3 HOH 72 1153 1153 HOH WAT B . 
F 3 HOH 73 1154 1154 HOH WAT B . 
F 3 HOH 74 1155 1155 HOH WAT B . 
F 3 HOH 75 1156 1156 HOH WAT B . 
F 3 HOH 76 1157 1157 HOH WAT B . 
F 3 HOH 77 1158 1158 HOH WAT B . 
F 3 HOH 78 1159 1159 HOH WAT B . 
F 3 HOH 79 1160 1160 HOH WAT B . 
F 3 HOH 80 1161 1161 HOH WAT B . 
F 3 HOH 81 1162 1162 HOH WAT B . 
F 3 HOH 82 1163 1163 HOH WAT B . 
F 3 HOH 83 1164 1164 HOH WAT B . 
G 3 HOH 1  1029 1029 HOH WAT C . 
G 3 HOH 2  1055 1055 HOH WAT C . 
G 3 HOH 3  1058 1058 HOH WAT C . 
H 3 HOH 1  1021 1021 HOH WAT D . 
H 3 HOH 2  1037 1037 HOH WAT D . 
H 3 HOH 3  1064 1064 HOH WAT D . 
H 3 HOH 4  1103 1103 HOH WAT D . 
H 3 HOH 5  1114 1114 HOH WAT D . 
H 3 HOH 6  1144 1144 HOH WAT D . 
H 3 HOH 7  1145 1145 HOH WAT D . 
# 
loop_
_pdbx_unobs_or_zero_occ_atoms.id 
_pdbx_unobs_or_zero_occ_atoms.PDB_model_num 
_pdbx_unobs_or_zero_occ_atoms.polymer_flag 
_pdbx_unobs_or_zero_occ_atoms.occupancy_flag 
_pdbx_unobs_or_zero_occ_atoms.auth_asym_id 
_pdbx_unobs_or_zero_occ_atoms.auth_comp_id 
_pdbx_unobs_or_zero_occ_atoms.auth_seq_id 
_pdbx_unobs_or_zero_occ_atoms.PDB_ins_code 
_pdbx_unobs_or_zero_occ_atoms.auth_atom_id 
_pdbx_unobs_or_zero_occ_atoms.label_alt_id 
_pdbx_unobs_or_zero_occ_atoms.label_asym_id 
_pdbx_unobs_or_zero_occ_atoms.label_comp_id 
_pdbx_unobs_or_zero_occ_atoms.label_seq_id 
_pdbx_unobs_or_zero_occ_atoms.label_atom_id 
1  1 Y 1 A ASP 95  ? CG  ? A ASP 86 CG  
2  1 Y 1 A ASP 95  ? OD1 ? A ASP 86 OD1 
3  1 Y 1 A ASP 95  ? OD2 ? A ASP 86 OD2 
4  1 Y 1 A PHE 105 ? CG  ? A PHE 96 CG  
5  1 Y 1 A PHE 105 ? CD1 ? A PHE 96 CD1 
6  1 Y 1 A PHE 105 ? CD2 ? A PHE 96 CD2 
7  1 Y 1 A PHE 105 ? CE1 ? A PHE 96 CE1 
8  1 Y 1 A PHE 105 ? CE2 ? A PHE 96 CE2 
9  1 Y 1 A PHE 105 ? CZ  ? A PHE 96 CZ  
10 1 Y 1 B VAL 37  ? CG1 ? B VAL 28 CG1 
11 1 Y 1 B VAL 37  ? CG2 ? B VAL 28 CG2 
12 1 Y 1 B PHE 105 ? CG  ? B PHE 96 CG  
13 1 Y 1 B PHE 105 ? CD1 ? B PHE 96 CD1 
14 1 Y 1 B PHE 105 ? CD2 ? B PHE 96 CD2 
15 1 Y 1 B PHE 105 ? CE1 ? B PHE 96 CE1 
16 1 Y 1 B PHE 105 ? CE2 ? B PHE 96 CE2 
17 1 Y 1 B PHE 105 ? CZ  ? B PHE 96 CZ  
# 
loop_
_software.name 
_software.classification 
_software.version 
_software.citation_id 
_software.pdbx_ordinal 
DENZO     'data reduction' . ? 1 
SCALEPACK 'data scaling'   . ? 2 
AMoRE     phasing          . ? 3 
CNS       refinement       . ? 4 
# 
_cell.entry_id           1IHJ 
_cell.length_a           42.170 
_cell.length_b           44.150 
_cell.length_c           44.460 
_cell.angle_alpha        106.55 
_cell.angle_beta         100.61 
_cell.angle_gamma        118.25 
_cell.Z_PDB              2 
_cell.pdbx_unique_axis   ? 
# 
_symmetry.entry_id                         1IHJ 
_symmetry.space_group_name_H-M             'P 1' 
_symmetry.pdbx_full_space_group_name_H-M   ? 
_symmetry.cell_setting                     ? 
_symmetry.Int_Tables_number                1 
# 
_exptl.entry_id          1IHJ 
_exptl.method            'X-RAY DIFFRACTION' 
_exptl.crystals_number   1 
# 
_exptl_crystal.id                    1 
_exptl_crystal.density_meas          ? 
_exptl_crystal.density_Matthews      2.81 
_exptl_crystal.density_percent_sol   56.17 
_exptl_crystal.description           ? 
# 
_exptl_crystal_grow.crystal_id      1 
_exptl_crystal_grow.method          'VAPOR DIFFUSION, SITTING DROP' 
_exptl_crystal_grow.temp            300 
_exptl_crystal_grow.temp_details    ? 
_exptl_crystal_grow.pH              8.5 
_exptl_crystal_grow.pdbx_details    
'PEG 4000, lithium sulfate, glycerol, dithiothreitol, pH 8.5, VAPOR DIFFUSION, SITTING DROP, temperature 300K' 
_exptl_crystal_grow.pdbx_pH_range   ? 
# 
_diffrn.id                     1 
_diffrn.ambient_temp           100 
_diffrn.ambient_temp_details   ? 
_diffrn.crystal_id             1 
# 
_diffrn_detector.diffrn_id              1 
_diffrn_detector.detector               CCD 
_diffrn_detector.type                   'ADSC QUANTUM 4' 
_diffrn_detector.pdbx_collection_date   2000-08-19 
_diffrn_detector.details                mirrors 
# 
_diffrn_radiation.diffrn_id                        1 
_diffrn_radiation.wavelength_id                    1 
_diffrn_radiation.pdbx_monochromatic_or_laue_m_l   M 
_diffrn_radiation.monochromator                    ? 
_diffrn_radiation.pdbx_diffrn_protocol             'SINGLE WAVELENGTH' 
_diffrn_radiation.pdbx_scattering_type             x-ray 
# 
_diffrn_radiation_wavelength.id           1 
_diffrn_radiation_wavelength.wavelength   1.0072 
_diffrn_radiation_wavelength.wt           1.0 
# 
_diffrn_source.diffrn_id                   1 
_diffrn_source.source                      SYNCHROTRON 
_diffrn_source.type                        'NSLS BEAMLINE X4A' 
_diffrn_source.pdbx_synchrotron_site       NSLS 
_diffrn_source.pdbx_synchrotron_beamline   X4A 
_diffrn_source.pdbx_wavelength             ? 
_diffrn_source.pdbx_wavelength_list        1.0072 
# 
_reflns.entry_id                     1IHJ 
_reflns.observed_criterion_sigma_I   1.5 
_reflns.observed_criterion_sigma_F   1.5 
_reflns.d_resolution_low             20 
_reflns.d_resolution_high            1.76 
_reflns.number_obs                   25906 
_reflns.number_all                   27241 
_reflns.percent_possible_obs         95.1 
_reflns.pdbx_Rmerge_I_obs            0.059 
_reflns.pdbx_Rsym_value              ? 
_reflns.pdbx_netI_over_sigmaI        17.5 
_reflns.B_iso_Wilson_estimate        14.7 
_reflns.pdbx_redundancy              3.6 
_reflns.R_free_details               ? 
_reflns.limit_h_max                  ? 
_reflns.limit_h_min                  ? 
_reflns.limit_k_max                  ? 
_reflns.limit_k_min                  ? 
_reflns.limit_l_max                  ? 
_reflns.limit_l_min                  ? 
_reflns.observed_criterion_F_max     ? 
_reflns.observed_criterion_F_min     ? 
_reflns.pdbx_diffrn_id               1 
_reflns.pdbx_ordinal                 1 
# 
_reflns_shell.d_res_high             1.76 
_reflns_shell.d_res_low              1.83 
_reflns_shell.percent_possible_all   86.7 
_reflns_shell.Rmerge_I_obs           0.156 
_reflns_shell.pdbx_Rsym_value        ? 
_reflns_shell.meanI_over_sigI_obs    ? 
_reflns_shell.pdbx_redundancy        2.9 
_reflns_shell.percent_possible_obs   ? 
_reflns_shell.number_unique_all      ? 
_reflns_shell.pdbx_diffrn_id         ? 
_reflns_shell.pdbx_ordinal           1 
# 
_refine.entry_id                                 1IHJ 
_refine.ls_number_reflns_obs                     25691 
_refine.ls_number_reflns_all                     25906 
_refine.pdbx_ls_sigma_I                          2.0 
_refine.pdbx_ls_sigma_F                          2.0 
_refine.pdbx_data_cutoff_high_absF               ? 
_refine.pdbx_data_cutoff_low_absF                ? 
_refine.ls_d_res_low                             20 
_refine.ls_d_res_high                            1.8 
_refine.ls_percent_reflns_obs                    ? 
_refine.ls_R_factor_obs                          0.2198 
_refine.ls_R_factor_all                          0.2198 
_refine.ls_R_factor_R_work                       0.2198 
_refine.ls_R_factor_R_free                       0.2398 
_refine.ls_R_factor_R_free_error                 ? 
_refine.ls_R_factor_R_free_error_details         ? 
_refine.ls_percent_reflns_R_free                 ? 
_refine.ls_number_reflns_R_free                  1207 
_refine.ls_number_parameters                     ? 
_refine.ls_number_restraints                     ? 
_refine.occupancy_min                            ? 
_refine.occupancy_max                            ? 
_refine.B_iso_mean                               ? 
_refine.aniso_B[1][1]                            ? 
_refine.aniso_B[2][2]                            ? 
_refine.aniso_B[3][3]                            ? 
_refine.aniso_B[1][2]                            ? 
_refine.aniso_B[1][3]                            ? 
_refine.aniso_B[2][3]                            ? 
_refine.solvent_model_details                    ? 
_refine.solvent_model_param_ksol                 ? 
_refine.solvent_model_param_bsol                 ? 
_refine.pdbx_ls_cross_valid_method               THROUGHOUT 
_refine.details                                  ? 
_refine.pdbx_starting_model                      'PDB Entry 1BE9 minus peptide' 
_refine.pdbx_method_to_determine_struct          'MOLECULAR REPLACEMENT' 
_refine.pdbx_isotropic_thermal_model             ? 
_refine.pdbx_stereochemistry_target_values       'Engh & Huber' 
_refine.pdbx_stereochem_target_val_spec_case     ? 
_refine.pdbx_R_Free_selection_details            Random 
_refine.pdbx_overall_ESU_R_Free                  ? 
_refine.overall_SU_B                             ? 
_refine.ls_redundancy_reflns_obs                 ? 
_refine.B_iso_min                                ? 
_refine.B_iso_max                                ? 
_refine.correlation_coeff_Fo_to_Fc               ? 
_refine.correlation_coeff_Fo_to_Fc_free          ? 
_refine.overall_SU_R_Cruickshank_DPI             ? 
_refine.overall_SU_R_free                        ? 
_refine.overall_SU_ML                            ? 
_refine.pdbx_overall_ESU_R                       ? 
_refine.pdbx_data_cutoff_high_rms_absF           ? 
_refine.pdbx_refine_id                           'X-RAY DIFFRACTION' 
_refine.pdbx_diffrn_id                           1 
_refine.pdbx_TLS_residual_ADP_flag               ? 
_refine.pdbx_solvent_vdw_probe_radii             ? 
_refine.pdbx_solvent_ion_probe_radii             ? 
_refine.pdbx_solvent_shrinkage_radii             ? 
_refine.pdbx_overall_phase_error                 ? 
_refine.pdbx_overall_SU_R_free_Cruickshank_DPI   ? 
_refine.pdbx_overall_SU_R_Blow_DPI               ? 
_refine.pdbx_overall_SU_R_free_Blow_DPI          ? 
# 
_refine_hist.pdbx_refine_id                   'X-RAY DIFFRACTION' 
_refine_hist.cycle_id                         LAST 
_refine_hist.pdbx_number_atoms_protein        1513 
_refine_hist.pdbx_number_atoms_nucleic_acid   0 
_refine_hist.pdbx_number_atoms_ligand         0 
_refine_hist.number_atoms_solvent             172 
_refine_hist.number_atoms_total               1685 
_refine_hist.d_res_high                       1.8 
_refine_hist.d_res_low                        20 
# 
_struct.entry_id                  1IHJ 
_struct.title                     
'Crystal Structure of the N-terminal PDZ domain of InaD in complex with a NorpA C-terminal peptide' 
_struct.pdbx_model_details        ? 
_struct.pdbx_CASP_flag            ? 
_struct.pdbx_model_type_details   ? 
# 
_struct_keywords.entry_id        1IHJ 
_struct_keywords.pdbx_keywords   'SIGNALING PROTEIN' 
_struct_keywords.text            'intermolecular disulfide bond, PDZ domain, signaling protein' 
# 
loop_
_struct_asym.id 
_struct_asym.pdbx_blank_PDB_chainid_flag 
_struct_asym.pdbx_modified 
_struct_asym.entity_id 
_struct_asym.details 
A N N 1 ? 
B N N 1 ? 
C N N 2 ? 
D N N 2 ? 
E N N 3 ? 
F N N 3 ? 
G N N 3 ? 
H N N 3 ? 
# 
loop_
_struct_ref.id 
_struct_ref.db_name 
_struct_ref.db_code 
_struct_ref.entity_id 
_struct_ref.pdbx_seq_one_letter_code 
_struct_ref.pdbx_align_begin 
_struct_ref.pdbx_db_accession 
_struct_ref.pdbx_db_isoform 
1 UNP INAD_DROME 1 
;AGELIHMVTLDKTGKKSFGICIVRGEVKDSPNTKTTGIFIKGIVPDSPAHLCGRLKVGDRILSLNGKDVRNSTEQAVIDL
IKEADFKIELEIQTFDK
;
11   Q24008 ? 
2 GB  A31225     2 GKTEFCA                                                                                              1089 85099 
? 
# 
loop_
_struct_ref_seq.align_id 
_struct_ref_seq.ref_id 
_struct_ref_seq.pdbx_PDB_id_code 
_struct_ref_seq.pdbx_strand_id 
_struct_ref_seq.seq_align_beg 
_struct_ref_seq.pdbx_seq_align_beg_ins_code 
_struct_ref_seq.seq_align_end 
_struct_ref_seq.pdbx_seq_align_end_ins_code 
_struct_ref_seq.pdbx_db_accession 
_struct_ref_seq.db_align_beg 
_struct_ref_seq.pdbx_db_align_beg_ins_code 
_struct_ref_seq.db_align_end 
_struct_ref_seq.pdbx_db_align_end_ins_code 
_struct_ref_seq.pdbx_auth_seq_align_beg 
_struct_ref_seq.pdbx_auth_seq_align_end 
1 1 1IHJ A 2 ? 98 ? Q24008 11   ? 107  ? 11 107 
2 1 1IHJ B 2 ? 98 ? Q24008 11   ? 107  ? 11 107 
3 2 1IHJ C 1 ? 7  ? 85099  1089 ? 1095 ? 1  7   
4 2 1IHJ D 1 ? 7  ? 85099  1089 ? 1095 ? 1  7   
# 
loop_
_struct_ref_seq_dif.align_id 
_struct_ref_seq_dif.pdbx_pdb_id_code 
_struct_ref_seq_dif.mon_id 
_struct_ref_seq_dif.pdbx_pdb_strand_id 
_struct_ref_seq_dif.seq_num 
_struct_ref_seq_dif.pdbx_pdb_ins_code 
_struct_ref_seq_dif.pdbx_seq_db_name 
_struct_ref_seq_dif.pdbx_seq_db_accession_code 
_struct_ref_seq_dif.db_mon_id 
_struct_ref_seq_dif.pdbx_seq_db_seq_num 
_struct_ref_seq_dif.details 
_struct_ref_seq_dif.pdbx_auth_seq_num 
_struct_ref_seq_dif.pdbx_ordinal 
1 1IHJ MET A 1 ? UNP Q24008 ? ? 'initiating methionine' 10 1 
2 1IHJ MET B 1 ? UNP Q24008 ? ? 'initiating methionine' 10 2 
# 
loop_
_pdbx_struct_assembly.id 
_pdbx_struct_assembly.details 
_pdbx_struct_assembly.method_details 
_pdbx_struct_assembly.oligomeric_details 
_pdbx_struct_assembly.oligomeric_count 
1 author_and_software_defined_assembly PISA dimeric 2 
2 author_and_software_defined_assembly PISA dimeric 2 
# 
loop_
_pdbx_struct_assembly_prop.biol_id 
_pdbx_struct_assembly_prop.type 
_pdbx_struct_assembly_prop.value 
_pdbx_struct_assembly_prop.details 
1 'ABSA (A^2)' 660  ? 
1 MORE         -5   ? 
1 'SSA (A^2)'  5820 ? 
2 'ABSA (A^2)' 610  ? 
2 MORE         -6   ? 
2 'SSA (A^2)'  5870 ? 
# 
loop_
_pdbx_struct_assembly_gen.assembly_id 
_pdbx_struct_assembly_gen.oper_expression 
_pdbx_struct_assembly_gen.asym_id_list 
1 1 A,D,E,H 
2 1 B,C,F,G 
# 
_pdbx_struct_oper_list.id                   1 
_pdbx_struct_oper_list.type                 'identity operation' 
_pdbx_struct_oper_list.name                 1_555 
_pdbx_struct_oper_list.symmetry_operation   x,y,z 
_pdbx_struct_oper_list.matrix[1][1]         1.0000000000 
_pdbx_struct_oper_list.matrix[1][2]         0.0000000000 
_pdbx_struct_oper_list.matrix[1][3]         0.0000000000 
_pdbx_struct_oper_list.vector[1]            0.0000000000 
_pdbx_struct_oper_list.matrix[2][1]         0.0000000000 
_pdbx_struct_oper_list.matrix[2][2]         1.0000000000 
_pdbx_struct_oper_list.matrix[2][3]         0.0000000000 
_pdbx_struct_oper_list.vector[2]            0.0000000000 
_pdbx_struct_oper_list.matrix[3][1]         0.0000000000 
_pdbx_struct_oper_list.matrix[3][2]         0.0000000000 
_pdbx_struct_oper_list.matrix[3][3]         1.0000000000 
_pdbx_struct_oper_list.vector[3]            0.0000000000 
# 
loop_
_struct_biol.id 
_struct_biol.pdbx_parent_biol_id 
_struct_biol.details 
1 ? ? 
2 ? ? 
# 
loop_
_struct_conf.conf_type_id 
_struct_conf.id 
_struct_conf.pdbx_PDB_helix_id 
_struct_conf.beg_label_comp_id 
_struct_conf.beg_label_asym_id 
_struct_conf.beg_label_seq_id 
_struct_conf.pdbx_beg_PDB_ins_code 
_struct_conf.end_label_comp_id 
_struct_conf.end_label_asym_id 
_struct_conf.end_label_seq_id 
_struct_conf.pdbx_end_PDB_ins_code 
_struct_conf.beg_auth_comp_id 
_struct_conf.beg_auth_asym_id 
_struct_conf.beg_auth_seq_id 
_struct_conf.end_auth_comp_id 
_struct_conf.end_auth_asym_id 
_struct_conf.end_auth_seq_id 
_struct_conf.pdbx_PDB_helix_class 
_struct_conf.details 
_struct_conf.pdbx_PDB_helix_length 
HELX_P HELX_P1 1 SER A 48 ? GLY A 54 ? SER A 57 GLY A 63 1 ? 7  
HELX_P HELX_P2 2 THR A 74 ? ALA A 85 ? THR A 83 ALA A 94 1 ? 12 
HELX_P HELX_P3 3 SER B 48 ? GLY B 54 ? SER B 57 GLY B 63 1 ? 7  
HELX_P HELX_P4 4 THR B 74 ? ALA B 85 ? THR B 83 ALA B 94 1 ? 12 
# 
_struct_conf_type.id          HELX_P 
_struct_conf_type.criteria    ? 
_struct_conf_type.reference   ? 
# 
loop_
_struct_conn.id 
_struct_conn.conn_type_id 
_struct_conn.pdbx_leaving_atom_flag 
_struct_conn.pdbx_PDB_id 
_struct_conn.ptnr1_label_asym_id 
_struct_conn.ptnr1_label_comp_id 
_struct_conn.ptnr1_label_seq_id 
_struct_conn.ptnr1_label_atom_id 
_struct_conn.pdbx_ptnr1_label_alt_id 
_struct_conn.pdbx_ptnr1_PDB_ins_code 
_struct_conn.pdbx_ptnr1_standard_comp_id 
_struct_conn.ptnr1_symmetry 
_struct_conn.ptnr2_label_asym_id 
_struct_conn.ptnr2_label_comp_id 
_struct_conn.ptnr2_label_seq_id 
_struct_conn.ptnr2_label_atom_id 
_struct_conn.pdbx_ptnr2_label_alt_id 
_struct_conn.pdbx_ptnr2_PDB_ins_code 
_struct_conn.ptnr1_auth_asym_id 
_struct_conn.ptnr1_auth_comp_id 
_struct_conn.ptnr1_auth_seq_id 
_struct_conn.ptnr2_auth_asym_id 
_struct_conn.ptnr2_auth_comp_id 
_struct_conn.ptnr2_auth_seq_id 
_struct_conn.ptnr2_symmetry 
_struct_conn.pdbx_ptnr3_label_atom_id 
_struct_conn.pdbx_ptnr3_label_seq_id 
_struct_conn.pdbx_ptnr3_label_comp_id 
_struct_conn.pdbx_ptnr3_label_asym_id 
_struct_conn.pdbx_ptnr3_label_alt_id 
_struct_conn.pdbx_ptnr3_PDB_ins_code 
_struct_conn.details 
_struct_conn.pdbx_dist_value 
_struct_conn.pdbx_value_order 
_struct_conn.pdbx_role 
disulf1 disulf ? ? A CYS 22 SG ? ? ? 1_555 D CYS 6 SG ? ? A CYS 31 D CYS 6 1_555 ? ? ? ? ? ? ? 2.041 ? ? 
disulf2 disulf ? ? B CYS 22 SG ? ? ? 1_555 C CYS 6 SG ? ? B CYS 31 C CYS 6 1_555 ? ? ? ? ? ? ? 2.037 ? ? 
# 
_struct_conn_type.id          disulf 
_struct_conn_type.criteria    ? 
_struct_conn_type.reference   ? 
# 
loop_
_pdbx_modification_feature.ordinal 
_pdbx_modification_feature.label_comp_id 
_pdbx_modification_feature.label_asym_id 
_pdbx_modification_feature.label_seq_id 
_pdbx_modification_feature.label_alt_id 
_pdbx_modification_feature.modified_residue_label_comp_id 
_pdbx_modification_feature.modified_residue_label_asym_id 
_pdbx_modification_feature.modified_residue_label_seq_id 
_pdbx_modification_feature.modified_residue_label_alt_id 
_pdbx_modification_feature.auth_comp_id 
_pdbx_modification_feature.auth_asym_id 
_pdbx_modification_feature.auth_seq_id 
_pdbx_modification_feature.PDB_ins_code 
_pdbx_modification_feature.symmetry 
_pdbx_modification_feature.modified_residue_auth_comp_id 
_pdbx_modification_feature.modified_residue_auth_asym_id 
_pdbx_modification_feature.modified_residue_auth_seq_id 
_pdbx_modification_feature.modified_residue_PDB_ins_code 
_pdbx_modification_feature.modified_residue_symmetry 
_pdbx_modification_feature.comp_id_linking_atom 
_pdbx_modification_feature.modified_residue_id_linking_atom 
_pdbx_modification_feature.modified_residue_id 
_pdbx_modification_feature.ref_pcm_id 
_pdbx_modification_feature.ref_comp_id 
_pdbx_modification_feature.type 
_pdbx_modification_feature.category 
1 CYS A 22 ? CYS D 6 ? CYS A 31 ? 1_555 CYS D 6 ? 1_555 SG SG . . . None 'Disulfide bridge' 
2 CYS B 22 ? CYS C 6 ? CYS B 31 ? 1_555 CYS C 6 ? 1_555 SG SG . . . None 'Disulfide bridge' 
# 
loop_
_struct_sheet.id 
_struct_sheet.type 
_struct_sheet.number_strands 
_struct_sheet.details 
A ? 5 ? 
B ? 6 ? 
C ? 4 ? 
D ? 5 ? 
# 
loop_
_struct_sheet_order.sheet_id 
_struct_sheet_order.range_id_1 
_struct_sheet_order.range_id_2 
_struct_sheet_order.offset 
_struct_sheet_order.sense 
A 1 2 ? anti-parallel 
A 2 3 ? anti-parallel 
A 3 4 ? anti-parallel 
A 4 5 ? anti-parallel 
B 1 2 ? anti-parallel 
B 2 3 ? anti-parallel 
B 3 4 ? anti-parallel 
B 4 5 ? anti-parallel 
B 5 6 ? anti-parallel 
C 1 2 ? anti-parallel 
C 2 3 ? anti-parallel 
C 3 4 ? anti-parallel 
D 1 2 ? anti-parallel 
D 2 3 ? anti-parallel 
D 3 4 ? anti-parallel 
D 4 5 ? anti-parallel 
# 
loop_
_struct_sheet_range.sheet_id 
_struct_sheet_range.id 
_struct_sheet_range.beg_label_comp_id 
_struct_sheet_range.beg_label_asym_id 
_struct_sheet_range.beg_label_seq_id 
_struct_sheet_range.pdbx_beg_PDB_ins_code 
_struct_sheet_range.end_label_comp_id 
_struct_sheet_range.end_label_asym_id 
_struct_sheet_range.end_label_seq_id 
_struct_sheet_range.pdbx_end_PDB_ins_code 
_struct_sheet_range.beg_auth_comp_id 
_struct_sheet_range.beg_auth_asym_id 
_struct_sheet_range.beg_auth_seq_id 
_struct_sheet_range.end_auth_comp_id 
_struct_sheet_range.end_auth_asym_id 
_struct_sheet_range.end_auth_seq_id 
A 1 CYS D 6  ? ALA D 7  ? CYS D 6  ALA D 7   
A 2 ILE A 21 ? VAL A 28 ? ILE A 30 VAL A 37  
A 3 THR A 36 ? ILE A 44 ? THR A 45 ILE A 53  
A 4 ARG A 61 ? LEU A 65 ? ARG A 70 LEU A 74  
A 5 LYS A 68 ? ASP A 69 ? LYS A 77 ASP A 78  
B 1 CYS D 6  ? ALA D 7  ? CYS D 6  ALA D 7   
B 2 ILE A 21 ? VAL A 28 ? ILE A 30 VAL A 37  
B 3 THR A 36 ? ILE A 44 ? THR A 45 ILE A 53  
B 4 ARG A 61 ? LEU A 65 ? ARG A 70 LEU A 74  
B 5 LYS A 88 ? THR A 95 ? LYS A 97 THR A 104 
B 6 LEU A 5  ? ASP A 12 ? LEU A 14 ASP A 21  
C 1 ILE B 21 ? SER B 31 ? ILE B 30 SER B 40  
C 2 THR B 34 ? ILE B 44 ? THR B 43 ILE B 53  
C 3 ARG B 61 ? LEU B 65 ? ARG B 70 LEU B 74  
C 4 LYS B 68 ? ASP B 69 ? LYS B 77 ASP B 78  
D 1 ILE B 21 ? SER B 31 ? ILE B 30 SER B 40  
D 2 THR B 34 ? ILE B 44 ? THR B 43 ILE B 53  
D 3 ARG B 61 ? LEU B 65 ? ARG B 70 LEU B 74  
D 4 LYS B 88 ? PHE B 96 ? LYS B 97 PHE B 105 
D 5 GLU B 4  ? ASP B 12 ? GLU B 13 ASP B 21  
# 
loop_
_pdbx_struct_sheet_hbond.sheet_id 
_pdbx_struct_sheet_hbond.range_id_1 
_pdbx_struct_sheet_hbond.range_id_2 
_pdbx_struct_sheet_hbond.range_1_label_atom_id 
_pdbx_struct_sheet_hbond.range_1_label_comp_id 
_pdbx_struct_sheet_hbond.range_1_label_asym_id 
_pdbx_struct_sheet_hbond.range_1_label_seq_id 
_pdbx_struct_sheet_hbond.range_1_PDB_ins_code 
_pdbx_struct_sheet_hbond.range_1_auth_atom_id 
_pdbx_struct_sheet_hbond.range_1_auth_comp_id 
_pdbx_struct_sheet_hbond.range_1_auth_asym_id 
_pdbx_struct_sheet_hbond.range_1_auth_seq_id 
_pdbx_struct_sheet_hbond.range_2_label_atom_id 
_pdbx_struct_sheet_hbond.range_2_label_comp_id 
_pdbx_struct_sheet_hbond.range_2_label_asym_id 
_pdbx_struct_sheet_hbond.range_2_label_seq_id 
_pdbx_struct_sheet_hbond.range_2_PDB_ins_code 
_pdbx_struct_sheet_hbond.range_2_auth_atom_id 
_pdbx_struct_sheet_hbond.range_2_auth_comp_id 
_pdbx_struct_sheet_hbond.range_2_auth_asym_id 
_pdbx_struct_sheet_hbond.range_2_auth_seq_id 
A 1 2 N ALA D 7  ? N ALA D 7   O ILE A 21 ? O ILE A 30  
A 2 3 O VAL A 28 ? O VAL A 37  N THR A 36 ? N THR A 45  
A 3 4 O ILE A 39 ? O ILE A 48  N ILE A 62 ? N ILE A 71  
A 4 5 N LEU A 65 ? N LEU A 74  O LYS A 68 ? O LYS A 77  
B 1 2 N ALA D 7  ? N ALA D 7   O ILE A 21 ? O ILE A 30  
B 2 3 O VAL A 28 ? O VAL A 37  N THR A 36 ? N THR A 45  
B 3 4 O ILE A 39 ? O ILE A 48  N ILE A 62 ? N ILE A 71  
B 4 5 N LEU A 63 ? N LEU A 72  O GLU A 92 ? O GLU A 101 
B 5 6 N THR A 95 ? N THR A 104 O LEU A 5  ? O LEU A 14  
C 1 2 N SER B 31 ? N SER B 40  O THR B 34 ? O THR B 43  
C 2 3 O ILE B 39 ? O ILE B 48  N ILE B 62 ? N ILE B 71  
C 3 4 O LEU B 65 ? O LEU B 74  N LYS B 68 ? N LYS B 77  
D 1 2 N SER B 31 ? N SER B 40  O THR B 34 ? O THR B 43  
D 2 3 O ILE B 39 ? O ILE B 48  N ILE B 62 ? N ILE B 71  
D 3 4 N LEU B 63 ? N LEU B 72  O GLU B 92 ? O GLU B 101 
D 4 5 N THR B 95 ? N THR B 104 O LEU B 5  ? O LEU B 14  
# 
_pdbx_entry_details.entry_id                   1IHJ 
_pdbx_entry_details.compound_details           ? 
_pdbx_entry_details.source_details             ? 
_pdbx_entry_details.nonpolymer_details         ? 
_pdbx_entry_details.sequence_details           ? 
_pdbx_entry_details.has_ligand_of_interest     ? 
_pdbx_entry_details.has_protein_modification   Y 
# 
loop_
_pdbx_validate_rmsd_bond.id 
_pdbx_validate_rmsd_bond.PDB_model_num 
_pdbx_validate_rmsd_bond.auth_atom_id_1 
_pdbx_validate_rmsd_bond.auth_asym_id_1 
_pdbx_validate_rmsd_bond.auth_comp_id_1 
_pdbx_validate_rmsd_bond.auth_seq_id_1 
_pdbx_validate_rmsd_bond.PDB_ins_code_1 
_pdbx_validate_rmsd_bond.label_alt_id_1 
_pdbx_validate_rmsd_bond.auth_atom_id_2 
_pdbx_validate_rmsd_bond.auth_asym_id_2 
_pdbx_validate_rmsd_bond.auth_comp_id_2 
_pdbx_validate_rmsd_bond.auth_seq_id_2 
_pdbx_validate_rmsd_bond.PDB_ins_code_2 
_pdbx_validate_rmsd_bond.label_alt_id_2 
_pdbx_validate_rmsd_bond.bond_value 
_pdbx_validate_rmsd_bond.bond_target_value 
_pdbx_validate_rmsd_bond.bond_deviation 
_pdbx_validate_rmsd_bond.bond_standard_deviation 
_pdbx_validate_rmsd_bond.linker_flag 
1 1 C A PRO 41 ? ? O A PRO 41 ? ? 2.262 1.228 1.034 0.020 N 
2 1 C A PRO 41 ? ? N A ASN 42 ? ? 1.642 1.336 0.306 0.023 Y 
# 
loop_
_pdbx_validate_rmsd_angle.id 
_pdbx_validate_rmsd_angle.PDB_model_num 
_pdbx_validate_rmsd_angle.auth_atom_id_1 
_pdbx_validate_rmsd_angle.auth_asym_id_1 
_pdbx_validate_rmsd_angle.auth_comp_id_1 
_pdbx_validate_rmsd_angle.auth_seq_id_1 
_pdbx_validate_rmsd_angle.PDB_ins_code_1 
_pdbx_validate_rmsd_angle.label_alt_id_1 
_pdbx_validate_rmsd_angle.auth_atom_id_2 
_pdbx_validate_rmsd_angle.auth_asym_id_2 
_pdbx_validate_rmsd_angle.auth_comp_id_2 
_pdbx_validate_rmsd_angle.auth_seq_id_2 
_pdbx_validate_rmsd_angle.PDB_ins_code_2 
_pdbx_validate_rmsd_angle.label_alt_id_2 
_pdbx_validate_rmsd_angle.auth_atom_id_3 
_pdbx_validate_rmsd_angle.auth_asym_id_3 
_pdbx_validate_rmsd_angle.auth_comp_id_3 
_pdbx_validate_rmsd_angle.auth_seq_id_3 
_pdbx_validate_rmsd_angle.PDB_ins_code_3 
_pdbx_validate_rmsd_angle.label_alt_id_3 
_pdbx_validate_rmsd_angle.angle_value 
_pdbx_validate_rmsd_angle.angle_target_value 
_pdbx_validate_rmsd_angle.angle_deviation 
_pdbx_validate_rmsd_angle.angle_standard_deviation 
_pdbx_validate_rmsd_angle.linker_flag 
1 1 CA A PRO 41 ? ? C A PRO 41 ? ? N  A ASN 42 ? ? 160.29 117.20 43.09  2.20 Y 
2 1 O  A PRO 41 ? ? C A PRO 41 ? ? N  A ASN 42 ? ? 69.25  122.70 -53.45 1.60 Y 
3 1 C  A PRO 41 ? ? N A ASN 42 ? ? CA A ASN 42 ? ? 159.92 121.70 38.22  2.50 Y 
# 
loop_
_pdbx_validate_torsion.id 
_pdbx_validate_torsion.PDB_model_num 
_pdbx_validate_torsion.auth_comp_id 
_pdbx_validate_torsion.auth_asym_id 
_pdbx_validate_torsion.auth_seq_id 
_pdbx_validate_torsion.PDB_ins_code 
_pdbx_validate_torsion.label_alt_id 
_pdbx_validate_torsion.phi 
_pdbx_validate_torsion.psi 
1 1 ASP A 95 ? ? -75.09  -108.34 
2 1 PHE B 96 ? ? -147.16 -9.20   
3 1 PHE D 5  ? ? 64.60   60.30   
# 
_pdbx_validate_peptide_omega.id               1 
_pdbx_validate_peptide_omega.PDB_model_num    1 
_pdbx_validate_peptide_omega.auth_comp_id_1   PRO 
_pdbx_validate_peptide_omega.auth_asym_id_1   A 
_pdbx_validate_peptide_omega.auth_seq_id_1    41 
_pdbx_validate_peptide_omega.PDB_ins_code_1   ? 
_pdbx_validate_peptide_omega.label_alt_id_1   ? 
_pdbx_validate_peptide_omega.auth_comp_id_2   ASN 
_pdbx_validate_peptide_omega.auth_asym_id_2   A 
_pdbx_validate_peptide_omega.auth_seq_id_2    42 
_pdbx_validate_peptide_omega.PDB_ins_code_2   ? 
_pdbx_validate_peptide_omega.label_alt_id_2   ? 
_pdbx_validate_peptide_omega.omega            -146.60 
# 
_pdbx_validate_main_chain_plane.id                       1 
_pdbx_validate_main_chain_plane.PDB_model_num            1 
_pdbx_validate_main_chain_plane.auth_comp_id             PRO 
_pdbx_validate_main_chain_plane.auth_asym_id             A 
_pdbx_validate_main_chain_plane.auth_seq_id              41 
_pdbx_validate_main_chain_plane.PDB_ins_code             ? 
_pdbx_validate_main_chain_plane.label_alt_id             ? 
_pdbx_validate_main_chain_plane.improper_torsion_angle   33.70 
# 
loop_
_pdbx_validate_polymer_linkage.id 
_pdbx_validate_polymer_linkage.PDB_model_num 
_pdbx_validate_polymer_linkage.auth_atom_id_1 
_pdbx_validate_polymer_linkage.auth_asym_id_1 
_pdbx_validate_polymer_linkage.auth_comp_id_1 
_pdbx_validate_polymer_linkage.auth_seq_id_1 
_pdbx_validate_polymer_linkage.PDB_ins_code_1 
_pdbx_validate_polymer_linkage.label_alt_id_1 
_pdbx_validate_polymer_linkage.auth_atom_id_2 
_pdbx_validate_polymer_linkage.auth_asym_id_2 
_pdbx_validate_polymer_linkage.auth_comp_id_2 
_pdbx_validate_polymer_linkage.auth_seq_id_2 
_pdbx_validate_polymer_linkage.PDB_ins_code_2 
_pdbx_validate_polymer_linkage.label_alt_id_2 
_pdbx_validate_polymer_linkage.dist 
1 1 C A SER 40 ? ? N A PRO 41 ? ? 1.98 
2 1 C A PRO 41 ? ? N A ASN 42 ? ? 1.64 
# 
loop_
_pdbx_unobs_or_zero_occ_residues.id 
_pdbx_unobs_or_zero_occ_residues.PDB_model_num 
_pdbx_unobs_or_zero_occ_residues.polymer_flag 
_pdbx_unobs_or_zero_occ_residues.occupancy_flag 
_pdbx_unobs_or_zero_occ_residues.auth_asym_id 
_pdbx_unobs_or_zero_occ_residues.auth_comp_id 
_pdbx_unobs_or_zero_occ_residues.auth_seq_id 
_pdbx_unobs_or_zero_occ_residues.PDB_ins_code 
_pdbx_unobs_or_zero_occ_residues.label_asym_id 
_pdbx_unobs_or_zero_occ_residues.label_comp_id 
_pdbx_unobs_or_zero_occ_residues.label_seq_id 
1  1 Y 1 A MET 10  ? A MET 1  
2  1 Y 1 A ALA 11  ? A ALA 2  
3  1 Y 1 A ASP 106 ? A ASP 97 
4  1 Y 1 A LYS 107 ? A LYS 98 
5  1 Y 1 B MET 10  ? B MET 1  
6  1 Y 1 B ALA 11  ? B ALA 2  
7  1 Y 1 B LYS 107 ? B LYS 98 
8  1 Y 1 C GLY 1   ? C GLY 1  
9  1 Y 1 C LYS 2   ? C LYS 2  
10 1 Y 1 D GLY 1   ? D GLY 1  
11 1 Y 1 D LYS 2   ? D LYS 2  
# 
loop_
_chem_comp_atom.comp_id 
_chem_comp_atom.atom_id 
_chem_comp_atom.type_symbol 
_chem_comp_atom.pdbx_aromatic_flag 
_chem_comp_atom.pdbx_stereo_config 
_chem_comp_atom.pdbx_ordinal 
ALA N    N N N 1   
ALA CA   C N S 2   
ALA C    C N N 3   
ALA O    O N N 4   
ALA CB   C N N 5   
ALA OXT  O N N 6   
ALA H    H N N 7   
ALA H2   H N N 8   
ALA HA   H N N 9   
ALA HB1  H N N 10  
ALA HB2  H N N 11  
ALA HB3  H N N 12  
ALA HXT  H N N 13  
ARG N    N N N 14  
ARG CA   C N S 15  
ARG C    C N N 16  
ARG O    O N N 17  
ARG CB   C N N 18  
ARG CG   C N N 19  
ARG CD   C N N 20  
ARG NE   N N N 21  
ARG CZ   C N N 22  
ARG NH1  N N N 23  
ARG NH2  N N N 24  
ARG OXT  O N N 25  
ARG H    H N N 26  
ARG H2   H N N 27  
ARG HA   H N N 28  
ARG HB2  H N N 29  
ARG HB3  H N N 30  
ARG HG2  H N N 31  
ARG HG3  H N N 32  
ARG HD2  H N N 33  
ARG HD3  H N N 34  
ARG HE   H N N 35  
ARG HH11 H N N 36  
ARG HH12 H N N 37  
ARG HH21 H N N 38  
ARG HH22 H N N 39  
ARG HXT  H N N 40  
ASN N    N N N 41  
ASN CA   C N S 42  
ASN C    C N N 43  
ASN O    O N N 44  
ASN CB   C N N 45  
ASN CG   C N N 46  
ASN OD1  O N N 47  
ASN ND2  N N N 48  
ASN OXT  O N N 49  
ASN H    H N N 50  
ASN H2   H N N 51  
ASN HA   H N N 52  
ASN HB2  H N N 53  
ASN HB3  H N N 54  
ASN HD21 H N N 55  
ASN HD22 H N N 56  
ASN HXT  H N N 57  
ASP N    N N N 58  
ASP CA   C N S 59  
ASP C    C N N 60  
ASP O    O N N 61  
ASP CB   C N N 62  
ASP CG   C N N 63  
ASP OD1  O N N 64  
ASP OD2  O N N 65  
ASP OXT  O N N 66  
ASP H    H N N 67  
ASP H2   H N N 68  
ASP HA   H N N 69  
ASP HB2  H N N 70  
ASP HB3  H N N 71  
ASP HD2  H N N 72  
ASP HXT  H N N 73  
CYS N    N N N 74  
CYS CA   C N R 75  
CYS C    C N N 76  
CYS O    O N N 77  
CYS CB   C N N 78  
CYS SG   S N N 79  
CYS OXT  O N N 80  
CYS H    H N N 81  
CYS H2   H N N 82  
CYS HA   H N N 83  
CYS HB2  H N N 84  
CYS HB3  H N N 85  
CYS HG   H N N 86  
CYS HXT  H N N 87  
GLN N    N N N 88  
GLN CA   C N S 89  
GLN C    C N N 90  
GLN O    O N N 91  
GLN CB   C N N 92  
GLN CG   C N N 93  
GLN CD   C N N 94  
GLN OE1  O N N 95  
GLN NE2  N N N 96  
GLN OXT  O N N 97  
GLN H    H N N 98  
GLN H2   H N N 99  
GLN HA   H N N 100 
GLN HB2  H N N 101 
GLN HB3  H N N 102 
GLN HG2  H N N 103 
GLN HG3  H N N 104 
GLN HE21 H N N 105 
GLN HE22 H N N 106 
GLN HXT  H N N 107 
GLU N    N N N 108 
GLU CA   C N S 109 
GLU C    C N N 110 
GLU O    O N N 111 
GLU CB   C N N 112 
GLU CG   C N N 113 
GLU CD   C N N 114 
GLU OE1  O N N 115 
GLU OE2  O N N 116 
GLU OXT  O N N 117 
GLU H    H N N 118 
GLU H2   H N N 119 
GLU HA   H N N 120 
GLU HB2  H N N 121 
GLU HB3  H N N 122 
GLU HG2  H N N 123 
GLU HG3  H N N 124 
GLU HE2  H N N 125 
GLU HXT  H N N 126 
GLY N    N N N 127 
GLY CA   C N N 128 
GLY C    C N N 129 
GLY O    O N N 130 
GLY OXT  O N N 131 
GLY H    H N N 132 
GLY H2   H N N 133 
GLY HA2  H N N 134 
GLY HA3  H N N 135 
GLY HXT  H N N 136 
HIS N    N N N 137 
HIS CA   C N S 138 
HIS C    C N N 139 
HIS O    O N N 140 
HIS CB   C N N 141 
HIS CG   C Y N 142 
HIS ND1  N Y N 143 
HIS CD2  C Y N 144 
HIS CE1  C Y N 145 
HIS NE2  N Y N 146 
HIS OXT  O N N 147 
HIS H    H N N 148 
HIS H2   H N N 149 
HIS HA   H N N 150 
HIS HB2  H N N 151 
HIS HB3  H N N 152 
HIS HD1  H N N 153 
HIS HD2  H N N 154 
HIS HE1  H N N 155 
HIS HE2  H N N 156 
HIS HXT  H N N 157 
HOH O    O N N 158 
HOH H1   H N N 159 
HOH H2   H N N 160 
ILE N    N N N 161 
ILE CA   C N S 162 
ILE C    C N N 163 
ILE O    O N N 164 
ILE CB   C N S 165 
ILE CG1  C N N 166 
ILE CG2  C N N 167 
ILE CD1  C N N 168 
ILE OXT  O N N 169 
ILE H    H N N 170 
ILE H2   H N N 171 
ILE HA   H N N 172 
ILE HB   H N N 173 
ILE HG12 H N N 174 
ILE HG13 H N N 175 
ILE HG21 H N N 176 
ILE HG22 H N N 177 
ILE HG23 H N N 178 
ILE HD11 H N N 179 
ILE HD12 H N N 180 
ILE HD13 H N N 181 
ILE HXT  H N N 182 
LEU N    N N N 183 
LEU CA   C N S 184 
LEU C    C N N 185 
LEU O    O N N 186 
LEU CB   C N N 187 
LEU CG   C N N 188 
LEU CD1  C N N 189 
LEU CD2  C N N 190 
LEU OXT  O N N 191 
LEU H    H N N 192 
LEU H2   H N N 193 
LEU HA   H N N 194 
LEU HB2  H N N 195 
LEU HB3  H N N 196 
LEU HG   H N N 197 
LEU HD11 H N N 198 
LEU HD12 H N N 199 
LEU HD13 H N N 200 
LEU HD21 H N N 201 
LEU HD22 H N N 202 
LEU HD23 H N N 203 
LEU HXT  H N N 204 
LYS N    N N N 205 
LYS CA   C N S 206 
LYS C    C N N 207 
LYS O    O N N 208 
LYS CB   C N N 209 
LYS CG   C N N 210 
LYS CD   C N N 211 
LYS CE   C N N 212 
LYS NZ   N N N 213 
LYS OXT  O N N 214 
LYS H    H N N 215 
LYS H2   H N N 216 
LYS HA   H N N 217 
LYS HB2  H N N 218 
LYS HB3  H N N 219 
LYS HG2  H N N 220 
LYS HG3  H N N 221 
LYS HD2  H N N 222 
LYS HD3  H N N 223 
LYS HE2  H N N 224 
LYS HE3  H N N 225 
LYS HZ1  H N N 226 
LYS HZ2  H N N 227 
LYS HZ3  H N N 228 
LYS HXT  H N N 229 
MET N    N N N 230 
MET CA   C N S 231 
MET C    C N N 232 
MET O    O N N 233 
MET CB   C N N 234 
MET CG   C N N 235 
MET SD   S N N 236 
MET CE   C N N 237 
MET OXT  O N N 238 
MET H    H N N 239 
MET H2   H N N 240 
MET HA   H N N 241 
MET HB2  H N N 242 
MET HB3  H N N 243 
MET HG2  H N N 244 
MET HG3  H N N 245 
MET HE1  H N N 246 
MET HE2  H N N 247 
MET HE3  H N N 248 
MET HXT  H N N 249 
PHE N    N N N 250 
PHE CA   C N S 251 
PHE C    C N N 252 
PHE O    O N N 253 
PHE CB   C N N 254 
PHE CG   C Y N 255 
PHE CD1  C Y N 256 
PHE CD2  C Y N 257 
PHE CE1  C Y N 258 
PHE CE2  C Y N 259 
PHE CZ   C Y N 260 
PHE OXT  O N N 261 
PHE H    H N N 262 
PHE H2   H N N 263 
PHE HA   H N N 264 
PHE HB2  H N N 265 
PHE HB3  H N N 266 
PHE HD1  H N N 267 
PHE HD2  H N N 268 
PHE HE1  H N N 269 
PHE HE2  H N N 270 
PHE HZ   H N N 271 
PHE HXT  H N N 272 
PRO N    N N N 273 
PRO CA   C N S 274 
PRO C    C N N 275 
PRO O    O N N 276 
PRO CB   C N N 277 
PRO CG   C N N 278 
PRO CD   C N N 279 
PRO OXT  O N N 280 
PRO H    H N N 281 
PRO HA   H N N 282 
PRO HB2  H N N 283 
PRO HB3  H N N 284 
PRO HG2  H N N 285 
PRO HG3  H N N 286 
PRO HD2  H N N 287 
PRO HD3  H N N 288 
PRO HXT  H N N 289 
SER N    N N N 290 
SER CA   C N S 291 
SER C    C N N 292 
SER O    O N N 293 
SER CB   C N N 294 
SER OG   O N N 295 
SER OXT  O N N 296 
SER H    H N N 297 
SER H2   H N N 298 
SER HA   H N N 299 
SER HB2  H N N 300 
SER HB3  H N N 301 
SER HG   H N N 302 
SER HXT  H N N 303 
THR N    N N N 304 
THR CA   C N S 305 
THR C    C N N 306 
THR O    O N N 307 
THR CB   C N R 308 
THR OG1  O N N 309 
THR CG2  C N N 310 
THR OXT  O N N 311 
THR H    H N N 312 
THR H2   H N N 313 
THR HA   H N N 314 
THR HB   H N N 315 
THR HG1  H N N 316 
THR HG21 H N N 317 
THR HG22 H N N 318 
THR HG23 H N N 319 
THR HXT  H N N 320 
VAL N    N N N 321 
VAL CA   C N S 322 
VAL C    C N N 323 
VAL O    O N N 324 
VAL CB   C N N 325 
VAL CG1  C N N 326 
VAL CG2  C N N 327 
VAL OXT  O N N 328 
VAL H    H N N 329 
VAL H2   H N N 330 
VAL HA   H N N 331 
VAL HB   H N N 332 
VAL HG11 H N N 333 
VAL HG12 H N N 334 
VAL HG13 H N N 335 
VAL HG21 H N N 336 
VAL HG22 H N N 337 
VAL HG23 H N N 338 
VAL HXT  H N N 339 
# 
loop_
_chem_comp_bond.comp_id 
_chem_comp_bond.atom_id_1 
_chem_comp_bond.atom_id_2 
_chem_comp_bond.value_order 
_chem_comp_bond.pdbx_aromatic_flag 
_chem_comp_bond.pdbx_stereo_config 
_chem_comp_bond.pdbx_ordinal 
ALA N   CA   sing N N 1   
ALA N   H    sing N N 2   
ALA N   H2   sing N N 3   
ALA CA  C    sing N N 4   
ALA CA  CB   sing N N 5   
ALA CA  HA   sing N N 6   
ALA C   O    doub N N 7   
ALA C   OXT  sing N N 8   
ALA CB  HB1  sing N N 9   
ALA CB  HB2  sing N N 10  
ALA CB  HB3  sing N N 11  
ALA OXT HXT  sing N N 12  
ARG N   CA   sing N N 13  
ARG N   H    sing N N 14  
ARG N   H2   sing N N 15  
ARG CA  C    sing N N 16  
ARG CA  CB   sing N N 17  
ARG CA  HA   sing N N 18  
ARG C   O    doub N N 19  
ARG C   OXT  sing N N 20  
ARG CB  CG   sing N N 21  
ARG CB  HB2  sing N N 22  
ARG CB  HB3  sing N N 23  
ARG CG  CD   sing N N 24  
ARG CG  HG2  sing N N 25  
ARG CG  HG3  sing N N 26  
ARG CD  NE   sing N N 27  
ARG CD  HD2  sing N N 28  
ARG CD  HD3  sing N N 29  
ARG NE  CZ   sing N N 30  
ARG NE  HE   sing N N 31  
ARG CZ  NH1  sing N N 32  
ARG CZ  NH2  doub N N 33  
ARG NH1 HH11 sing N N 34  
ARG NH1 HH12 sing N N 35  
ARG NH2 HH21 sing N N 36  
ARG NH2 HH22 sing N N 37  
ARG OXT HXT  sing N N 38  
ASN N   CA   sing N N 39  
ASN N   H    sing N N 40  
ASN N   H2   sing N N 41  
ASN CA  C    sing N N 42  
ASN CA  CB   sing N N 43  
ASN CA  HA   sing N N 44  
ASN C   O    doub N N 45  
ASN C   OXT  sing N N 46  
ASN CB  CG   sing N N 47  
ASN CB  HB2  sing N N 48  
ASN CB  HB3  sing N N 49  
ASN CG  OD1  doub N N 50  
ASN CG  ND2  sing N N 51  
ASN ND2 HD21 sing N N 52  
ASN ND2 HD22 sing N N 53  
ASN OXT HXT  sing N N 54  
ASP N   CA   sing N N 55  
ASP N   H    sing N N 56  
ASP N   H2   sing N N 57  
ASP CA  C    sing N N 58  
ASP CA  CB   sing N N 59  
ASP CA  HA   sing N N 60  
ASP C   O    doub N N 61  
ASP C   OXT  sing N N 62  
ASP CB  CG   sing N N 63  
ASP CB  HB2  sing N N 64  
ASP CB  HB3  sing N N 65  
ASP CG  OD1  doub N N 66  
ASP CG  OD2  sing N N 67  
ASP OD2 HD2  sing N N 68  
ASP OXT HXT  sing N N 69  
CYS N   CA   sing N N 70  
CYS N   H    sing N N 71  
CYS N   H2   sing N N 72  
CYS CA  C    sing N N 73  
CYS CA  CB   sing N N 74  
CYS CA  HA   sing N N 75  
CYS C   O    doub N N 76  
CYS C   OXT  sing N N 77  
CYS CB  SG   sing N N 78  
CYS CB  HB2  sing N N 79  
CYS CB  HB3  sing N N 80  
CYS SG  HG   sing N N 81  
CYS OXT HXT  sing N N 82  
GLN N   CA   sing N N 83  
GLN N   H    sing N N 84  
GLN N   H2   sing N N 85  
GLN CA  C    sing N N 86  
GLN CA  CB   sing N N 87  
GLN CA  HA   sing N N 88  
GLN C   O    doub N N 89  
GLN C   OXT  sing N N 90  
GLN CB  CG   sing N N 91  
GLN CB  HB2  sing N N 92  
GLN CB  HB3  sing N N 93  
GLN CG  CD   sing N N 94  
GLN CG  HG2  sing N N 95  
GLN CG  HG3  sing N N 96  
GLN CD  OE1  doub N N 97  
GLN CD  NE2  sing N N 98  
GLN NE2 HE21 sing N N 99  
GLN NE2 HE22 sing N N 100 
GLN OXT HXT  sing N N 101 
GLU N   CA   sing N N 102 
GLU N   H    sing N N 103 
GLU N   H2   sing N N 104 
GLU CA  C    sing N N 105 
GLU CA  CB   sing N N 106 
GLU CA  HA   sing N N 107 
GLU C   O    doub N N 108 
GLU C   OXT  sing N N 109 
GLU CB  CG   sing N N 110 
GLU CB  HB2  sing N N 111 
GLU CB  HB3  sing N N 112 
GLU CG  CD   sing N N 113 
GLU CG  HG2  sing N N 114 
GLU CG  HG3  sing N N 115 
GLU CD  OE1  doub N N 116 
GLU CD  OE2  sing N N 117 
GLU OE2 HE2  sing N N 118 
GLU OXT HXT  sing N N 119 
GLY N   CA   sing N N 120 
GLY N   H    sing N N 121 
GLY N   H2   sing N N 122 
GLY CA  C    sing N N 123 
GLY CA  HA2  sing N N 124 
GLY CA  HA3  sing N N 125 
GLY C   O    doub N N 126 
GLY C   OXT  sing N N 127 
GLY OXT HXT  sing N N 128 
HIS N   CA   sing N N 129 
HIS N   H    sing N N 130 
HIS N   H2   sing N N 131 
HIS CA  C    sing N N 132 
HIS CA  CB   sing N N 133 
HIS CA  HA   sing N N 134 
HIS C   O    doub N N 135 
HIS C   OXT  sing N N 136 
HIS CB  CG   sing N N 137 
HIS CB  HB2  sing N N 138 
HIS CB  HB3  sing N N 139 
HIS CG  ND1  sing Y N 140 
HIS CG  CD2  doub Y N 141 
HIS ND1 CE1  doub Y N 142 
HIS ND1 HD1  sing N N 143 
HIS CD2 NE2  sing Y N 144 
HIS CD2 HD2  sing N N 145 
HIS CE1 NE2  sing Y N 146 
HIS CE1 HE1  sing N N 147 
HIS NE2 HE2  sing N N 148 
HIS OXT HXT  sing N N 149 
HOH O   H1   sing N N 150 
HOH O   H2   sing N N 151 
ILE N   CA   sing N N 152 
ILE N   H    sing N N 153 
ILE N   H2   sing N N 154 
ILE CA  C    sing N N 155 
ILE CA  CB   sing N N 156 
ILE CA  HA   sing N N 157 
ILE C   O    doub N N 158 
ILE C   OXT  sing N N 159 
ILE CB  CG1  sing N N 160 
ILE CB  CG2  sing N N 161 
ILE CB  HB   sing N N 162 
ILE CG1 CD1  sing N N 163 
ILE CG1 HG12 sing N N 164 
ILE CG1 HG13 sing N N 165 
ILE CG2 HG21 sing N N 166 
ILE CG2 HG22 sing N N 167 
ILE CG2 HG23 sing N N 168 
ILE CD1 HD11 sing N N 169 
ILE CD1 HD12 sing N N 170 
ILE CD1 HD13 sing N N 171 
ILE OXT HXT  sing N N 172 
LEU N   CA   sing N N 173 
LEU N   H    sing N N 174 
LEU N   H2   sing N N 175 
LEU CA  C    sing N N 176 
LEU CA  CB   sing N N 177 
LEU CA  HA   sing N N 178 
LEU C   O    doub N N 179 
LEU C   OXT  sing N N 180 
LEU CB  CG   sing N N 181 
LEU CB  HB2  sing N N 182 
LEU CB  HB3  sing N N 183 
LEU CG  CD1  sing N N 184 
LEU CG  CD2  sing N N 185 
LEU CG  HG   sing N N 186 
LEU CD1 HD11 sing N N 187 
LEU CD1 HD12 sing N N 188 
LEU CD1 HD13 sing N N 189 
LEU CD2 HD21 sing N N 190 
LEU CD2 HD22 sing N N 191 
LEU CD2 HD23 sing N N 192 
LEU OXT HXT  sing N N 193 
LYS N   CA   sing N N 194 
LYS N   H    sing N N 195 
LYS N   H2   sing N N 196 
LYS CA  C    sing N N 197 
LYS CA  CB   sing N N 198 
LYS CA  HA   sing N N 199 
LYS C   O    doub N N 200 
LYS C   OXT  sing N N 201 
LYS CB  CG   sing N N 202 
LYS CB  HB2  sing N N 203 
LYS CB  HB3  sing N N 204 
LYS CG  CD   sing N N 205 
LYS CG  HG2  sing N N 206 
LYS CG  HG3  sing N N 207 
LYS CD  CE   sing N N 208 
LYS CD  HD2  sing N N 209 
LYS CD  HD3  sing N N 210 
LYS CE  NZ   sing N N 211 
LYS CE  HE2  sing N N 212 
LYS CE  HE3  sing N N 213 
LYS NZ  HZ1  sing N N 214 
LYS NZ  HZ2  sing N N 215 
LYS NZ  HZ3  sing N N 216 
LYS OXT HXT  sing N N 217 
MET N   CA   sing N N 218 
MET N   H    sing N N 219 
MET N   H2   sing N N 220 
MET CA  C    sing N N 221 
MET CA  CB   sing N N 222 
MET CA  HA   sing N N 223 
MET C   O    doub N N 224 
MET C   OXT  sing N N 225 
MET CB  CG   sing N N 226 
MET CB  HB2  sing N N 227 
MET CB  HB3  sing N N 228 
MET CG  SD   sing N N 229 
MET CG  HG2  sing N N 230 
MET CG  HG3  sing N N 231 
MET SD  CE   sing N N 232 
MET CE  HE1  sing N N 233 
MET CE  HE2  sing N N 234 
MET CE  HE3  sing N N 235 
MET OXT HXT  sing N N 236 
PHE N   CA   sing N N 237 
PHE N   H    sing N N 238 
PHE N   H2   sing N N 239 
PHE CA  C    sing N N 240 
PHE CA  CB   sing N N 241 
PHE CA  HA   sing N N 242 
PHE C   O    doub N N 243 
PHE C   OXT  sing N N 244 
PHE CB  CG   sing N N 245 
PHE CB  HB2  sing N N 246 
PHE CB  HB3  sing N N 247 
PHE CG  CD1  doub Y N 248 
PHE CG  CD2  sing Y N 249 
PHE CD1 CE1  sing Y N 250 
PHE CD1 HD1  sing N N 251 
PHE CD2 CE2  doub Y N 252 
PHE CD2 HD2  sing N N 253 
PHE CE1 CZ   doub Y N 254 
PHE CE1 HE1  sing N N 255 
PHE CE2 CZ   sing Y N 256 
PHE CE2 HE2  sing N N 257 
PHE CZ  HZ   sing N N 258 
PHE OXT HXT  sing N N 259 
PRO N   CA   sing N N 260 
PRO N   CD   sing N N 261 
PRO N   H    sing N N 262 
PRO CA  C    sing N N 263 
PRO CA  CB   sing N N 264 
PRO CA  HA   sing N N 265 
PRO C   O    doub N N 266 
PRO C   OXT  sing N N 267 
PRO CB  CG   sing N N 268 
PRO CB  HB2  sing N N 269 
PRO CB  HB3  sing N N 270 
PRO CG  CD   sing N N 271 
PRO CG  HG2  sing N N 272 
PRO CG  HG3  sing N N 273 
PRO CD  HD2  sing N N 274 
PRO CD  HD3  sing N N 275 
PRO OXT HXT  sing N N 276 
SER N   CA   sing N N 277 
SER N   H    sing N N 278 
SER N   H2   sing N N 279 
SER CA  C    sing N N 280 
SER CA  CB   sing N N 281 
SER CA  HA   sing N N 282 
SER C   O    doub N N 283 
SER C   OXT  sing N N 284 
SER CB  OG   sing N N 285 
SER CB  HB2  sing N N 286 
SER CB  HB3  sing N N 287 
SER OG  HG   sing N N 288 
SER OXT HXT  sing N N 289 
THR N   CA   sing N N 290 
THR N   H    sing N N 291 
THR N   H2   sing N N 292 
THR CA  C    sing N N 293 
THR CA  CB   sing N N 294 
THR CA  HA   sing N N 295 
THR C   O    doub N N 296 
THR C   OXT  sing N N 297 
THR CB  OG1  sing N N 298 
THR CB  CG2  sing N N 299 
THR CB  HB   sing N N 300 
THR OG1 HG1  sing N N 301 
THR CG2 HG21 sing N N 302 
THR CG2 HG22 sing N N 303 
THR CG2 HG23 sing N N 304 
THR OXT HXT  sing N N 305 
VAL N   CA   sing N N 306 
VAL N   H    sing N N 307 
VAL N   H2   sing N N 308 
VAL CA  C    sing N N 309 
VAL CA  CB   sing N N 310 
VAL CA  HA   sing N N 311 
VAL C   O    doub N N 312 
VAL C   OXT  sing N N 313 
VAL CB  CG1  sing N N 314 
VAL CB  CG2  sing N N 315 
VAL CB  HB   sing N N 316 
VAL CG1 HG11 sing N N 317 
VAL CG1 HG12 sing N N 318 
VAL CG1 HG13 sing N N 319 
VAL CG2 HG21 sing N N 320 
VAL CG2 HG22 sing N N 321 
VAL CG2 HG23 sing N N 322 
VAL OXT HXT  sing N N 323 
# 
_pdbx_initial_refinement_model.id               1 
_pdbx_initial_refinement_model.entity_id_list   ? 
_pdbx_initial_refinement_model.type             'experimental model' 
_pdbx_initial_refinement_model.source_name      PDB 
_pdbx_initial_refinement_model.accession_code   1BE9 
_pdbx_initial_refinement_model.details          'PDB Entry 1BE9 minus peptide' 
# 
_atom_sites.entry_id                    1IHJ 
_atom_sites.fract_transf_matrix[1][1]   0.00929753 
_atom_sites.fract_transf_matrix[1][2]   0.00336234 
_atom_sites.fract_transf_matrix[1][3]   -0.02734168 
_atom_sites.fract_transf_matrix[2][1]   0.00268812 
_atom_sites.fract_transf_matrix[2][2]   -0.02138196 
_atom_sites.fract_transf_matrix[2][3]   -0.01861223 
_atom_sites.fract_transf_matrix[3][1]   -0.01880530 
_atom_sites.fract_transf_matrix[3][2]   -0.00220162 
_atom_sites.fract_transf_matrix[3][3]   -0.01684430 
_atom_sites.fract_transf_vector[1]      0.198427 
_atom_sites.fract_transf_vector[2]      0.481366 
_atom_sites.fract_transf_vector[3]      0.298805 
# 
loop_
_atom_type.symbol 
C 
N 
O 
S 
# 
loop_
_atom_site.group_PDB 
_atom_site.id 
_atom_site.type_symbol 
_atom_site.label_atom_id 
_atom_site.label_alt_id 
_atom_site.label_comp_id 
_atom_site.label_asym_id 
_atom_site.label_entity_id 
_atom_site.label_seq_id 
_atom_site.pdbx_PDB_ins_code 
_atom_site.Cartn_x 
_atom_site.Cartn_y 
_atom_site.Cartn_z 
_atom_site.occupancy 
_atom_site.B_iso_or_equiv 
_atom_site.pdbx_formal_charge 
_atom_site.auth_seq_id 
_atom_site.auth_comp_id 
_atom_site.auth_asym_id 
_atom_site.auth_atom_id 
_atom_site.pdbx_PDB_model_num 
ATOM   1    N N   . GLY A 1 3  ? 22.495  16.755  22.643  1.00 38.47  ? 12   GLY A N   1 
ATOM   2    C CA  . GLY A 1 3  ? 22.669  17.538  21.385  1.00 37.68  ? 12   GLY A CA  1 
ATOM   3    C C   . GLY A 1 3  ? 21.522  17.309  20.424  1.00 35.86  ? 12   GLY A C   1 
ATOM   4    O O   . GLY A 1 3  ? 21.171  16.169  20.129  1.00 39.12  ? 12   GLY A O   1 
ATOM   5    N N   . GLU A 1 4  ? 20.942  18.392  19.924  1.00 33.00  ? 13   GLU A N   1 
ATOM   6    C CA  . GLU A 1 4  ? 19.821  18.284  19.005  1.00 29.65  ? 13   GLU A CA  1 
ATOM   7    C C   . GLU A 1 4  ? 20.261  18.485  17.562  1.00 26.81  ? 13   GLU A C   1 
ATOM   8    O O   . GLU A 1 4  ? 21.370  18.953  17.294  1.00 22.44  ? 13   GLU A O   1 
ATOM   9    C CB  . GLU A 1 4  ? 18.756  19.313  19.382  1.00 33.26  ? 13   GLU A CB  1 
ATOM   10   C CG  . GLU A 1 4  ? 18.512  19.367  20.881  1.00 40.78  ? 13   GLU A CG  1 
ATOM   11   C CD  . GLU A 1 4  ? 17.354  20.261  21.261  1.00 44.76  ? 13   GLU A CD  1 
ATOM   12   O OE1 . GLU A 1 4  ? 17.368  21.452  20.885  1.00 47.95  ? 13   GLU A OE1 1 
ATOM   13   O OE2 . GLU A 1 4  ? 16.430  19.767  21.945  1.00 48.03  ? 13   GLU A OE2 1 
ATOM   14   N N   . LEU A 1 5  ? 19.389  18.129  16.629  1.00 22.97  ? 14   LEU A N   1 
ATOM   15   C CA  . LEU A 1 5  ? 19.722  18.282  15.225  1.00 20.14  ? 14   LEU A CA  1 
ATOM   16   C C   . LEU A 1 5  ? 18.473  18.367  14.367  1.00 20.58  ? 14   LEU A C   1 
ATOM   17   O O   . LEU A 1 5  ? 17.478  17.691  14.633  1.00 20.33  ? 14   LEU A O   1 
ATOM   18   C CB  . LEU A 1 5  ? 20.562  17.096  14.761  1.00 20.96  ? 14   LEU A CB  1 
ATOM   19   C CG  . LEU A 1 5  ? 21.109  17.202  13.339  1.00 24.69  ? 14   LEU A CG  1 
ATOM   20   C CD1 . LEU A 1 5  ? 22.253  18.209  13.319  1.00 24.07  ? 14   LEU A CD1 1 
ATOM   21   C CD2 . LEU A 1 5  ? 21.578  15.841  12.867  1.00 27.83  ? 14   LEU A CD2 1 
ATOM   22   N N   . ILE A 1 6  ? 18.529  19.205  13.340  1.00 19.83  ? 15   ILE A N   1 
ATOM   23   C CA  . ILE A 1 6  ? 17.411  19.337  12.413  1.00 19.22  ? 15   ILE A CA  1 
ATOM   24   C C   . ILE A 1 6  ? 17.826  18.566  11.171  1.00 18.99  ? 15   ILE A C   1 
ATOM   25   O O   . ILE A 1 6  ? 18.903  18.799  10.628  1.00 18.46  ? 15   ILE A O   1 
ATOM   26   C CB  . ILE A 1 6  ? 17.159  20.802  12.016  1.00 20.50  ? 15   ILE A CB  1 
ATOM   27   C CG1 . ILE A 1 6  ? 16.724  21.606  13.242  1.00 20.02  ? 15   ILE A CG1 1 
ATOM   28   C CG2 . ILE A 1 6  ? 16.093  20.867  10.923  1.00 20.78  ? 15   ILE A CG2 1 
ATOM   29   C CD1 . ILE A 1 6  ? 16.632  23.094  12.997  1.00 24.78  ? 15   ILE A CD1 1 
ATOM   30   N N   . HIS A 1 7  ? 16.992  17.629  10.738  1.00 17.55  ? 16   HIS A N   1 
ATOM   31   C CA  . HIS A 1 7  ? 17.308  16.858  9.546   1.00 17.30  ? 16   HIS A CA  1 
ATOM   32   C C   . HIS A 1 7  ? 16.043  16.607  8.739   1.00 18.86  ? 16   HIS A C   1 
ATOM   33   O O   . HIS A 1 7  ? 14.943  16.931  9.184   1.00 17.50  ? 16   HIS A O   1 
ATOM   34   C CB  . HIS A 1 7  ? 18.002  15.541  9.909   1.00 17.51  ? 16   HIS A CB  1 
ATOM   35   C CG  . HIS A 1 7  ? 17.146  14.580  10.675  1.00 20.72  ? 16   HIS A CG  1 
ATOM   36   N ND1 . HIS A 1 7  ? 16.713  14.826  11.960  1.00 23.90  ? 16   HIS A ND1 1 
ATOM   37   C CD2 . HIS A 1 7  ? 16.669  13.357  10.345  1.00 22.27  ? 16   HIS A CD2 1 
ATOM   38   C CE1 . HIS A 1 7  ? 16.009  13.793  12.389  1.00 19.05  ? 16   HIS A CE1 1 
ATOM   39   N NE2 . HIS A 1 7  ? 15.967  12.889  11.429  1.00 26.27  ? 16   HIS A NE2 1 
ATOM   40   N N   . MET A 1 8  ? 16.201  16.048  7.544   1.00 17.15  ? 17   MET A N   1 
ATOM   41   C CA  . MET A 1 8  ? 15.061  15.805  6.670   1.00 16.16  ? 17   MET A CA  1 
ATOM   42   C C   . MET A 1 8  ? 14.744  14.330  6.549   1.00 18.93  ? 17   MET A C   1 
ATOM   43   O O   . MET A 1 8  ? 15.644  13.502  6.428   1.00 17.47  ? 17   MET A O   1 
ATOM   44   C CB  . MET A 1 8  ? 15.335  16.360  5.266   1.00 19.32  ? 17   MET A CB  1 
ATOM   45   C CG  . MET A 1 8  ? 15.538  17.858  5.197   1.00 25.14  ? 17   MET A CG  1 
ATOM   46   S SD  . MET A 1 8  ? 14.127  18.766  5.828   1.00 27.79  ? 17   MET A SD  1 
ATOM   47   C CE  . MET A 1 8  ? 12.941  18.517  4.547   1.00 28.81  ? 17   MET A CE  1 
ATOM   48   N N   . VAL A 1 9  ? 13.457  14.007  6.572   1.00 17.29  ? 18   VAL A N   1 
ATOM   49   C CA  . VAL A 1 9  ? 13.025  12.625  6.439   1.00 18.77  ? 18   VAL A CA  1 
ATOM   50   C C   . VAL A 1 9  ? 11.866  12.555  5.458   1.00 19.33  ? 18   VAL A C   1 
ATOM   51   O O   . VAL A 1 9  ? 10.874  13.257  5.609   1.00 18.68  ? 18   VAL A O   1 
ATOM   52   C CB  . VAL A 1 9  ? 12.568  12.041  7.795   1.00 20.80  ? 18   VAL A CB  1 
ATOM   53   C CG1 . VAL A 1 9  ? 11.946  10.657  7.591   1.00 21.60  ? 18   VAL A CG1 1 
ATOM   54   C CG2 . VAL A 1 9  ? 13.761  11.938  8.744   1.00 22.60  ? 18   VAL A CG2 1 
ATOM   55   N N   . THR A 1 10 ? 12.002  11.711  4.443   1.00 20.69  ? 19   THR A N   1 
ATOM   56   C CA  . THR A 1 10 ? 10.938  11.544  3.469   1.00 21.51  ? 19   THR A CA  1 
ATOM   57   C C   . THR A 1 10 ? 10.288  10.187  3.704   1.00 20.83  ? 19   THR A C   1 
ATOM   58   O O   . THR A 1 10 ? 10.973  9.171   3.803   1.00 22.34  ? 19   THR A O   1 
ATOM   59   C CB  . THR A 1 10 ? 11.472  11.601  2.021   1.00 25.34  ? 19   THR A CB  1 
ATOM   60   O OG1 . THR A 1 10 ? 11.863  12.945  1.710   1.00 25.97  ? 19   THR A OG1 1 
ATOM   61   C CG2 . THR A 1 10 ? 10.398  11.146  1.032   1.00 27.50  ? 19   THR A CG2 1 
ATOM   62   N N   . LEU A 1 11 ? 8.968   10.185  3.825   1.00 22.18  ? 20   LEU A N   1 
ATOM   63   C CA  . LEU A 1 11 ? 8.221   8.954   4.024   1.00 22.51  ? 20   LEU A CA  1 
ATOM   64   C C   . LEU A 1 11 ? 7.355   8.720   2.790   1.00 24.08  ? 20   LEU A C   1 
ATOM   65   O O   . LEU A 1 11 ? 6.775   9.654   2.232   1.00 24.09  ? 20   LEU A O   1 
ATOM   66   C CB  . LEU A 1 11 ? 7.323   9.047   5.262   1.00 20.32  ? 20   LEU A CB  1 
ATOM   67   C CG  . LEU A 1 11 ? 7.998   9.179   6.632   1.00 23.26  ? 20   LEU A CG  1 
ATOM   68   C CD1 . LEU A 1 11 ? 6.931   9.268   7.715   1.00 22.02  ? 20   LEU A CD1 1 
ATOM   69   C CD2 . LEU A 1 11 ? 8.921   7.984   6.878   1.00 21.56  ? 20   LEU A CD2 1 
ATOM   70   N N   . ASP A 1 12 ? 7.286   7.466   2.371   1.00 23.33  ? 21   ASP A N   1 
ATOM   71   C CA  . ASP A 1 12 ? 6.496   7.068   1.215   1.00 21.50  ? 21   ASP A CA  1 
ATOM   72   C C   . ASP A 1 12 ? 5.572   5.974   1.737   1.00 19.85  ? 21   ASP A C   1 
ATOM   73   O O   . ASP A 1 12 ? 6.045   4.927   2.180   1.00 20.07  ? 21   ASP A O   1 
ATOM   74   C CB  . ASP A 1 12 ? 7.417   6.504   0.135   1.00 25.93  ? 21   ASP A CB  1 
ATOM   75   C CG  . ASP A 1 12 ? 6.687   6.215   -1.157  1.00 31.04  ? 21   ASP A CG  1 
ATOM   76   O OD1 . ASP A 1 12 ? 5.528   5.768   -1.087  1.00 28.00  ? 21   ASP A OD1 1 
ATOM   77   O OD2 . ASP A 1 12 ? 7.277   6.427   -2.239  1.00 33.70  ? 21   ASP A OD2 1 
ATOM   78   N N   . LYS A 1 13 ? 4.264   6.210   1.709   1.00 18.08  ? 22   LYS A N   1 
ATOM   79   C CA  . LYS A 1 13 ? 3.338   5.205   2.215   1.00 19.71  ? 22   LYS A CA  1 
ATOM   80   C C   . LYS A 1 13 ? 2.831   4.249   1.149   1.00 20.37  ? 22   LYS A C   1 
ATOM   81   O O   . LYS A 1 13 ? 1.834   3.562   1.355   1.00 20.90  ? 22   LYS A O   1 
ATOM   82   C CB  . LYS A 1 13 ? 2.146   5.855   2.929   1.00 18.70  ? 22   LYS A CB  1 
ATOM   83   C CG  . LYS A 1 13 ? 1.244   6.705   2.054   1.00 19.20  ? 22   LYS A CG  1 
ATOM   84   C CD  . LYS A 1 13 ? 0.027   7.164   2.846   1.00 24.02  ? 22   LYS A CD  1 
ATOM   85   C CE  . LYS A 1 13 ? -0.871  8.077   2.032   1.00 26.29  ? 22   LYS A CE  1 
ATOM   86   N NZ  . LYS A 1 13 ? -2.009  8.589   2.849   1.00 31.12  ? 22   LYS A NZ  1 
ATOM   87   N N   . THR A 1 14 ? 3.519   4.206   0.014   1.00 22.66  ? 23   THR A N   1 
ATOM   88   C CA  . THR A 1 14 ? 3.126   3.296   -1.058  1.00 24.08  ? 23   THR A CA  1 
ATOM   89   C C   . THR A 1 14 ? 3.029   1.880   -0.498  1.00 21.06  ? 23   THR A C   1 
ATOM   90   O O   . THR A 1 14 ? 3.989   1.361   0.075   1.00 23.95  ? 23   THR A O   1 
ATOM   91   C CB  . THR A 1 14 ? 4.155   3.304   -2.204  1.00 26.11  ? 23   THR A CB  1 
ATOM   92   O OG1 . THR A 1 14 ? 4.160   4.592   -2.825  1.00 27.18  ? 23   THR A OG1 1 
ATOM   93   C CG2 . THR A 1 14 ? 3.809   2.246   -3.248  1.00 28.32  ? 23   THR A CG2 1 
ATOM   94   N N   . GLY A 1 15 ? 1.858   1.269   -0.649  1.00 21.90  ? 24   GLY A N   1 
ATOM   95   C CA  . GLY A 1 15 ? 1.657   -0.086  -0.166  1.00 22.03  ? 24   GLY A CA  1 
ATOM   96   C C   . GLY A 1 15 ? 1.285   -0.187  1.299   1.00 23.84  ? 24   GLY A C   1 
ATOM   97   O O   . GLY A 1 15 ? 1.153   -1.291  1.838   1.00 23.60  ? 24   GLY A O   1 
ATOM   98   N N   . LYS A 1 16 ? 1.108   0.963   1.945   1.00 22.63  ? 25   LYS A N   1 
ATOM   99   C CA  . LYS A 1 16 ? 0.750   1.012   3.363   1.00 23.25  ? 25   LYS A CA  1 
ATOM   100  C C   . LYS A 1 16 ? -0.485  1.888   3.564   1.00 20.42  ? 25   LYS A C   1 
ATOM   101  O O   . LYS A 1 16 ? -0.733  2.803   2.790   1.00 21.13  ? 25   LYS A O   1 
ATOM   102  C CB  . LYS A 1 16 ? 1.920   1.570   4.180   1.00 24.79  ? 25   LYS A CB  1 
ATOM   103  C CG  . LYS A 1 16 ? 3.174   0.714   4.158   1.00 25.50  ? 25   LYS A CG  1 
ATOM   104  C CD  . LYS A 1 16 ? 2.985   -0.576  4.936   1.00 26.69  ? 25   LYS A CD  1 
ATOM   105  C CE  . LYS A 1 16 ? 4.286   -1.358  5.020   1.00 27.58  ? 25   LYS A CE  1 
ATOM   106  N NZ  . LYS A 1 16 ? 4.158   -2.543  5.904   1.00 29.67  ? 25   LYS A NZ  1 
ATOM   107  N N   . LYS A 1 17 ? -1.249  1.602   4.615   1.00 23.31  ? 26   LYS A N   1 
ATOM   108  C CA  . LYS A 1 17 ? -2.474  2.336   4.923   1.00 25.30  ? 26   LYS A CA  1 
ATOM   109  C C   . LYS A 1 17 ? -2.285  3.801   5.305   1.00 24.83  ? 26   LYS A C   1 
ATOM   110  O O   . LYS A 1 17 ? -3.162  4.636   5.071   1.00 25.48  ? 26   LYS A O   1 
ATOM   111  C CB  . LYS A 1 17 ? -3.227  1.620   6.047   1.00 30.21  ? 26   LYS A CB  1 
ATOM   112  C CG  . LYS A 1 17 ? -3.882  0.318   5.620   1.00 37.09  ? 26   LYS A CG  1 
ATOM   113  C CD  . LYS A 1 17 ? -5.123  0.578   4.779   1.00 41.71  ? 26   LYS A CD  1 
ATOM   114  C CE  . LYS A 1 17 ? -6.204  1.272   5.594   1.00 43.59  ? 26   LYS A CE  1 
ATOM   115  N NZ  . LYS A 1 17 ? -7.437  1.513   4.796   1.00 47.44  ? 26   LYS A NZ  1 
ATOM   116  N N   . SER A 1 18 ? -1.149  4.115   5.907   1.00 22.70  ? 27   SER A N   1 
ATOM   117  C CA  . SER A 1 18 ? -0.890  5.487   6.320   1.00 20.05  ? 27   SER A CA  1 
ATOM   118  C C   . SER A 1 18 ? 0.594   5.644   6.567   1.00 17.55  ? 27   SER A C   1 
ATOM   119  O O   . SER A 1 18 ? 1.347   4.678   6.465   1.00 17.86  ? 27   SER A O   1 
ATOM   120  C CB  . SER A 1 18 ? -1.660  5.806   7.600   1.00 21.47  ? 27   SER A CB  1 
ATOM   121  O OG  . SER A 1 18 ? -1.127  5.082   8.693   1.00 23.98  ? 27   SER A OG  1 
ATOM   122  N N   . PHE A 1 19 ? 1.018   6.856   6.903   1.00 17.01  ? 28   PHE A N   1 
ATOM   123  C CA  . PHE A 1 19 ? 2.430   7.085   7.151   1.00 15.33  ? 28   PHE A CA  1 
ATOM   124  C C   . PHE A 1 19 ? 2.851   6.493   8.492   1.00 17.01  ? 28   PHE A C   1 
ATOM   125  O O   . PHE A 1 19 ? 4.009   6.115   8.672   1.00 16.01  ? 28   PHE A O   1 
ATOM   126  C CB  . PHE A 1 19 ? 2.742   8.579   7.079   1.00 14.78  ? 28   PHE A CB  1 
ATOM   127  C CG  . PHE A 1 19 ? 2.576   9.157   5.698   1.00 14.62  ? 28   PHE A CG  1 
ATOM   128  C CD1 . PHE A 1 19 ? 1.421   9.843   5.352   1.00 15.85  ? 28   PHE A CD1 1 
ATOM   129  C CD2 . PHE A 1 19 ? 3.569   8.981   4.735   1.00 15.29  ? 28   PHE A CD2 1 
ATOM   130  C CE1 . PHE A 1 19 ? 1.253   10.350  4.059   1.00 18.16  ? 28   PHE A CE1 1 
ATOM   131  C CE2 . PHE A 1 19 ? 3.411   9.482   3.439   1.00 18.50  ? 28   PHE A CE2 1 
ATOM   132  C CZ  . PHE A 1 19 ? 2.253   10.166  3.103   1.00 17.62  ? 28   PHE A CZ  1 
ATOM   133  N N   . GLY A 1 20 ? 1.902   6.412   9.422   1.00 17.92  ? 29   GLY A N   1 
ATOM   134  C CA  . GLY A 1 20 ? 2.180   5.809   10.716  1.00 16.58  ? 29   GLY A CA  1 
ATOM   135  C C   . GLY A 1 20 ? 2.626   6.724   11.839  1.00 17.49  ? 29   GLY A C   1 
ATOM   136  O O   . GLY A 1 20 ? 3.313   6.282   12.762  1.00 14.74  ? 29   GLY A O   1 
ATOM   137  N N   . ILE A 1 21 ? 2.261   7.998   11.772  1.00 15.26  ? 30   ILE A N   1 
ATOM   138  C CA  . ILE A 1 21 ? 2.648   8.906   12.837  1.00 16.94  ? 30   ILE A CA  1 
ATOM   139  C C   . ILE A 1 21 ? 1.439   9.506   13.526  1.00 18.42  ? 30   ILE A C   1 
ATOM   140  O O   . ILE A 1 21 ? 0.443   9.841   12.884  1.00 20.16  ? 30   ILE A O   1 
ATOM   141  C CB  . ILE A 1 21 ? 3.538   10.066  12.329  1.00 20.93  ? 30   ILE A CB  1 
ATOM   142  C CG1 . ILE A 1 21 ? 2.780   10.907  11.300  1.00 19.75  ? 30   ILE A CG1 1 
ATOM   143  C CG2 . ILE A 1 21 ? 4.832   9.508   11.728  1.00 19.16  ? 30   ILE A CG2 1 
ATOM   144  C CD1 . ILE A 1 21 ? 3.503   12.174  10.915  1.00 26.53  ? 30   ILE A CD1 1 
ATOM   145  N N   . CYS A 1 22 ? 1.523   9.610   14.847  1.00 17.47  ? 31   CYS A N   1 
ATOM   146  C CA  . CYS A 1 22 ? 0.463   10.224  15.627  1.00 15.96  ? 31   CYS A CA  1 
ATOM   147  C C   . CYS A 1 22 ? 1.154   11.420  16.260  1.00 16.11  ? 31   CYS A C   1 
ATOM   148  O O   . CYS A 1 22 ? 2.269   11.303  16.777  1.00 16.88  ? 31   CYS A O   1 
ATOM   149  C CB  . CYS A 1 22 ? -0.070  9.268   16.686  1.00 21.03  ? 31   CYS A CB  1 
ATOM   150  S SG  . CYS A 1 22 ? -0.934  7.794   16.036  1.00 26.36  ? 31   CYS A SG  1 
ATOM   151  N N   . ILE A 1 23 ? 0.500   12.570  16.208  1.00 15.28  ? 32   ILE A N   1 
ATOM   152  C CA  . ILE A 1 23 ? 1.107   13.791  16.709  1.00 16.47  ? 32   ILE A CA  1 
ATOM   153  C C   . ILE A 1 23 ? 0.313   14.509  17.781  1.00 18.60  ? 32   ILE A C   1 
ATOM   154  O O   . ILE A 1 23 ? -0.876  14.260  17.973  1.00 16.70  ? 32   ILE A O   1 
ATOM   155  C CB  . ILE A 1 23 ? 1.336   14.783  15.550  1.00 15.06  ? 32   ILE A CB  1 
ATOM   156  C CG1 . ILE A 1 23 ? -0.013  15.226  14.970  1.00 18.62  ? 32   ILE A CG1 1 
ATOM   157  C CG2 . ILE A 1 23 ? 2.160   14.122  14.451  1.00 17.61  ? 32   ILE A CG2 1 
ATOM   158  C CD1 . ILE A 1 23 ? 0.097   16.250  13.837  1.00 19.04  ? 32   ILE A CD1 1 
ATOM   159  N N   . VAL A 1 24 ? 0.992   15.412  18.478  1.00 18.98  ? 33   VAL A N   1 
ATOM   160  C CA  . VAL A 1 24 ? 0.355   16.207  19.519  1.00 20.33  ? 33   VAL A CA  1 
ATOM   161  C C   . VAL A 1 24 ? 1.050   17.551  19.634  1.00 19.38  ? 33   VAL A C   1 
ATOM   162  O O   . VAL A 1 24 ? 2.216   17.695  19.268  1.00 19.61  ? 33   VAL A O   1 
ATOM   163  C CB  . VAL A 1 24 ? 0.430   15.527  20.915  1.00 20.85  ? 33   VAL A CB  1 
ATOM   164  C CG1 . VAL A 1 24 ? -0.246  14.173  20.876  1.00 23.75  ? 33   VAL A CG1 1 
ATOM   165  C CG2 . VAL A 1 24 ? 1.884   15.404  21.364  1.00 20.92  ? 33   VAL A CG2 1 
ATOM   166  N N   . ARG A 1 25 ? 0.313   18.541  20.122  1.00 20.73  ? 34   ARG A N   1 
ATOM   167  C CA  . ARG A 1 25 ? 0.879   19.859  20.348  1.00 23.91  ? 34   ARG A CA  1 
ATOM   168  C C   . ARG A 1 25 ? 1.620   19.672  21.660  1.00 26.01  ? 34   ARG A C   1 
ATOM   169  O O   . ARG A 1 25 ? 1.101   19.030  22.574  1.00 26.84  ? 34   ARG A O   1 
ATOM   170  C CB  . ARG A 1 25 ? -0.222  20.895  20.559  1.00 28.65  ? 34   ARG A CB  1 
ATOM   171  C CG  . ARG A 1 25 ? -0.867  21.429  19.309  1.00 34.27  ? 34   ARG A CG  1 
ATOM   172  C CD  . ARG A 1 25 ? -0.442  22.864  19.082  1.00 37.46  ? 34   ARG A CD  1 
ATOM   173  N NE  . ARG A 1 25 ? 0.686   22.947  18.165  1.00 42.86  ? 34   ARG A NE  1 
ATOM   174  C CZ  . ARG A 1 25 ? 1.399   24.047  17.954  1.00 41.70  ? 34   ARG A CZ  1 
ATOM   175  N NH1 . ARG A 1 25 ? 1.109   25.165  18.609  1.00 40.37  ? 34   ARG A NH1 1 
ATOM   176  N NH2 . ARG A 1 25 ? 2.388   24.032  17.072  1.00 39.64  ? 34   ARG A NH2 1 
ATOM   177  N N   . GLY A 1 26 ? 2.821   20.220  21.759  1.00 25.55  ? 35   GLY A N   1 
ATOM   178  C CA  . GLY A 1 26 ? 3.570   20.069  22.991  1.00 30.58  ? 35   GLY A CA  1 
ATOM   179  C C   . GLY A 1 26 ? 4.497   21.234  23.239  1.00 29.87  ? 35   GLY A C   1 
ATOM   180  O O   . GLY A 1 26 ? 4.513   22.197  22.477  1.00 29.61  ? 35   GLY A O   1 
ATOM   181  N N   . GLU A 1 27 ? 5.267   21.150  24.317  1.00 32.38  ? 36   GLU A N   1 
ATOM   182  C CA  . GLU A 1 27 ? 6.210   22.205  24.652  1.00 34.53  ? 36   GLU A CA  1 
ATOM   183  C C   . GLU A 1 27 ? 7.416   21.641  25.380  1.00 32.84  ? 36   GLU A C   1 
ATOM   184  O O   . GLU A 1 27 ? 7.311   20.667  26.124  1.00 32.47  ? 36   GLU A O   1 
ATOM   185  C CB  . GLU A 1 27 ? 5.544   23.274  25.523  1.00 37.20  ? 36   GLU A CB  1 
ATOM   186  C CG  . GLU A 1 27 ? 4.954   22.747  26.818  1.00 43.25  ? 36   GLU A CG  1 
ATOM   187  C CD  . GLU A 1 27 ? 4.662   23.852  27.813  1.00 46.38  ? 36   GLU A CD  1 
ATOM   188  O OE1 . GLU A 1 27 ? 4.102   24.891  27.405  1.00 49.84  ? 36   GLU A OE1 1 
ATOM   189  O OE2 . GLU A 1 27 ? 4.988   23.680  29.007  1.00 49.44  ? 36   GLU A OE2 1 
ATOM   190  N N   . VAL A 1 28 ? 8.563   22.261  25.144  1.00 32.45  ? 37   VAL A N   1 
ATOM   191  C CA  . VAL A 1 28 ? 9.807   21.852  25.775  1.00 33.12  ? 37   VAL A CA  1 
ATOM   192  C C   . VAL A 1 28 ? 10.500  23.123  26.226  1.00 35.13  ? 37   VAL A C   1 
ATOM   193  O O   . VAL A 1 28 ? 10.378  24.164  25.580  1.00 33.62  ? 37   VAL A O   1 
ATOM   194  C CB  . VAL A 1 28 ? 10.713  21.093  24.787  1.00 34.24  ? 37   VAL A CB  1 
ATOM   195  C CG1 . VAL A 1 28 ? 10.097  19.748  24.455  1.00 35.68  ? 37   VAL A CG1 1 
ATOM   196  C CG2 . VAL A 1 28 ? 10.894  21.906  23.514  1.00 35.86  ? 37   VAL A CG2 1 
ATOM   197  N N   . LYS A 1 29 ? 11.217  23.059  27.341  1.00 38.82  ? 38   LYS A N   1 
ATOM   198  C CA  . LYS A 1 29 ? 11.887  24.257  27.807  1.00 43.96  ? 38   LYS A CA  1 
ATOM   199  C C   . LYS A 1 29 ? 13.258  24.416  27.175  1.00 46.68  ? 38   LYS A C   1 
ATOM   200  O O   . LYS A 1 29 ? 14.185  23.649  27.441  1.00 49.76  ? 38   LYS A O   1 
ATOM   201  C CB  . LYS A 1 29 ? 11.976  24.278  29.338  1.00 45.07  ? 38   LYS A CB  1 
ATOM   202  C CG  . LYS A 1 29 ? 12.777  23.162  29.978  1.00 48.70  ? 38   LYS A CG  1 
ATOM   203  C CD  . LYS A 1 29 ? 12.607  23.180  31.499  1.00 50.65  ? 38   LYS A CD  1 
ATOM   204  C CE  . LYS A 1 29 ? 12.915  24.554  32.096  1.00 51.68  ? 38   LYS A CE  1 
ATOM   205  N NZ  . LYS A 1 29 ? 12.706  24.595  33.577  1.00 51.21  ? 38   LYS A NZ  1 
ATOM   206  N N   . ASP A 1 30 ? 13.340  25.380  26.278  1.00 47.72  ? 39   ASP A N   1 
ATOM   207  C CA  . ASP A 1 30 ? 14.566  25.761  25.653  1.00 49.70  ? 39   ASP A CA  1 
ATOM   208  C C   . ASP A 1 30 ? 15.224  26.920  26.374  1.00 49.87  ? 39   ASP A C   1 
ATOM   209  O O   . ASP A 1 30 ? 14.748  28.046  26.257  1.00 53.20  ? 39   ASP A O   1 
ATOM   210  C CB  . ASP A 1 30 ? 14.239  26.087  24.203  1.00 51.18  ? 39   ASP A CB  1 
ATOM   211  C CG  . ASP A 1 30 ? 13.659  24.868  23.501  1.00 53.09  ? 39   ASP A CG  1 
ATOM   212  O OD1 . ASP A 1 30 ? 13.882  23.740  23.998  1.00 52.91  ? 39   ASP A OD1 1 
ATOM   213  O OD2 . ASP A 1 30 ? 12.977  25.031  22.470  1.00 54.93  ? 39   ASP A OD2 1 
ATOM   214  N N   . SER A 1 31 ? 16.205  26.604  27.184  1.00 49.44  ? 40   SER A N   1 
ATOM   215  C CA  . SER A 1 31 ? 16.860  27.566  28.062  1.00 47.54  ? 40   SER A CA  1 
ATOM   216  C C   . SER A 1 31 ? 18.085  26.954  28.733  1.00 46.03  ? 40   SER A C   1 
ATOM   217  O O   . SER A 1 31 ? 18.024  25.776  29.125  1.00 44.12  ? 40   SER A O   1 
ATOM   218  C CB  . SER A 1 31 ? 15.878  28.086  29.114  1.00 48.56  ? 40   SER A CB  1 
ATOM   219  O OG  . SER A 1 31 ? 15.834  27.227  30.240  1.00 49.91  ? 40   SER A OG  1 
ATOM   220  N N   . PRO A 1 32 ? 18.006  28.317  30.168  1.00 43.78  ? 41   PRO A N   1 
ATOM   221  C CA  . PRO A 1 32 ? 17.158  27.929  31.295  1.00 42.31  ? 41   PRO A CA  1 
ATOM   222  C C   . PRO A 1 32 ? 15.823  28.688  31.319  1.00 40.07  ? 41   PRO A C   1 
ATOM   223  O O   . PRO A 1 32 ? 14.144  28.393  32.806  1.00 38.90  ? 41   PRO A O   1 
ATOM   224  C CB  . PRO A 1 32 ? 17.950  28.397  32.521  1.00 41.94  ? 41   PRO A CB  1 
ATOM   225  C CG  . PRO A 1 32 ? 18.709  29.573  32.045  1.00 43.41  ? 41   PRO A CG  1 
ATOM   226  C CD  . PRO A 1 32 ? 18.960  29.338  30.583  1.00 44.30  ? 41   PRO A CD  1 
ATOM   227  N N   . ASN A 1 33 ? 14.746  29.925  31.234  1.00 38.23  ? 42   ASN A N   1 
ATOM   228  C CA  . ASN A 1 33 ? 13.576  30.729  31.510  1.00 35.25  ? 42   ASN A CA  1 
ATOM   229  C C   . ASN A 1 33 ? 12.691  30.824  30.285  1.00 31.91  ? 42   ASN A C   1 
ATOM   230  O O   . ASN A 1 33 ? 11.825  31.800  30.260  1.00 27.12  ? 42   ASN A O   1 
ATOM   231  C CB  . ASN A 1 33 ? 13.992  32.086  32.066  1.00 39.94  ? 42   ASN A CB  1 
ATOM   232  C CG  . ASN A 1 33 ? 14.760  31.937  33.366  1.00 44.65  ? 42   ASN A CG  1 
ATOM   233  O OD1 . ASN A 1 33 ? 14.408  31.114  34.215  1.00 48.19  ? 42   ASN A OD1 1 
ATOM   234  N ND2 . ASN A 1 33 ? 15.814  32.726  33.527  1.00 47.86  ? 42   ASN A ND2 1 
ATOM   235  N N   . THR A 1 34 ? 12.686  29.973  29.300  1.00 30.37  ? 43   THR A N   1 
ATOM   236  C CA  . THR A 1 34 ? 11.754  30.071  28.181  1.00 30.81  ? 43   THR A CA  1 
ATOM   237  C C   . THR A 1 34 ? 11.312  28.695  27.713  1.00 28.36  ? 43   THR A C   1 
ATOM   238  O O   . THR A 1 34 ? 11.937  27.687  28.036  1.00 28.22  ? 43   THR A O   1 
ATOM   239  C CB  . THR A 1 34 ? 12.356  30.838  26.975  1.00 32.76  ? 43   THR A CB  1 
ATOM   240  O OG1 . THR A 1 34 ? 13.436  30.088  26.409  1.00 34.72  ? 43   THR A OG1 1 
ATOM   241  C CG2 . THR A 1 34 ? 12.858  32.201  27.411  1.00 34.24  ? 43   THR A CG2 1 
ATOM   242  N N   . LYS A 1 35 ? 10.215  28.661  26.969  1.00 29.06  ? 44   LYS A N   1 
ATOM   243  C CA  . LYS A 1 35 ? 9.687   27.413  26.444  1.00 30.26  ? 44   LYS A CA  1 
ATOM   244  C C   . LYS A 1 35 ? 9.331   27.588  24.980  1.00 32.10  ? 44   LYS A C   1 
ATOM   245  O O   . LYS A 1 35 ? 9.056   28.700  24.523  1.00 30.01  ? 44   LYS A O   1 
ATOM   246  C CB  . LYS A 1 35 ? 8.439   26.977  27.215  1.00 30.68  ? 44   LYS A CB  1 
ATOM   247  C CG  . LYS A 1 35 ? 8.705   26.472  28.625  1.00 32.42  ? 44   LYS A CG  1 
ATOM   248  C CD  . LYS A 1 35 ? 7.441   25.904  29.246  1.00 31.05  ? 44   LYS A CD  1 
ATOM   249  C CE  . LYS A 1 35 ? 7.719   25.302  30.610  1.00 37.43  ? 44   LYS A CE  1 
ATOM   250  N NZ  . LYS A 1 35 ? 6.476   24.773  31.232  1.00 38.00  ? 44   LYS A NZ  1 
ATOM   251  N N   . THR A 1 36 ? 9.349   26.480  24.249  1.00 32.39  ? 45   THR A N   1 
ATOM   252  C CA  . THR A 1 36 ? 9.007   26.488  22.838  1.00 34.86  ? 45   THR A CA  1 
ATOM   253  C C   . THR A 1 36 ? 7.864   25.503  22.648  1.00 34.46  ? 45   THR A C   1 
ATOM   254  O O   . THR A 1 36 ? 7.851   24.430  23.253  1.00 32.73  ? 45   THR A O   1 
ATOM   255  C CB  . THR A 1 36 ? 10.197  26.054  21.964  1.00 38.51  ? 45   THR A CB  1 
ATOM   256  O OG1 . THR A 1 36 ? 11.314  26.915  22.216  1.00 43.77  ? 45   THR A OG1 1 
ATOM   257  C CG2 . THR A 1 36 ? 9.827   26.138  20.490  1.00 39.28  ? 45   THR A CG2 1 
ATOM   258  N N   . THR A 1 37 ? 6.897   25.881  21.823  1.00 34.07  ? 46   THR A N   1 
ATOM   259  C CA  . THR A 1 37 ? 5.751   25.029  21.553  1.00 33.79  ? 46   THR A CA  1 
ATOM   260  C C   . THR A 1 37 ? 5.882   24.471  20.146  1.00 33.22  ? 46   THR A C   1 
ATOM   261  O O   . THR A 1 37 ? 6.597   25.029  19.312  1.00 33.17  ? 46   THR A O   1 
ATOM   262  C CB  . THR A 1 37 ? 4.438   25.818  21.646  1.00 38.52  ? 46   THR A CB  1 
ATOM   263  O OG1 . THR A 1 37 ? 4.537   26.989  20.823  1.00 41.84  ? 46   THR A OG1 1 
ATOM   264  C CG2 . THR A 1 37 ? 4.157   26.227  23.088  1.00 37.93  ? 46   THR A CG2 1 
ATOM   265  N N   . GLY A 1 38 ? 5.202   23.364  19.880  1.00 27.90  ? 47   GLY A N   1 
ATOM   266  C CA  . GLY A 1 38 ? 5.283   22.793  18.554  1.00 25.10  ? 47   GLY A CA  1 
ATOM   267  C C   . GLY A 1 38 ? 4.552   21.482  18.406  1.00 23.71  ? 47   GLY A C   1 
ATOM   268  O O   . GLY A 1 38 ? 3.860   21.025  19.316  1.00 20.30  ? 47   GLY A O   1 
ATOM   269  N N   . ILE A 1 39 ? 4.718   20.879  17.233  1.00 20.49  ? 48   ILE A N   1 
ATOM   270  C CA  . ILE A 1 39 ? 4.097   19.609  16.901  1.00 18.04  ? 48   ILE A CA  1 
ATOM   271  C C   . ILE A 1 39 ? 5.112   18.506  17.163  1.00 18.19  ? 48   ILE A C   1 
ATOM   272  O O   . ILE A 1 39 ? 6.209   18.529  16.617  1.00 19.44  ? 48   ILE A O   1 
ATOM   273  C CB  . ILE A 1 39 ? 3.693   19.584  15.412  1.00 16.38  ? 48   ILE A CB  1 
ATOM   274  C CG1 . ILE A 1 39 ? 2.641   20.662  15.149  1.00 16.06  ? 48   ILE A CG1 1 
ATOM   275  C CG2 . ILE A 1 39 ? 3.177   18.206  15.025  1.00 17.61  ? 48   ILE A CG2 1 
ATOM   276  C CD1 . ILE A 1 39 ? 1.322   20.411  15.823  1.00 19.99  ? 48   ILE A CD1 1 
ATOM   277  N N   . PHE A 1 40 ? 4.745   17.541  17.998  1.00 15.69  ? 49   PHE A N   1 
ATOM   278  C CA  . PHE A 1 40 ? 5.648   16.450  18.318  1.00 15.71  ? 49   PHE A CA  1 
ATOM   279  C C   . PHE A 1 40 ? 5.087   15.095  17.926  1.00 14.70  ? 49   PHE A C   1 
ATOM   280  O O   . PHE A 1 40 ? 3.877   14.897  17.904  1.00 14.98  ? 49   PHE A O   1 
ATOM   281  C CB  . PHE A 1 40 ? 5.947   16.433  19.817  1.00 17.87  ? 49   PHE A CB  1 
ATOM   282  C CG  . PHE A 1 40 ? 6.711   17.629  20.296  1.00 17.36  ? 49   PHE A CG  1 
ATOM   283  C CD1 . PHE A 1 40 ? 6.073   18.846  20.493  1.00 20.93  ? 49   PHE A CD1 1 
ATOM   284  C CD2 . PHE A 1 40 ? 8.076   17.537  20.549  1.00 20.80  ? 49   PHE A CD2 1 
ATOM   285  C CE1 . PHE A 1 40 ? 6.783   19.962  20.937  1.00 20.69  ? 49   PHE A CE1 1 
ATOM   286  C CE2 . PHE A 1 40 ? 8.799   18.645  20.995  1.00 23.70  ? 49   PHE A CE2 1 
ATOM   287  C CZ  . PHE A 1 40 ? 8.149   19.861  21.188  1.00 22.35  ? 49   PHE A CZ  1 
ATOM   288  N N   . ILE A 1 41 ? 5.982   14.165  17.612  1.00 15.13  ? 50   ILE A N   1 
ATOM   289  C CA  . ILE A 1 41 ? 5.565   12.811  17.280  1.00 13.79  ? 50   ILE A CA  1 
ATOM   290  C C   . ILE A 1 41 ? 5.283   12.162  18.633  1.00 16.79  ? 50   ILE A C   1 
ATOM   291  O O   . ILE A 1 41 ? 6.170   12.086  19.486  1.00 16.76  ? 50   ILE A O   1 
ATOM   292  C CB  . ILE A 1 41 ? 6.689   12.041  16.557  1.00 13.28  ? 50   ILE A CB  1 
ATOM   293  C CG1 . ILE A 1 41 ? 6.926   12.662  15.173  1.00 16.33  ? 50   ILE A CG1 1 
ATOM   294  C CG2 . ILE A 1 41 ? 6.330   10.566  16.467  1.00 12.35  ? 50   ILE A CG2 1 
ATOM   295  C CD1 . ILE A 1 41 ? 8.039   11.993  14.375  1.00 18.26  ? 50   ILE A CD1 1 
ATOM   296  N N   . LYS A 1 42 ? 4.049   11.718  18.837  1.00 14.91  ? 51   LYS A N   1 
ATOM   297  C CA  . LYS A 1 42 ? 3.667   11.098  20.105  1.00 16.74  ? 51   LYS A CA  1 
ATOM   298  C C   . LYS A 1 42 ? 3.629   9.583   20.006  1.00 16.72  ? 51   LYS A C   1 
ATOM   299  O O   . LYS A 1 42 ? 3.740   8.883   21.010  1.00 15.78  ? 51   LYS A O   1 
ATOM   300  C CB  . LYS A 1 42 ? 2.289   11.589  20.543  1.00 22.48  ? 51   LYS A CB  1 
ATOM   301  C CG  . LYS A 1 42 ? 1.941   11.213  21.975  1.00 28.63  ? 51   LYS A CG  1 
ATOM   302  C CD  . LYS A 1 42 ? 0.483   10.811  22.115  1.00 35.73  ? 51   LYS A CD  1 
ATOM   303  C CE  . LYS A 1 42 ? 0.242   9.404   21.578  1.00 38.73  ? 51   LYS A CE  1 
ATOM   304  N NZ  . LYS A 1 42 ? -1.078  8.860   22.022  1.00 41.58  ? 51   LYS A NZ  1 
ATOM   305  N N   . GLY A 1 43 ? 3.457   9.077   18.790  1.00 18.59  ? 52   GLY A N   1 
ATOM   306  C CA  . GLY A 1 43 ? 3.401   7.642   18.602  1.00 16.37  ? 52   GLY A CA  1 
ATOM   307  C C   . GLY A 1 43 ? 3.752   7.253   17.183  1.00 17.57  ? 52   GLY A C   1 
ATOM   308  O O   . GLY A 1 43 ? 3.613   8.061   16.268  1.00 14.71  ? 52   GLY A O   1 
ATOM   309  N N   . ILE A 1 44 ? 4.224   6.023   17.014  1.00 17.60  ? 53   ILE A N   1 
ATOM   310  C CA  . ILE A 1 44 ? 4.581   5.497   15.699  1.00 17.11  ? 53   ILE A CA  1 
ATOM   311  C C   . ILE A 1 44 ? 3.936   4.123   15.536  1.00 17.44  ? 53   ILE A C   1 
ATOM   312  O O   . ILE A 1 44 ? 4.066   3.263   16.399  1.00 17.74  ? 53   ILE A O   1 
ATOM   313  C CB  . ILE A 1 44 ? 6.112   5.378   15.547  1.00 16.47  ? 53   ILE A CB  1 
ATOM   314  C CG1 . ILE A 1 44 ? 6.714   6.780   15.399  1.00 15.92  ? 53   ILE A CG1 1 
ATOM   315  C CG2 . ILE A 1 44 ? 6.472   4.498   14.347  1.00 17.75  ? 53   ILE A CG2 1 
ATOM   316  C CD1 . ILE A 1 44 ? 8.215   6.796   15.240  1.00 23.81  ? 53   ILE A CD1 1 
ATOM   317  N N   . VAL A 1 45 ? 3.242   3.926   14.420  1.00 14.72  ? 54   VAL A N   1 
ATOM   318  C CA  . VAL A 1 45 ? 2.570   2.659   14.153  1.00 15.94  ? 54   VAL A CA  1 
ATOM   319  C C   . VAL A 1 45 ? 3.548   1.571   13.717  1.00 17.32  ? 54   VAL A C   1 
ATOM   320  O O   . VAL A 1 45 ? 4.306   1.753   12.769  1.00 19.30  ? 54   VAL A O   1 
ATOM   321  C CB  . VAL A 1 45 ? 1.510   2.819   13.043  1.00 17.69  ? 54   VAL A CB  1 
ATOM   322  C CG1 . VAL A 1 45 ? 0.834   1.475   12.774  1.00 18.84  ? 54   VAL A CG1 1 
ATOM   323  C CG2 . VAL A 1 45 ? 0.486   3.867   13.459  1.00 18.31  ? 54   VAL A CG2 1 
ATOM   324  N N   . PRO A 1 46 ? 3.537   0.415   14.399  1.00 20.11  ? 55   PRO A N   1 
ATOM   325  C CA  . PRO A 1 46 ? 4.458   -0.657  14.017  1.00 21.19  ? 55   PRO A CA  1 
ATOM   326  C C   . PRO A 1 46 ? 4.302   -1.113  12.564  1.00 23.23  ? 55   PRO A C   1 
ATOM   327  O O   . PRO A 1 46 ? 3.189   -1.271  12.059  1.00 22.23  ? 55   PRO A O   1 
ATOM   328  C CB  . PRO A 1 46 ? 4.161   -1.767  15.039  1.00 23.74  ? 55   PRO A CB  1 
ATOM   329  C CG  . PRO A 1 46 ? 2.800   -1.434  15.568  1.00 28.26  ? 55   PRO A CG  1 
ATOM   330  C CD  . PRO A 1 46 ? 2.781   0.065   15.611  1.00 20.45  ? 55   PRO A CD  1 
ATOM   331  N N   . ASP A 1 47 ? 5.442   -1.297  11.904  1.00 23.74  ? 56   ASP A N   1 
ATOM   332  C CA  . ASP A 1 47 ? 5.516   -1.729  10.509  1.00 26.03  ? 56   ASP A CA  1 
ATOM   333  C C   . ASP A 1 47 ? 5.008   -0.703  9.500   1.00 26.34  ? 56   ASP A C   1 
ATOM   334  O O   . ASP A 1 47 ? 4.762   -1.032  8.338   1.00 24.78  ? 56   ASP A O   1 
ATOM   335  C CB  . ASP A 1 47 ? 4.761   -3.043  10.305  1.00 27.76  ? 56   ASP A CB  1 
ATOM   336  C CG  . ASP A 1 47 ? 5.171   -3.742  9.029   1.00 33.69  ? 56   ASP A CG  1 
ATOM   337  O OD1 . ASP A 1 47 ? 6.386   -3.980  8.869   1.00 34.65  ? 56   ASP A OD1 1 
ATOM   338  O OD2 . ASP A 1 47 ? 4.295   -4.047  8.193   1.00 36.11  ? 56   ASP A OD2 1 
ATOM   339  N N   . SER A 1 48 ? 4.848   0.539   9.944   1.00 22.74  ? 57   SER A N   1 
ATOM   340  C CA  . SER A 1 48 ? 4.391   1.608   9.061   1.00 21.57  ? 57   SER A CA  1 
ATOM   341  C C   . SER A 1 48 ? 5.636   2.241   8.442   1.00 18.70  ? 57   SER A C   1 
ATOM   342  O O   . SER A 1 48 ? 6.753   1.933   8.843   1.00 19.88  ? 57   SER A O   1 
ATOM   343  C CB  . SER A 1 48 ? 3.646   2.672   9.870   1.00 19.93  ? 57   SER A CB  1 
ATOM   344  O OG  . SER A 1 48 ? 4.550   3.345   10.737  1.00 17.04  ? 57   SER A OG  1 
ATOM   345  N N   . PRO A 1 49 ? 5.459   3.124   7.443   1.00 17.52  ? 58   PRO A N   1 
ATOM   346  C CA  . PRO A 1 49 ? 6.618   3.773   6.823   1.00 19.16  ? 58   PRO A CA  1 
ATOM   347  C C   . PRO A 1 49 ? 7.475   4.509   7.868   1.00 20.05  ? 58   PRO A C   1 
ATOM   348  O O   . PRO A 1 49 ? 8.705   4.448   7.832   1.00 17.91  ? 58   PRO A O   1 
ATOM   349  C CB  . PRO A 1 49 ? 5.977   4.735   5.822   1.00 20.94  ? 58   PRO A CB  1 
ATOM   350  C CG  . PRO A 1 49 ? 4.746   3.989   5.398   1.00 19.44  ? 58   PRO A CG  1 
ATOM   351  C CD  . PRO A 1 49 ? 4.220   3.444   6.712   1.00 21.52  ? 58   PRO A CD  1 
ATOM   352  N N   . ALA A 1 50 ? 6.816   5.205   8.792   1.00 18.47  ? 59   ALA A N   1 
ATOM   353  C CA  . ALA A 1 50 ? 7.517   5.951   9.840   1.00 16.42  ? 59   ALA A CA  1 
ATOM   354  C C   . ALA A 1 50 ? 8.372   5.014   10.695  1.00 17.77  ? 59   ALA A C   1 
ATOM   355  O O   . ALA A 1 50 ? 9.489   5.357   11.084  1.00 19.10  ? 59   ALA A O   1 
ATOM   356  C CB  . ALA A 1 50 ? 6.506   6.686   10.730  1.00 16.33  ? 59   ALA A CB  1 
ATOM   357  N N   . HIS A 1 51 ? 7.833   3.839   10.991  1.00 17.53  ? 60   HIS A N   1 
ATOM   358  C CA  . HIS A 1 51 ? 8.538   2.846   11.795  1.00 19.51  ? 60   HIS A CA  1 
ATOM   359  C C   . HIS A 1 51 ? 9.698   2.222   11.015  1.00 20.57  ? 60   HIS A C   1 
ATOM   360  O O   . HIS A 1 51 ? 10.828  2.169   11.507  1.00 21.25  ? 60   HIS A O   1 
ATOM   361  C CB  . HIS A 1 51 ? 7.553   1.759   12.240  1.00 19.50  ? 60   HIS A CB  1 
ATOM   362  C CG  . HIS A 1 51 ? 8.144   0.731   13.157  1.00 21.28  ? 60   HIS A CG  1 
ATOM   363  N ND1 . HIS A 1 51 ? 9.059   1.044   14.139  1.00 25.98  ? 60   HIS A ND1 1 
ATOM   364  C CD2 . HIS A 1 51 ? 7.921   -0.600  13.262  1.00 22.86  ? 60   HIS A CD2 1 
ATOM   365  C CE1 . HIS A 1 51 ? 9.374   -0.051  14.810  1.00 25.00  ? 60   HIS A CE1 1 
ATOM   366  N NE2 . HIS A 1 51 ? 8.697   -1.062  14.298  1.00 26.15  ? 60   HIS A NE2 1 
ATOM   367  N N   . LEU A 1 52 ? 9.418   1.766   9.797   1.00 21.85  ? 61   LEU A N   1 
ATOM   368  C CA  . LEU A 1 52 ? 10.442  1.136   8.966   1.00 23.92  ? 61   LEU A CA  1 
ATOM   369  C C   . LEU A 1 52 ? 11.560  2.101   8.600   1.00 26.27  ? 61   LEU A C   1 
ATOM   370  O O   . LEU A 1 52 ? 12.707  1.693   8.407   1.00 26.99  ? 61   LEU A O   1 
ATOM   371  C CB  . LEU A 1 52 ? 9.806   0.544   7.702   1.00 24.55  ? 61   LEU A CB  1 
ATOM   372  C CG  . LEU A 1 52 ? 8.785   -0.566  7.972   1.00 27.93  ? 61   LEU A CG  1 
ATOM   373  C CD1 . LEU A 1 52 ? 8.271   -1.128  6.657   1.00 30.19  ? 61   LEU A CD1 1 
ATOM   374  C CD2 . LEU A 1 52 ? 9.427   -1.664  8.806   1.00 31.00  ? 61   LEU A CD2 1 
ATOM   375  N N   . CYS A 1 53 ? 11.222  3.385   8.514   1.00 26.18  ? 62   CYS A N   1 
ATOM   376  C CA  . CYS A 1 53 ? 12.194  4.427   8.200   1.00 29.08  ? 62   CYS A CA  1 
ATOM   377  C C   . CYS A 1 53 ? 13.372  4.352   9.171   1.00 29.59  ? 62   CYS A C   1 
ATOM   378  O O   . CYS A 1 53 ? 14.535  4.393   8.766   1.00 29.23  ? 62   CYS A O   1 
ATOM   379  C CB  . CYS A 1 53 ? 11.519  5.797   8.300   1.00 29.35  ? 62   CYS A CB  1 
ATOM   380  S SG  . CYS A 1 53 ? 12.627  7.183   8.549   1.00 31.14  ? 62   CYS A SG  1 
ATOM   381  N N   . GLY A 1 54 ? 13.059  4.241   10.459  1.00 28.43  ? 63   GLY A N   1 
ATOM   382  C CA  . GLY A 1 54 ? 14.093  4.148   11.472  1.00 29.84  ? 63   GLY A CA  1 
ATOM   383  C C   . GLY A 1 54 ? 14.775  5.458   11.822  1.00 31.08  ? 63   GLY A C   1 
ATOM   384  O O   . GLY A 1 54 ? 15.599  5.500   12.735  1.00 33.68  ? 63   GLY A O   1 
ATOM   385  N N   . ARG A 1 55 ? 14.443  6.530   11.110  1.00 28.38  ? 64   ARG A N   1 
ATOM   386  C CA  . ARG A 1 55 ? 15.061  7.823   11.385  1.00 28.97  ? 64   ARG A CA  1 
ATOM   387  C C   . ARG A 1 55 ? 14.108  8.819   12.037  1.00 23.41  ? 64   ARG A C   1 
ATOM   388  O O   . ARG A 1 55 ? 14.398  10.015  12.114  1.00 24.05  ? 64   ARG A O   1 
ATOM   389  C CB  . ARG A 1 55 ? 15.646  8.417   10.102  1.00 31.85  ? 64   ARG A CB  1 
ATOM   390  C CG  . ARG A 1 55 ? 16.824  7.620   9.554   1.00 39.01  ? 64   ARG A CG  1 
ATOM   391  C CD  . ARG A 1 55 ? 17.486  8.337   8.391   1.00 43.57  ? 64   ARG A CD  1 
ATOM   392  N NE  . ARG A 1 55 ? 18.694  7.655   7.937   1.00 48.91  ? 64   ARG A NE  1 
ATOM   393  C CZ  . ARG A 1 55 ? 19.784  7.483   8.679   1.00 51.14  ? 64   ARG A CZ  1 
ATOM   394  N NH1 . ARG A 1 55 ? 19.826  7.945   9.923   1.00 52.93  ? 64   ARG A NH1 1 
ATOM   395  N NH2 . ARG A 1 55 ? 20.834  6.845   8.180   1.00 52.56  ? 64   ARG A NH2 1 
ATOM   396  N N   . LEU A 1 56 ? 12.967  8.319   12.493  1.00 20.20  ? 65   LEU A N   1 
ATOM   397  C CA  . LEU A 1 56 ? 11.974  9.142   13.174  1.00 21.82  ? 65   LEU A CA  1 
ATOM   398  C C   . LEU A 1 56 ? 11.801  8.567   14.571  1.00 22.82  ? 65   LEU A C   1 
ATOM   399  O O   . LEU A 1 56 ? 11.650  7.356   14.735  1.00 24.07  ? 65   LEU A O   1 
ATOM   400  C CB  . LEU A 1 56 ? 10.635  9.107   12.438  1.00 23.59  ? 65   LEU A CB  1 
ATOM   401  C CG  . LEU A 1 56 ? 10.531  9.908   11.139  1.00 22.65  ? 65   LEU A CG  1 
ATOM   402  C CD1 . LEU A 1 56 ? 9.165   9.676   10.509  1.00 23.46  ? 65   LEU A CD1 1 
ATOM   403  C CD2 . LEU A 1 56 ? 10.730  11.391  11.427  1.00 24.37  ? 65   LEU A CD2 1 
ATOM   404  N N   . LYS A 1 57 ? 11.821  9.434   15.575  1.00 20.11  ? 66   LYS A N   1 
ATOM   405  C CA  . LYS A 1 57 ? 11.680  8.980   16.945  1.00 20.87  ? 66   LYS A CA  1 
ATOM   406  C C   . LYS A 1 57 ? 10.532  9.665   17.658  1.00 20.83  ? 66   LYS A C   1 
ATOM   407  O O   . LYS A 1 57 ? 10.187  10.807  17.364  1.00 18.17  ? 66   LYS A O   1 
ATOM   408  C CB  . LYS A 1 57 ? 12.973  9.250   17.726  1.00 23.02  ? 66   LYS A CB  1 
ATOM   409  C CG  . LYS A 1 57 ? 14.219  8.618   17.111  1.00 29.20  ? 66   LYS A CG  1 
ATOM   410  C CD  . LYS A 1 57 ? 14.079  7.106   17.010  1.00 35.15  ? 66   LYS A CD  1 
ATOM   411  C CE  . LYS A 1 57 ? 15.282  6.478   16.317  1.00 39.54  ? 66   LYS A CE  1 
ATOM   412  N NZ  . LYS A 1 57 ? 16.556  6.777   17.031  1.00 42.88  ? 66   LYS A NZ  1 
ATOM   413  N N   . VAL A 1 58 ? 9.937   8.941   18.593  1.00 20.64  ? 67   VAL A N   1 
ATOM   414  C CA  . VAL A 1 58 ? 8.870   9.492   19.398  1.00 17.49  ? 67   VAL A CA  1 
ATOM   415  C C   . VAL A 1 58 ? 9.545   10.624  20.154  1.00 17.56  ? 67   VAL A C   1 
ATOM   416  O O   . VAL A 1 58 ? 10.639  10.442  20.695  1.00 18.49  ? 67   VAL A O   1 
ATOM   417  C CB  . VAL A 1 58 ? 8.361   8.454   20.396  1.00 18.63  ? 67   VAL A CB  1 
ATOM   418  C CG1 . VAL A 1 58 ? 7.363   9.095   21.355  1.00 21.47  ? 67   VAL A CG1 1 
ATOM   419  C CG2 . VAL A 1 58 ? 7.762   7.289   19.646  1.00 22.76  ? 67   VAL A CG2 1 
ATOM   420  N N   . GLY A 1 59 ? 8.906   11.787  20.184  1.00 16.20  ? 68   GLY A N   1 
ATOM   421  C CA  . GLY A 1 59 ? 9.489   12.930  20.864  1.00 17.41  ? 68   GLY A CA  1 
ATOM   422  C C   . GLY A 1 59 ? 10.087  13.939  19.894  1.00 16.65  ? 68   GLY A C   1 
ATOM   423  O O   . GLY A 1 59 ? 10.383  15.072  20.271  1.00 17.02  ? 68   GLY A O   1 
ATOM   424  N N   . ASP A 1 60 ? 10.281  13.530  18.641  1.00 17.37  ? 69   ASP A N   1 
ATOM   425  C CA  . ASP A 1 60 ? 10.831  14.447  17.636  1.00 19.72  ? 69   ASP A CA  1 
ATOM   426  C C   . ASP A 1 60 ? 9.808   15.533  17.341  1.00 19.02  ? 69   ASP A C   1 
ATOM   427  O O   . ASP A 1 60 ? 8.610   15.289  17.433  1.00 20.00  ? 69   ASP A O   1 
ATOM   428  C CB  . ASP A 1 60 ? 11.113  13.728  16.312  1.00 18.60  ? 69   ASP A CB  1 
ATOM   429  C CG  . ASP A 1 60 ? 12.336  12.842  16.358  1.00 21.93  ? 69   ASP A CG  1 
ATOM   430  O OD1 . ASP A 1 60 ? 13.158  12.986  17.283  1.00 20.56  ? 69   ASP A OD1 1 
ATOM   431  O OD2 . ASP A 1 60 ? 12.482  12.009  15.436  1.00 20.35  ? 69   ASP A OD2 1 
ATOM   432  N N   . ARG A 1 61 ? 10.262  16.729  16.984  1.00 17.48  ? 70   ARG A N   1 
ATOM   433  C CA  . ARG A 1 61 ? 9.310   17.771  16.629  1.00 19.10  ? 70   ARG A CA  1 
ATOM   434  C C   . ARG A 1 61 ? 9.314   17.951  15.109  1.00 20.57  ? 70   ARG A C   1 
ATOM   435  O O   . ARG A 1 61 ? 10.348  17.805  14.455  1.00 21.01  ? 70   ARG A O   1 
ATOM   436  C CB  . ARG A 1 61 ? 9.641   19.096  17.328  1.00 26.28  ? 70   ARG A CB  1 
ATOM   437  C CG  . ARG A 1 61 ? 11.011  19.652  17.050  1.00 37.99  ? 70   ARG A CG  1 
ATOM   438  C CD  . ARG A 1 61 ? 11.794  19.835  18.342  1.00 44.05  ? 70   ARG A CD  1 
ATOM   439  N NE  . ARG A 1 61 ? 12.087  18.556  18.986  1.00 47.64  ? 70   ARG A NE  1 
ATOM   440  C CZ  . ARG A 1 61 ? 12.819  18.424  20.088  1.00 46.17  ? 70   ARG A CZ  1 
ATOM   441  N NH1 . ARG A 1 61 ? 13.332  19.494  20.678  1.00 47.41  ? 70   ARG A NH1 1 
ATOM   442  N NH2 . ARG A 1 61 ? 13.051  17.218  20.589  1.00 45.27  ? 70   ARG A NH2 1 
ATOM   443  N N   . ILE A 1 62 ? 8.146   18.232  14.550  1.00 17.74  ? 71   ILE A N   1 
ATOM   444  C CA  . ILE A 1 62 ? 8.033   18.452  13.119  1.00 16.43  ? 71   ILE A CA  1 
ATOM   445  C C   . ILE A 1 62 ? 8.048   19.962  12.882  1.00 16.14  ? 71   ILE A C   1 
ATOM   446  O O   . ILE A 1 62 ? 7.174   20.684  13.364  1.00 18.19  ? 71   ILE A O   1 
ATOM   447  C CB  . ILE A 1 62 ? 6.729   17.840  12.571  1.00 17.38  ? 71   ILE A CB  1 
ATOM   448  C CG1 . ILE A 1 62 ? 6.699   16.341  12.891  1.00 16.41  ? 71   ILE A CG1 1 
ATOM   449  C CG2 . ILE A 1 62 ? 6.644   18.061  11.063  1.00 17.81  ? 71   ILE A CG2 1 
ATOM   450  C CD1 . ILE A 1 62 ? 5.384   15.658  12.571  1.00 20.02  ? 71   ILE A CD1 1 
ATOM   451  N N   . LEU A 1 63 ? 9.063   20.439  12.165  1.00 15.85  ? 72   LEU A N   1 
ATOM   452  C CA  . LEU A 1 63 ? 9.185   21.866  11.888  1.00 17.95  ? 72   LEU A CA  1 
ATOM   453  C C   . LEU A 1 63 ? 8.413   22.265  10.638  1.00 19.40  ? 72   LEU A C   1 
ATOM   454  O O   . LEU A 1 63 ? 7.760   23.308  10.611  1.00 19.33  ? 72   LEU A O   1 
ATOM   455  C CB  . LEU A 1 63 ? 10.656  22.257  11.738  1.00 19.32  ? 72   LEU A CB  1 
ATOM   456  C CG  . LEU A 1 63 ? 11.531  22.024  12.975  1.00 21.53  ? 72   LEU A CG  1 
ATOM   457  C CD1 . LEU A 1 63 ? 12.941  22.551  12.714  1.00 22.31  ? 72   LEU A CD1 1 
ATOM   458  C CD2 . LEU A 1 63 ? 10.919  22.724  14.186  1.00 23.37  ? 72   LEU A CD2 1 
ATOM   459  N N   . SER A 1 64 ? 8.491   21.441  9.600   1.00 18.28  ? 73   SER A N   1 
ATOM   460  C CA  . SER A 1 64 ? 7.774   21.742  8.369   1.00 20.21  ? 73   SER A CA  1 
ATOM   461  C C   . SER A 1 64 ? 7.373   20.450  7.684   1.00 21.56  ? 73   SER A C   1 
ATOM   462  O O   . SER A 1 64 ? 7.927   19.386  7.968   1.00 17.93  ? 73   SER A O   1 
ATOM   463  C CB  . SER A 1 64 ? 8.630   22.595  7.427   1.00 19.58  ? 73   SER A CB  1 
ATOM   464  O OG  . SER A 1 64 ? 9.756   21.890  6.944   1.00 22.61  ? 73   SER A OG  1 
ATOM   465  N N   . LEU A 1 65 ? 6.396   20.555  6.792   1.00 20.67  ? 74   LEU A N   1 
ATOM   466  C CA  . LEU A 1 65 ? 5.882   19.408  6.051   1.00 23.52  ? 74   LEU A CA  1 
ATOM   467  C C   . LEU A 1 65 ? 5.735   19.808  4.589   1.00 25.85  ? 74   LEU A C   1 
ATOM   468  O O   . LEU A 1 65 ? 4.955   20.696  4.261   1.00 27.30  ? 74   LEU A O   1 
ATOM   469  C CB  . LEU A 1 65 ? 4.526   18.996  6.628   1.00 27.14  ? 74   LEU A CB  1 
ATOM   470  C CG  . LEU A 1 65 ? 3.745   17.885  5.923   1.00 32.72  ? 74   LEU A CG  1 
ATOM   471  C CD1 . LEU A 1 65 ? 4.583   16.627  5.841   1.00 37.70  ? 74   LEU A CD1 1 
ATOM   472  C CD2 . LEU A 1 65 ? 2.457   17.626  6.686   1.00 37.58  ? 74   LEU A CD2 1 
ATOM   473  N N   . ASN A 1 66 ? 6.491   19.152  3.715   1.00 26.43  ? 75   ASN A N   1 
ATOM   474  C CA  . ASN A 1 66 ? 6.457   19.472  2.292   1.00 28.43  ? 75   ASN A CA  1 
ATOM   475  C C   . ASN A 1 66 ? 6.663   20.968  2.070   1.00 31.10  ? 75   ASN A C   1 
ATOM   476  O O   . ASN A 1 66 ? 5.977   21.591  1.259   1.00 31.61  ? 75   ASN A O   1 
ATOM   477  C CB  . ASN A 1 66 ? 5.134   19.024  1.657   1.00 27.29  ? 75   ASN A CB  1 
ATOM   478  C CG  . ASN A 1 66 ? 5.051   17.518  1.491   1.00 29.35  ? 75   ASN A CG  1 
ATOM   479  O OD1 . ASN A 1 66 ? 6.073   16.836  1.430   1.00 27.27  ? 75   ASN A OD1 1 
ATOM   480  N ND2 . ASN A 1 66 ? 3.833   16.994  1.400   1.00 31.00  ? 75   ASN A ND2 1 
ATOM   481  N N   . GLY A 1 67 ? 7.611   21.537  2.809   1.00 32.52  ? 76   GLY A N   1 
ATOM   482  C CA  . GLY A 1 67 ? 7.925   22.948  2.670   1.00 33.20  ? 76   GLY A CA  1 
ATOM   483  C C   . GLY A 1 67 ? 7.019   23.917  3.399   1.00 32.51  ? 76   GLY A C   1 
ATOM   484  O O   . GLY A 1 67 ? 7.212   25.129  3.309   1.00 36.02  ? 76   GLY A O   1 
ATOM   485  N N   . LYS A 1 68 ? 6.032   23.402  4.122   1.00 29.93  ? 77   LYS A N   1 
ATOM   486  C CA  . LYS A 1 68 ? 5.117   24.265  4.854   1.00 29.79  ? 77   LYS A CA  1 
ATOM   487  C C   . LYS A 1 68 ? 5.436   24.286  6.345   1.00 29.00  ? 77   LYS A C   1 
ATOM   488  O O   . LYS A 1 68 ? 5.480   23.241  6.991   1.00 24.92  ? 77   LYS A O   1 
ATOM   489  C CB  . LYS A 1 68 ? 3.677   23.806  4.642   1.00 31.26  ? 77   LYS A CB  1 
ATOM   490  C CG  . LYS A 1 68 ? 2.642   24.719  5.278   1.00 37.46  ? 77   LYS A CG  1 
ATOM   491  C CD  . LYS A 1 68 ? 1.247   24.393  4.779   1.00 40.35  ? 77   LYS A CD  1 
ATOM   492  C CE  . LYS A 1 68 ? 0.231   25.409  5.277   1.00 44.10  ? 77   LYS A CE  1 
ATOM   493  N NZ  . LYS A 1 68 ? -1.123  25.146  4.712   1.00 47.09  ? 77   LYS A NZ  1 
ATOM   494  N N   . ASP A 1 69 ? 5.662   25.488  6.873   1.00 27.51  ? 78   ASP A N   1 
ATOM   495  C CA  . ASP A 1 69 ? 5.975   25.696  8.286   1.00 27.74  ? 78   ASP A CA  1 
ATOM   496  C C   . ASP A 1 69 ? 4.799   25.262  9.166   1.00 27.73  ? 78   ASP A C   1 
ATOM   497  O O   . ASP A 1 69 ? 3.689   25.772  9.016   1.00 28.45  ? 78   ASP A O   1 
ATOM   498  C CB  . ASP A 1 69 ? 6.276   27.185  8.511   1.00 32.43  ? 78   ASP A CB  1 
ATOM   499  C CG  . ASP A 1 69 ? 6.628   27.514  9.951   1.00 34.41  ? 78   ASP A CG  1 
ATOM   500  O OD1 . ASP A 1 69 ? 6.741   28.722  10.258  1.00 37.38  ? 78   ASP A OD1 1 
ATOM   501  O OD2 . ASP A 1 69 ? 6.798   26.586  10.771  1.00 31.25  ? 78   ASP A OD2 1 
ATOM   502  N N   . VAL A 1 70 ? 5.030   24.325  10.083  1.00 23.67  ? 79   VAL A N   1 
ATOM   503  C CA  . VAL A 1 70 ? 3.956   23.862  10.959  1.00 22.06  ? 79   VAL A CA  1 
ATOM   504  C C   . VAL A 1 70 ? 4.278   24.063  12.439  1.00 21.42  ? 79   VAL A C   1 
ATOM   505  O O   . VAL A 1 70 ? 3.625   23.484  13.314  1.00 21.14  ? 79   VAL A O   1 
ATOM   506  C CB  . VAL A 1 70 ? 3.630   22.362  10.716  1.00 22.73  ? 79   VAL A CB  1 
ATOM   507  C CG1 . VAL A 1 70 ? 3.152   22.160  9.284   1.00 23.63  ? 79   VAL A CG1 1 
ATOM   508  C CG2 . VAL A 1 70 ? 4.861   21.500  10.996  1.00 20.81  ? 79   VAL A CG2 1 
ATOM   509  N N   . ARG A 1 71 ? 5.271   24.903  12.714  1.00 23.71  ? 80   ARG A N   1 
ATOM   510  C CA  . ARG A 1 71 ? 5.681   25.168  14.090  1.00 26.41  ? 80   ARG A CA  1 
ATOM   511  C C   . ARG A 1 71 ? 4.532   25.602  14.993  1.00 26.30  ? 80   ARG A C   1 
ATOM   512  O O   . ARG A 1 71 ? 4.472   25.208  16.156  1.00 27.24  ? 80   ARG A O   1 
ATOM   513  C CB  . ARG A 1 71 ? 6.779   26.234  14.125  1.00 26.31  ? 80   ARG A CB  1 
ATOM   514  C CG  . ARG A 1 71 ? 8.104   25.802  13.501  1.00 33.01  ? 80   ARG A CG  1 
ATOM   515  C CD  . ARG A 1 71 ? 9.084   26.970  13.457  1.00 35.12  ? 80   ARG A CD  1 
ATOM   516  N NE  . ARG A 1 71 ? 10.386  26.609  12.897  1.00 39.41  ? 80   ARG A NE  1 
ATOM   517  C CZ  . ARG A 1 71 ? 10.575  26.155  11.662  1.00 40.04  ? 80   ARG A CZ  1 
ATOM   518  N NH1 . ARG A 1 71 ? 9.544   25.997  10.840  1.00 39.55  ? 80   ARG A NH1 1 
ATOM   519  N NH2 . ARG A 1 71 ? 11.801  25.873  11.240  1.00 40.92  ? 80   ARG A NH2 1 
ATOM   520  N N   . ASN A 1 72 ? 3.616   26.405  14.462  1.00 24.93  ? 81   ASN A N   1 
ATOM   521  C CA  . ASN A 1 72 ? 2.492   26.887  15.263  1.00 26.05  ? 81   ASN A CA  1 
ATOM   522  C C   . ASN A 1 72 ? 1.142   26.349  14.809  1.00 24.34  ? 81   ASN A C   1 
ATOM   523  O O   . ASN A 1 72 ? 0.095   26.874  15.187  1.00 23.99  ? 81   ASN A O   1 
ATOM   524  C CB  . ASN A 1 72 ? 2.459   28.420  15.245  1.00 29.81  ? 81   ASN A CB  1 
ATOM   525  C CG  . ASN A 1 72 ? 3.736   29.035  15.786  1.00 32.85  ? 81   ASN A CG  1 
ATOM   526  O OD1 . ASN A 1 72 ? 4.218   28.646  16.847  1.00 36.03  ? 81   ASN A OD1 1 
ATOM   527  N ND2 . ASN A 1 72 ? 4.286   30.003  15.059  1.00 37.46  ? 81   ASN A ND2 1 
ATOM   528  N N   . SER A 1 73 ? 1.164   25.288  14.010  1.00 22.65  ? 82   SER A N   1 
ATOM   529  C CA  . SER A 1 73 ? -0.070  24.703  13.510  1.00 22.25  ? 82   SER A CA  1 
ATOM   530  C C   . SER A 1 73 ? -0.807  23.884  14.561  1.00 22.81  ? 82   SER A C   1 
ATOM   531  O O   . SER A 1 73 ? -0.221  23.421  15.547  1.00 20.59  ? 82   SER A O   1 
ATOM   532  C CB  . SER A 1 73 ? 0.223   23.810  12.295  1.00 23.81  ? 82   SER A CB  1 
ATOM   533  O OG  . SER A 1 73 ? 0.764   24.559  11.220  1.00 26.13  ? 82   SER A OG  1 
ATOM   534  N N   . THR A 1 74 ? -2.108  23.730  14.351  1.00 19.03  ? 83   THR A N   1 
ATOM   535  C CA  . THR A 1 74 ? -2.937  22.919  15.225  1.00 20.57  ? 83   THR A CA  1 
ATOM   536  C C   . THR A 1 74 ? -2.669  21.492  14.753  1.00 20.84  ? 83   THR A C   1 
ATOM   537  O O   . THR A 1 74 ? -2.153  21.298  13.649  1.00 18.95  ? 83   THR A O   1 
ATOM   538  C CB  . THR A 1 74 ? -4.427  23.222  15.013  1.00 26.24  ? 83   THR A CB  1 
ATOM   539  O OG1 . THR A 1 74 ? -4.760  23.027  13.630  1.00 23.12  ? 83   THR A OG1 1 
ATOM   540  C CG2 . THR A 1 74 ? -4.741  24.658  15.409  1.00 27.52  ? 83   THR A CG2 1 
ATOM   541  N N   . GLU A 1 75 ? -3.004  20.498  15.567  1.00 20.34  ? 84   GLU A N   1 
ATOM   542  C CA  . GLU A 1 75 ? -2.782  19.113  15.162  1.00 22.94  ? 84   GLU A CA  1 
ATOM   543  C C   . GLU A 1 75 ? -3.600  18.792  13.915  1.00 23.18  ? 84   GLU A C   1 
ATOM   544  O O   . GLU A 1 75 ? -3.094  18.196  12.966  1.00 18.58  ? 84   GLU A O   1 
ATOM   545  C CB  . GLU A 1 75 ? -3.165  18.139  16.277  1.00 26.18  ? 84   GLU A CB  1 
ATOM   546  C CG  . GLU A 1 75 ? -2.327  18.269  17.539  1.00 26.90  ? 84   GLU A CG  1 
ATOM   547  C CD  . GLU A 1 75 ? -2.998  19.115  18.602  1.00 30.67  ? 84   GLU A CD  1 
ATOM   548  O OE1 . GLU A 1 75 ? -3.555  20.175  18.256  1.00 33.28  ? 84   GLU A OE1 1 
ATOM   549  O OE2 . GLU A 1 75 ? -2.959  18.722  19.787  1.00 35.22  ? 84   GLU A OE2 1 
ATOM   550  N N   . GLN A 1 76 ? -4.865  19.200  13.912  1.00 20.72  ? 85   GLN A N   1 
ATOM   551  C CA  . GLN A 1 76 ? -5.728  18.926  12.769  1.00 23.19  ? 85   GLN A CA  1 
ATOM   552  C C   . GLN A 1 76 ? -5.194  19.516  11.472  1.00 21.88  ? 85   GLN A C   1 
ATOM   553  O O   . GLN A 1 76 ? -5.307  18.897  10.411  1.00 23.84  ? 85   GLN A O   1 
ATOM   554  C CB  . GLN A 1 76 ? -7.138  19.461  13.023  1.00 25.39  ? 85   GLN A CB  1 
ATOM   555  C CG  . GLN A 1 76 ? -8.137  18.991  11.986  1.00 28.77  ? 85   GLN A CG  1 
ATOM   556  C CD  . GLN A 1 76 ? -8.204  17.479  11.907  1.00 30.50  ? 85   GLN A CD  1 
ATOM   557  O OE1 . GLN A 1 76 ? -8.470  16.806  12.904  1.00 35.51  ? 85   GLN A OE1 1 
ATOM   558  N NE2 . GLN A 1 76 ? -7.963  16.937  10.720  1.00 31.04  ? 85   GLN A NE2 1 
ATOM   559  N N   . ALA A 1 77 ? -4.620  20.713  11.549  1.00 20.85  ? 86   ALA A N   1 
ATOM   560  C CA  . ALA A 1 77 ? -4.071  21.369  10.368  1.00 21.36  ? 86   ALA A CA  1 
ATOM   561  C C   . ALA A 1 77 ? -2.939  20.546  9.760   1.00 21.55  ? 86   ALA A C   1 
ATOM   562  O O   . ALA A 1 77 ? -2.806  20.463  8.538   1.00 19.33  ? 86   ALA A O   1 
ATOM   563  C CB  . ALA A 1 77 ? -3.566  22.765  10.723  1.00 21.91  ? 86   ALA A CB  1 
ATOM   564  N N   . VAL A 1 78 ? -2.115  19.942  10.611  1.00 21.49  ? 87   VAL A N   1 
ATOM   565  C CA  . VAL A 1 78 ? -1.011  19.130  10.114  1.00 19.35  ? 87   VAL A CA  1 
ATOM   566  C C   . VAL A 1 78 ? -1.570  17.852  9.498   1.00 19.72  ? 87   VAL A C   1 
ATOM   567  O O   . VAL A 1 78 ? -1.102  17.406  8.447   1.00 21.98  ? 87   VAL A O   1 
ATOM   568  C CB  . VAL A 1 78 ? -0.024  18.763  11.240  1.00 19.29  ? 87   VAL A CB  1 
ATOM   569  C CG1 . VAL A 1 78 ? 1.065   17.843  10.694  1.00 17.51  ? 87   VAL A CG1 1 
ATOM   570  C CG2 . VAL A 1 78 ? 0.597   20.034  11.818  1.00 19.33  ? 87   VAL A CG2 1 
ATOM   571  N N   . ILE A 1 79 ? -2.569  17.266  10.150  1.00 18.68  ? 88   ILE A N   1 
ATOM   572  C CA  . ILE A 1 79 ? -3.183  16.044  9.630   1.00 21.86  ? 88   ILE A CA  1 
ATOM   573  C C   . ILE A 1 79 ? -3.806  16.319  8.261   1.00 22.34  ? 88   ILE A C   1 
ATOM   574  O O   . ILE A 1 79 ? -3.659  15.516  7.338   1.00 22.49  ? 88   ILE A O   1 
ATOM   575  C CB  . ILE A 1 79 ? -4.274  15.497  10.581  1.00 21.24  ? 88   ILE A CB  1 
ATOM   576  C CG1 . ILE A 1 79 ? -3.634  15.015  11.887  1.00 23.03  ? 88   ILE A CG1 1 
ATOM   577  C CG2 . ILE A 1 79 ? -5.025  14.352  9.915   1.00 23.99  ? 88   ILE A CG2 1 
ATOM   578  C CD1 . ILE A 1 79 ? -2.550  13.953  11.700  1.00 20.37  ? 88   ILE A CD1 1 
ATOM   579  N N   . ASP A 1 80 ? -4.494  17.450  8.125   1.00 22.02  ? 89   ASP A N   1 
ATOM   580  C CA  . ASP A 1 80 ? -5.104  17.788  6.841   1.00 25.89  ? 89   ASP A CA  1 
ATOM   581  C C   . ASP A 1 80 ? -4.025  17.912  5.769   1.00 25.29  ? 89   ASP A C   1 
ATOM   582  O O   . ASP A 1 80 ? -4.193  17.426  4.650   1.00 23.98  ? 89   ASP A O   1 
ATOM   583  C CB  . ASP A 1 80 ? -5.891  19.102  6.924   1.00 27.00  ? 89   ASP A CB  1 
ATOM   584  C CG  . ASP A 1 80 ? -7.080  19.015  7.863   1.00 33.00  ? 89   ASP A CG  1 
ATOM   585  O OD1 . ASP A 1 80 ? -7.726  17.948  7.925   1.00 34.72  ? 89   ASP A OD1 1 
ATOM   586  O OD2 . ASP A 1 80 ? -7.377  20.023  8.536   1.00 38.32  ? 89   ASP A OD2 1 
ATOM   587  N N   . LEU A 1 81 ? -2.917  18.562  6.114   1.00 23.99  ? 90   LEU A N   1 
ATOM   588  C CA  . LEU A 1 81 ? -1.808  18.732  5.178   1.00 22.88  ? 90   LEU A CA  1 
ATOM   589  C C   . LEU A 1 81 ? -1.281  17.380  4.710   1.00 23.76  ? 90   LEU A C   1 
ATOM   590  O O   . LEU A 1 81 ? -1.008  17.182  3.524   1.00 23.53  ? 90   LEU A O   1 
ATOM   591  C CB  . LEU A 1 81 ? -0.667  19.515  5.835   1.00 23.69  ? 90   LEU A CB  1 
ATOM   592  C CG  . LEU A 1 81 ? -0.847  21.024  5.996   1.00 27.52  ? 90   LEU A CG  1 
ATOM   593  C CD1 . LEU A 1 81 ? 0.308   21.603  6.816   1.00 27.76  ? 90   LEU A CD1 1 
ATOM   594  C CD2 . LEU A 1 81 ? -0.907  21.668  4.616   1.00 30.93  ? 90   LEU A CD2 1 
ATOM   595  N N   . ILE A 1 82 ? -1.128  16.451  5.646   1.00 21.18  ? 91   ILE A N   1 
ATOM   596  C CA  . ILE A 1 82 ? -0.637  15.123  5.309   1.00 23.16  ? 91   ILE A CA  1 
ATOM   597  C C   . ILE A 1 82 ? -1.606  14.385  4.389   1.00 24.58  ? 91   ILE A C   1 
ATOM   598  O O   . ILE A 1 82 ? -1.187  13.750  3.423   1.00 23.67  ? 91   ILE A O   1 
ATOM   599  C CB  . ILE A 1 82 ? -0.420  14.266  6.572   1.00 24.32  ? 91   ILE A CB  1 
ATOM   600  C CG1 . ILE A 1 82 ? 0.664   14.895  7.447   1.00 24.43  ? 91   ILE A CG1 1 
ATOM   601  C CG2 . ILE A 1 82 ? -0.004  12.845  6.176   1.00 22.39  ? 91   ILE A CG2 1 
ATOM   602  C CD1 . ILE A 1 82 ? 0.861   14.178  8.776   1.00 20.94  ? 91   ILE A CD1 1 
ATOM   603  N N   . LYS A 1 83 ? -2.900  14.472  4.686   1.00 24.10  ? 92   LYS A N   1 
ATOM   604  C CA  . LYS A 1 83 ? -3.905  13.790  3.875   1.00 27.33  ? 92   LYS A CA  1 
ATOM   605  C C   . LYS A 1 83 ? -4.025  14.381  2.478   1.00 30.69  ? 92   LYS A C   1 
ATOM   606  O O   . LYS A 1 83 ? -4.477  13.713  1.546   1.00 30.02  ? 92   LYS A O   1 
ATOM   607  C CB  . LYS A 1 83 ? -5.263  13.814  4.583   1.00 32.57  ? 92   LYS A CB  1 
ATOM   608  C CG  . LYS A 1 83 ? -5.293  12.965  5.845   1.00 37.58  ? 92   LYS A CG  1 
ATOM   609  C CD  . LYS A 1 83 ? -6.672  12.930  6.489   1.00 41.03  ? 92   LYS A CD  1 
ATOM   610  C CE  . LYS A 1 83 ? -6.678  11.981  7.684   1.00 44.34  ? 92   LYS A CE  1 
ATOM   611  N NZ  . LYS A 1 83 ? -8.012  11.884  8.340   1.00 47.53  ? 92   LYS A NZ  1 
ATOM   612  N N   . GLU A 1 84 ? -3.603  15.630  2.330   1.00 28.47  ? 93   GLU A N   1 
ATOM   613  C CA  . GLU A 1 84 ? -3.654  16.303  1.042   1.00 29.74  ? 93   GLU A CA  1 
ATOM   614  C C   . GLU A 1 84 ? -2.475  15.906  0.168   1.00 32.59  ? 93   GLU A C   1 
ATOM   615  O O   . GLU A 1 84 ? -2.470  16.165  -1.036  1.00 32.24  ? 93   GLU A O   1 
ATOM   616  C CB  . GLU A 1 84 ? -3.661  17.812  1.245   1.00 29.79  ? 93   GLU A CB  1 
ATOM   617  C CG  . GLU A 1 84 ? -5.001  18.350  1.698   1.00 33.41  ? 93   GLU A CG  1 
ATOM   618  C CD  . GLU A 1 84 ? -4.908  19.772  2.194   1.00 34.91  ? 93   GLU A CD  1 
ATOM   619  O OE1 . GLU A 1 84 ? -3.952  20.470  1.804   1.00 35.85  ? 93   GLU A OE1 1 
ATOM   620  O OE2 . GLU A 1 84 ? -5.796  20.193  2.966   1.00 39.39  ? 93   GLU A OE2 1 
ATOM   621  N N   . ALA A 1 85 ? -1.476  15.274  0.775   1.00 31.48  ? 94   ALA A N   1 
ATOM   622  C CA  . ALA A 1 85 ? -0.299  14.841  0.038   1.00 32.82  ? 94   ALA A CA  1 
ATOM   623  C C   . ALA A 1 85 ? -0.609  13.551  -0.717  1.00 34.20  ? 94   ALA A C   1 
ATOM   624  O O   . ALA A 1 85 ? -1.573  12.853  -0.407  1.00 34.37  ? 94   ALA A O   1 
ATOM   625  C CB  . ALA A 1 85 ? 0.869   14.628  0.996   1.00 32.91  ? 94   ALA A CB  1 
ATOM   626  N N   . ASP A 1 86 ? 0.205   13.238  -1.717  1.00 36.18  ? 95   ASP A N   1 
ATOM   627  C CA  . ASP A 1 86 ? -0.006  12.022  -2.489  1.00 37.81  ? 95   ASP A CA  1 
ATOM   628  C C   . ASP A 1 86 ? 0.445   10.828  -1.653  1.00 37.60  ? 95   ASP A C   1 
ATOM   629  O O   . ASP A 1 86 ? -0.202  10.466  -0.670  1.00 42.33  ? 95   ASP A O   1 
ATOM   630  C CB  . ASP A 1 86 ? 0.779   12.086  -3.793  1.00 41.16  ? 95   ASP A CB  1 
ATOM   631  N N   . PHE A 1 87 ? 1.565   10.229  -2.040  1.00 32.84  ? 96   PHE A N   1 
ATOM   632  C CA  . PHE A 1 87 ? 2.099   9.080   -1.326  1.00 29.81  ? 96   PHE A CA  1 
ATOM   633  C C   . PHE A 1 87 ? 3.335   9.447   -0.516  1.00 26.72  ? 96   PHE A C   1 
ATOM   634  O O   . PHE A 1 87 ? 3.835   8.631   0.253   1.00 24.12  ? 96   PHE A O   1 
ATOM   635  C CB  . PHE A 1 87 ? 2.455   7.960   -2.308  1.00 34.43  ? 96   PHE A CB  1 
ATOM   636  C CG  . PHE A 1 87 ? 3.411   8.378   -3.393  1.00 40.06  ? 96   PHE A CG  1 
ATOM   637  C CD1 . PHE A 1 87 ? 3.031   9.314   -4.355  1.00 43.72  ? 96   PHE A CD1 1 
ATOM   638  C CD2 . PHE A 1 87 ? 4.692   7.839   -3.454  1.00 42.75  ? 96   PHE A CD2 1 
ATOM   639  C CE1 . PHE A 1 87 ? 3.916   9.706   -5.362  1.00 45.22  ? 96   PHE A CE1 1 
ATOM   640  C CE2 . PHE A 1 87 ? 5.585   8.224   -4.456  1.00 45.27  ? 96   PHE A CE2 1 
ATOM   641  C CZ  . PHE A 1 87 ? 5.195   9.160   -5.411  1.00 45.98  ? 96   PHE A CZ  1 
ATOM   642  N N   . LYS A 1 88 ? 3.827   10.671  -0.685  1.00 27.21  ? 97   LYS A N   1 
ATOM   643  C CA  . LYS A 1 88 ? 5.020   11.087  0.043   1.00 26.82  ? 97   LYS A CA  1 
ATOM   644  C C   . LYS A 1 88 ? 4.924   12.414  0.778   1.00 25.63  ? 97   LYS A C   1 
ATOM   645  O O   . LYS A 1 88 ? 4.220   13.340  0.368   1.00 24.11  ? 97   LYS A O   1 
ATOM   646  C CB  . LYS A 1 88 ? 6.228   11.146  -0.899  1.00 29.78  ? 97   LYS A CB  1 
ATOM   647  C CG  . LYS A 1 88 ? 6.528   9.845   -1.616  1.00 34.08  ? 97   LYS A CG  1 
ATOM   648  C CD  . LYS A 1 88 ? 7.957   9.786   -2.160  1.00 40.23  ? 97   LYS A CD  1 
ATOM   649  C CE  . LYS A 1 88 ? 8.325   11.004  -3.004  1.00 42.13  ? 97   LYS A CE  1 
ATOM   650  N NZ  . LYS A 1 88 ? 8.663   12.191  -2.165  1.00 45.59  ? 97   LYS A NZ  1 
ATOM   651  N N   . ILE A 1 89 ? 5.651   12.491  1.882   1.00 24.38  ? 98   ILE A N   1 
ATOM   652  C CA  . ILE A 1 89 ? 5.712   13.706  2.675   1.00 21.39  ? 98   ILE A CA  1 
ATOM   653  C C   . ILE A 1 89 ? 7.164   13.870  3.099   1.00 22.28  ? 98   ILE A C   1 
ATOM   654  O O   . ILE A 1 89 ? 7.818   12.896  3.481   1.00 21.76  ? 98   ILE A O   1 
ATOM   655  C CB  . ILE A 1 89 ? 4.812   13.633  3.938   1.00 23.12  ? 98   ILE A CB  1 
ATOM   656  C CG1 . ILE A 1 89 ? 5.224   12.450  4.820   1.00 22.59  ? 98   ILE A CG1 1 
ATOM   657  C CG2 . ILE A 1 89 ? 3.349   13.529  3.530   1.00 21.44  ? 98   ILE A CG2 1 
ATOM   658  C CD1 . ILE A 1 89 ? 4.522   12.416  6.183   1.00 24.31  ? 98   ILE A CD1 1 
ATOM   659  N N   . GLU A 1 90 ? 7.678   15.092  2.989   1.00 19.89  ? 99   GLU A N   1 
ATOM   660  C CA  . GLU A 1 90 ? 9.045   15.361  3.398   1.00 20.67  ? 99   GLU A CA  1 
ATOM   661  C C   . GLU A 1 90 ? 8.926   16.132  4.697   1.00 19.97  ? 99   GLU A C   1 
ATOM   662  O O   . GLU A 1 90 ? 8.285   17.179  4.748   1.00 18.78  ? 99   GLU A O   1 
ATOM   663  C CB  . GLU A 1 90 ? 9.793   16.199  2.363   1.00 23.03  ? 99   GLU A CB  1 
ATOM   664  C CG  . GLU A 1 90 ? 11.281  16.269  2.660   1.00 31.84  ? 99   GLU A CG  1 
ATOM   665  C CD  . GLU A 1 90 ? 12.075  17.022  1.614   1.00 36.88  ? 99   GLU A CD  1 
ATOM   666  O OE1 . GLU A 1 90 ? 13.323  16.935  1.653   1.00 40.16  ? 99   GLU A OE1 1 
ATOM   667  O OE2 . GLU A 1 90 ? 11.461  17.699  0.762   1.00 38.91  ? 99   GLU A OE2 1 
ATOM   668  N N   . LEU A 1 91 ? 9.546   15.604  5.742   1.00 18.51  ? 100  LEU A N   1 
ATOM   669  C CA  . LEU A 1 91 ? 9.475   16.217  7.057   1.00 19.87  ? 100  LEU A CA  1 
ATOM   670  C C   . LEU A 1 91 ? 10.795  16.814  7.512   1.00 17.15  ? 100  LEU A C   1 
ATOM   671  O O   . LEU A 1 91 ? 11.835  16.172  7.400   1.00 17.50  ? 100  LEU A O   1 
ATOM   672  C CB  . LEU A 1 91 ? 9.041   15.169  8.084   1.00 19.54  ? 100  LEU A CB  1 
ATOM   673  C CG  . LEU A 1 91 ? 7.725   14.430  7.828   1.00 22.21  ? 100  LEU A CG  1 
ATOM   674  C CD1 . LEU A 1 91 ? 7.646   13.179  8.695   1.00 25.72  ? 100  LEU A CD1 1 
ATOM   675  C CD2 . LEU A 1 91 ? 6.567   15.359  8.118   1.00 28.05  ? 100  LEU A CD2 1 
ATOM   676  N N   . GLU A 1 92 ? 10.739  18.048  8.008   1.00 17.59  ? 101  GLU A N   1 
ATOM   677  C CA  . GLU A 1 92 ? 11.916  18.718  8.557   1.00 17.08  ? 101  GLU A CA  1 
ATOM   678  C C   . GLU A 1 92 ? 11.717  18.353  10.022  1.00 15.68  ? 101  GLU A C   1 
ATOM   679  O O   . GLU A 1 92 ? 10.734  18.771  10.638  1.00 15.57  ? 101  GLU A O   1 
ATOM   680  C CB  . GLU A 1 92 ? 11.826  20.235  8.372   1.00 19.35  ? 101  GLU A CB  1 
ATOM   681  C CG  . GLU A 1 92 ? 13.053  20.994  8.873   1.00 19.73  ? 101  GLU A CG  1 
ATOM   682  C CD  . GLU A 1 92 ? 12.911  22.502  8.728   1.00 22.41  ? 101  GLU A CD  1 
ATOM   683  O OE1 . GLU A 1 92 ? 13.842  23.232  9.120   1.00 25.00  ? 101  GLU A OE1 1 
ATOM   684  O OE2 . GLU A 1 92 ? 11.865  22.959  8.229   1.00 26.40  ? 101  GLU A OE2 1 
ATOM   685  N N   . ILE A 1 93 ? 12.646  17.572  10.557  1.00 14.89  ? 102  ILE A N   1 
ATOM   686  C CA  . ILE A 1 93 ? 12.560  17.058  11.922  1.00 18.89  ? 102  ILE A CA  1 
ATOM   687  C C   . ILE A 1 93 ? 13.656  17.594  12.838  1.00 20.07  ? 102  ILE A C   1 
ATOM   688  O O   . ILE A 1 93 ? 14.806  17.710  12.431  1.00 17.87  ? 102  ILE A O   1 
ATOM   689  C CB  . ILE A 1 93 ? 12.686  15.502  11.906  1.00 17.08  ? 102  ILE A CB  1 
ATOM   690  C CG1 . ILE A 1 93 ? 11.521  14.877  11.132  1.00 17.90  ? 102  ILE A CG1 1 
ATOM   691  C CG2 . ILE A 1 93 ? 12.786  14.952  13.324  1.00 19.47  ? 102  ILE A CG2 1 
ATOM   692  C CD1 . ILE A 1 93 ? 10.170  15.098  11.756  1.00 14.90  ? 102  ILE A CD1 1 
ATOM   693  N N   . GLN A 1 94 ? 13.288  17.933  14.072  1.00 21.80  ? 103  GLN A N   1 
ATOM   694  C CA  . GLN A 1 94 ? 14.274  18.377  15.054  1.00 20.15  ? 103  GLN A CA  1 
ATOM   695  C C   . GLN A 1 94 ? 14.279  17.245  16.073  1.00 22.70  ? 103  GLN A C   1 
ATOM   696  O O   . GLN A 1 94 ? 13.245  16.943  16.673  1.00 21.47  ? 103  GLN A O   1 
ATOM   697  C CB  . GLN A 1 94 ? 13.868  19.692  15.712  1.00 20.57  ? 103  GLN A CB  1 
ATOM   698  C CG  . GLN A 1 94 ? 14.972  20.269  16.592  1.00 25.32  ? 103  GLN A CG  1 
ATOM   699  C CD  . GLN A 1 94 ? 14.590  21.588  17.210  1.00 28.71  ? 103  GLN A CD  1 
ATOM   700  O OE1 . GLN A 1 94 ? 13.862  22.375  16.607  1.00 32.58  ? 103  GLN A OE1 1 
ATOM   701  N NE2 . GLN A 1 94 ? 15.087  21.850  18.414  1.00 27.66  ? 103  GLN A NE2 1 
ATOM   702  N N   . THR A 1 95 ? 15.436  16.615  16.255  1.00 24.92  ? 104  THR A N   1 
ATOM   703  C CA  . THR A 1 95 ? 15.551  15.467  17.146  1.00 26.59  ? 104  THR A CA  1 
ATOM   704  C C   . THR A 1 95 ? 16.667  15.522  18.184  1.00 33.14  ? 104  THR A C   1 
ATOM   705  O O   . THR A 1 95 ? 17.520  16.410  18.157  1.00 30.91  ? 104  THR A O   1 
ATOM   706  C CB  . THR A 1 95 ? 15.762  14.187  16.319  1.00 26.40  ? 104  THR A CB  1 
ATOM   707  O OG1 . THR A 1 95 ? 15.740  13.043  17.178  1.00 26.52  ? 104  THR A OG1 1 
ATOM   708  C CG2 . THR A 1 95 ? 17.111  14.245  15.596  1.00 27.84  ? 104  THR A CG2 1 
ATOM   709  N N   . PHE A 1 96 ? 16.644  14.533  19.077  1.00 37.06  ? 105  PHE A N   1 
ATOM   710  C CA  . PHE A 1 96 ? 17.620  14.373  20.151  1.00 41.44  ? 105  PHE A CA  1 
ATOM   711  C C   . PHE A 1 96 ? 17.428  15.397  21.260  1.00 44.41  ? 105  PHE A C   1 
ATOM   712  O O   . PHE A 1 96 ? 17.355  14.973  22.430  1.00 45.58  ? 105  PHE A O   1 
ATOM   713  C CB  . PHE A 1 96 ? 19.034  14.452  19.593  1.00 42.58  ? 105  PHE A CB  1 
ATOM   714  N N   . GLY B 1 3  ? -18.610 -10.966 -27.280 1.00 41.18  ? 12   GLY B N   1 
ATOM   715  C CA  . GLY B 1 3  ? -18.198 -12.251 -26.653 1.00 38.01  ? 12   GLY B CA  1 
ATOM   716  C C   . GLY B 1 3  ? -17.145 -12.056 -25.579 1.00 35.77  ? 12   GLY B C   1 
ATOM   717  O O   . GLY B 1 3  ? -17.444 -11.608 -24.473 1.00 37.68  ? 12   GLY B O   1 
ATOM   718  N N   . GLU B 1 4  ? -15.904 -12.389 -25.908 1.00 33.16  ? 13   GLU B N   1 
ATOM   719  C CA  . GLU B 1 4  ? -14.808 -12.252 -24.963 1.00 29.03  ? 13   GLU B CA  1 
ATOM   720  C C   . GLU B 1 4  ? -14.093 -10.915 -25.086 1.00 25.26  ? 13   GLU B C   1 
ATOM   721  O O   . GLU B 1 4  ? -14.244 -10.194 -26.075 1.00 21.19  ? 13   GLU B O   1 
ATOM   722  C CB  . GLU B 1 4  ? -13.794 -13.375 -25.163 1.00 31.29  ? 13   GLU B CB  1 
ATOM   723  C CG  . GLU B 1 4  ? -14.323 -14.755 -24.859 1.00 41.35  ? 13   GLU B CG  1 
ATOM   724  C CD  . GLU B 1 4  ? -13.240 -15.806 -24.948 1.00 45.87  ? 13   GLU B CD  1 
ATOM   725  O OE1 . GLU B 1 4  ? -12.687 -15.995 -26.054 1.00 48.62  ? 13   GLU B OE1 1 
ATOM   726  O OE2 . GLU B 1 4  ? -12.938 -16.438 -23.912 1.00 49.26  ? 13   GLU B OE2 1 
ATOM   727  N N   . LEU B 1 5  ? -13.300 -10.601 -24.070 1.00 21.48  ? 14   LEU B N   1 
ATOM   728  C CA  . LEU B 1 5  ? -12.551 -9.359  -24.056 1.00 19.08  ? 14   LEU B CA  1 
ATOM   729  C C   . LEU B 1 5  ? -11.312 -9.496  -23.184 1.00 18.50  ? 14   LEU B C   1 
ATOM   730  O O   . LEU B 1 5  ? -11.353 -10.140 -22.136 1.00 17.43  ? 14   LEU B O   1 
ATOM   731  C CB  . LEU B 1 5  ? -13.415 -8.228  -23.506 1.00 21.39  ? 14   LEU B CB  1 
ATOM   732  C CG  . LEU B 1 5  ? -12.786 -6.839  -23.611 1.00 23.76  ? 14   LEU B CG  1 
ATOM   733  C CD1 . LEU B 1 5  ? -12.800 -6.403  -25.070 1.00 27.00  ? 14   LEU B CD1 1 
ATOM   734  C CD2 . LEU B 1 5  ? -13.554 -5.849  -22.752 1.00 27.03  ? 14   LEU B CD2 1 
ATOM   735  N N   . ILE B 1 6  ? -10.209 -8.908  -23.632 1.00 16.49  ? 15   ILE B N   1 
ATOM   736  C CA  . ILE B 1 6  ? -8.979  -8.924  -22.849 1.00 14.99  ? 15   ILE B CA  1 
ATOM   737  C C   . ILE B 1 6  ? -8.891  -7.522  -22.266 1.00 17.09  ? 15   ILE B C   1 
ATOM   738  O O   . ILE B 1 6  ? -8.983  -6.539  -22.998 1.00 16.73  ? 15   ILE B O   1 
ATOM   739  C CB  . ILE B 1 6  ? -7.726  -9.185  -23.726 1.00 16.30  ? 15   ILE B CB  1 
ATOM   740  C CG1 . ILE B 1 6  ? -7.805  -10.583 -24.340 1.00 20.80  ? 15   ILE B CG1 1 
ATOM   741  C CG2 . ILE B 1 6  ? -6.446  -9.056  -22.882 1.00 19.63  ? 15   ILE B CG2 1 
ATOM   742  C CD1 . ILE B 1 6  ? -6.688  -10.880 -25.340 1.00 20.78  ? 15   ILE B CD1 1 
ATOM   743  N N   . HIS B 1 7  ? -8.760  -7.435  -20.947 1.00 15.23  ? 16   HIS B N   1 
ATOM   744  C CA  . HIS B 1 7  ? -8.654  -6.149  -20.287 1.00 14.89  ? 16   HIS B CA  1 
ATOM   745  C C   . HIS B 1 7  ? -7.655  -6.241  -19.150 1.00 16.56  ? 16   HIS B C   1 
ATOM   746  O O   . HIS B 1 7  ? -7.193  -7.331  -18.822 1.00 15.60  ? 16   HIS B O   1 
ATOM   747  C CB  . HIS B 1 7  ? -10.025 -5.676  -19.788 1.00 15.29  ? 16   HIS B CB  1 
ATOM   748  C CG  . HIS B 1 7  ? -10.649 -6.572  -18.766 1.00 18.06  ? 16   HIS B CG  1 
ATOM   749  N ND1 . HIS B 1 7  ? -10.930 -6.148  -17.487 1.00 22.45  ? 16   HIS B ND1 1 
ATOM   750  C CD2 . HIS B 1 7  ? -11.063 -7.860  -18.837 1.00 20.71  ? 16   HIS B CD2 1 
ATOM   751  C CE1 . HIS B 1 7  ? -11.492 -7.136  -16.812 1.00 22.22  ? 16   HIS B CE1 1 
ATOM   752  N NE2 . HIS B 1 7  ? -11.583 -8.185  -17.607 1.00 22.31  ? 16   HIS B NE2 1 
ATOM   753  N N   . MET B 1 8  ? -7.308  -5.096  -18.568 1.00 14.87  ? 17   MET B N   1 
ATOM   754  C CA  . MET B 1 8  ? -6.329  -5.065  -17.486 1.00 16.62  ? 17   MET B CA  1 
ATOM   755  C C   . MET B 1 8  ? -6.976  -4.785  -16.142 1.00 18.65  ? 17   MET B C   1 
ATOM   756  O O   . MET B 1 8  ? -7.851  -3.924  -16.024 1.00 18.22  ? 17   MET B O   1 
ATOM   757  C CB  . MET B 1 8  ? -5.264  -3.991  -17.753 1.00 17.48  ? 17   MET B CB  1 
ATOM   758  C CG  . MET B 1 8  ? -4.412  -4.221  -18.984 1.00 21.72  ? 17   MET B CG  1 
ATOM   759  S SD  . MET B 1 8  ? -3.480  -5.754  -18.915 1.00 24.06  ? 17   MET B SD  1 
ATOM   760  C CE  . MET B 1 8  ? -2.340  -5.406  -17.582 1.00 27.91  ? 17   MET B CE  1 
ATOM   761  N N   . VAL B 1 9  ? -6.548  -5.533  -15.133 1.00 18.33  ? 18   VAL B N   1 
ATOM   762  C CA  . VAL B 1 9  ? -7.061  -5.353  -13.787 1.00 20.10  ? 18   VAL B CA  1 
ATOM   763  C C   . VAL B 1 9  ? -5.892  -5.288  -12.822 1.00 19.21  ? 18   VAL B C   1 
ATOM   764  O O   . VAL B 1 9  ? -5.057  -6.186  -12.787 1.00 17.81  ? 18   VAL B O   1 
ATOM   765  C CB  . VAL B 1 9  ? -7.979  -6.517  -13.352 1.00 20.22  ? 18   VAL B CB  1 
ATOM   766  C CG1 . VAL B 1 9  ? -8.336  -6.367  -11.879 1.00 23.94  ? 18   VAL B CG1 1 
ATOM   767  C CG2 . VAL B 1 9  ? -9.255  -6.525  -14.191 1.00 20.20  ? 18   VAL B CG2 1 
ATOM   768  N N   . THR B 1 10 ? -5.827  -4.214  -12.050 1.00 21.46  ? 19   THR B N   1 
ATOM   769  C CA  . THR B 1 10 ? -4.766  -4.076  -11.068 1.00 22.86  ? 19   THR B CA  1 
ATOM   770  C C   . THR B 1 10 ? -5.372  -4.312  -9.695  1.00 21.71  ? 19   THR B C   1 
ATOM   771  O O   . THR B 1 10 ? -6.379  -3.700  -9.342  1.00 22.92  ? 19   THR B O   1 
ATOM   772  C CB  . THR B 1 10 ? -4.142  -2.667  -11.100 1.00 25.52  ? 19   THR B CB  1 
ATOM   773  O OG1 . THR B 1 10 ? -3.423  -2.490  -12.327 1.00 29.18  ? 19   THR B OG1 1 
ATOM   774  C CG2 . THR B 1 10 ? -3.190  -2.478  -9.921  1.00 24.32  ? 19   THR B CG2 1 
ATOM   775  N N   . LEU B 1 11 ? -4.776  -5.227  -8.941  1.00 21.87  ? 20   LEU B N   1 
ATOM   776  C CA  . LEU B 1 11 ? -5.240  -5.516  -7.594  1.00 20.98  ? 20   LEU B CA  1 
ATOM   777  C C   . LEU B 1 11 ? -4.192  -4.969  -6.634  1.00 22.11  ? 20   LEU B C   1 
ATOM   778  O O   . LEU B 1 11 ? -2.994  -5.191  -6.810  1.00 20.92  ? 20   LEU B O   1 
ATOM   779  C CB  . LEU B 1 11 ? -5.419  -7.021  -7.379  1.00 19.25  ? 20   LEU B CB  1 
ATOM   780  C CG  . LEU B 1 11 ? -6.561  -7.693  -8.151  1.00 21.16  ? 20   LEU B CG  1 
ATOM   781  C CD1 . LEU B 1 11 ? -6.658  -9.149  -7.747  1.00 19.80  ? 20   LEU B CD1 1 
ATOM   782  C CD2 . LEU B 1 11 ? -7.877  -6.973  -7.859  1.00 20.88  ? 20   LEU B CD2 1 
ATOM   783  N N   . ASP B 1 12 ? -4.668  -4.250  -5.628  1.00 20.47  ? 21   ASP B N   1 
ATOM   784  C CA  . ASP B 1 12 ? -3.823  -3.623  -4.621  1.00 20.88  ? 21   ASP B CA  1 
ATOM   785  C C   . ASP B 1 12 ? -4.251  -4.201  -3.272  1.00 21.16  ? 21   ASP B C   1 
ATOM   786  O O   . ASP B 1 12 ? -5.397  -4.026  -2.861  1.00 20.06  ? 21   ASP B O   1 
ATOM   787  C CB  . ASP B 1 12 ? -4.065  -2.113  -4.658  1.00 23.74  ? 21   ASP B CB  1 
ATOM   788  C CG  . ASP B 1 12 ? -3.121  -1.348  -3.767  1.00 28.18  ? 21   ASP B CG  1 
ATOM   789  O OD1 . ASP B 1 12 ? -2.886  -1.797  -2.631  1.00 21.93  ? 21   ASP B OD1 1 
ATOM   790  O OD2 . ASP B 1 12 ? -2.626  -0.289  -4.209  1.00 35.94  ? 21   ASP B OD2 1 
ATOM   791  N N   . LYS B 1 13 ? -3.348  -4.895  -2.582  1.00 17.29  ? 22   LYS B N   1 
ATOM   792  C CA  . LYS B 1 13 ? -3.727  -5.481  -1.303  1.00 18.02  ? 22   LYS B CA  1 
ATOM   793  C C   . LYS B 1 13 ? -3.284  -4.653  -0.107  1.00 21.13  ? 22   LYS B C   1 
ATOM   794  O O   . LYS B 1 13 ? -3.039  -5.191  0.970   1.00 19.47  ? 22   LYS B O   1 
ATOM   795  C CB  . LYS B 1 13 ? -3.195  -6.913  -1.179  1.00 22.05  ? 22   LYS B CB  1 
ATOM   796  C CG  . LYS B 1 13 ? -1.683  -7.036  -1.107  1.00 24.03  ? 22   LYS B CG  1 
ATOM   797  C CD  . LYS B 1 13 ? -1.279  -8.483  -0.899  1.00 26.87  ? 22   LYS B CD  1 
ATOM   798  C CE  . LYS B 1 13 ? 0.228   -8.630  -0.775  1.00 28.24  ? 22   LYS B CE  1 
ATOM   799  N NZ  . LYS B 1 13 ? 0.621   -10.067 -0.681  1.00 33.85  ? 22   LYS B NZ  1 
ATOM   800  N N   . THR B 1 14 ? -3.190  -3.342  -0.299  1.00 22.56  ? 23   THR B N   1 
ATOM   801  C CA  . THR B 1 14 ? -2.802  -2.455  0.793   1.00 25.34  ? 23   THR B CA  1 
ATOM   802  C C   . THR B 1 14 ? -3.792  -2.685  1.934   1.00 26.07  ? 23   THR B C   1 
ATOM   803  O O   . THR B 1 14 ? -5.003  -2.615  1.731   1.00 28.00  ? 23   THR B O   1 
ATOM   804  C CB  . THR B 1 14 ? -2.858  -0.967  0.362   1.00 27.31  ? 23   THR B CB  1 
ATOM   805  O OG1 . THR B 1 14 ? -1.857  -0.715  -0.633  1.00 24.33  ? 23   THR B OG1 1 
ATOM   806  C CG2 . THR B 1 14 ? -2.612  -0.046  1.564   1.00 25.40  ? 23   THR B CG2 1 
ATOM   807  N N   . GLY B 1 15 ? -3.277  -2.985  3.121   1.00 29.73  ? 24   GLY B N   1 
ATOM   808  C CA  . GLY B 1 15 ? -4.142  -3.211  4.267   1.00 30.82  ? 24   GLY B CA  1 
ATOM   809  C C   . GLY B 1 15 ? -4.898  -4.527  4.238   1.00 33.78  ? 24   GLY B C   1 
ATOM   810  O O   . GLY B 1 15 ? -5.848  -4.716  4.998   1.00 34.98  ? 24   GLY B O   1 
ATOM   811  N N   . LYS B 1 16 ? -4.486  -5.437  3.361   1.00 33.59  ? 25   LYS B N   1 
ATOM   812  C CA  . LYS B 1 16 ? -5.126  -6.746  3.243   1.00 32.68  ? 25   LYS B CA  1 
ATOM   813  C C   . LYS B 1 16 ? -4.087  -7.854  3.390   1.00 31.82  ? 25   LYS B C   1 
ATOM   814  O O   . LYS B 1 16 ? -2.895  -7.621  3.193   1.00 31.80  ? 25   LYS B O   1 
ATOM   815  C CB  . LYS B 1 16 ? -5.831  -6.871  1.892   1.00 32.07  ? 25   LYS B CB  1 
ATOM   816  C CG  . LYS B 1 16 ? -7.089  -6.024  1.761   1.00 33.59  ? 25   LYS B CG  1 
ATOM   817  C CD  . LYS B 1 16 ? -8.211  -6.572  2.628   1.00 36.55  ? 25   LYS B CD  1 
ATOM   818  C CE  . LYS B 1 16 ? -9.513  -5.839  2.377   1.00 36.99  ? 25   LYS B CE  1 
ATOM   819  N NZ  . LYS B 1 16 ? -10.626 -6.432  3.168   1.00 39.61  ? 25   LYS B NZ  1 
ATOM   820  N N   . LYS B 1 17 ? -4.545  -9.058  3.723   1.00 31.80  ? 26   LYS B N   1 
ATOM   821  C CA  . LYS B 1 17 ? -3.653  -10.200 3.917   1.00 33.54  ? 26   LYS B CA  1 
ATOM   822  C C   . LYS B 1 17 ? -3.258  -10.904 2.619   1.00 32.10  ? 26   LYS B C   1 
ATOM   823  O O   . LYS B 1 17 ? -2.234  -11.589 2.560   1.00 32.50  ? 26   LYS B O   1 
ATOM   824  C CB  . LYS B 1 17 ? -4.299  -11.209 4.876   1.00 36.86  ? 26   LYS B CB  1 
ATOM   825  C CG  . LYS B 1 17 ? -5.543  -11.893 4.327   1.00 42.90  ? 26   LYS B CG  1 
ATOM   826  C CD  . LYS B 1 17 ? -6.330  -12.610 5.426   1.00 47.87  ? 26   LYS B CD  1 
ATOM   827  C CE  . LYS B 1 17 ? -5.491  -13.660 6.149   1.00 50.01  ? 26   LYS B CE  1 
ATOM   828  N NZ  . LYS B 1 17 ? -5.050  -14.755 5.242   1.00 53.27  ? 26   LYS B NZ  1 
ATOM   829  N N   . SER B 1 18 ? -4.067  -10.737 1.579   1.00 28.48  ? 27   SER B N   1 
ATOM   830  C CA  . SER B 1 18 ? -3.779  -11.367 0.294   1.00 26.93  ? 27   SER B CA  1 
ATOM   831  C C   . SER B 1 18 ? -4.627  -10.726 -0.792  1.00 23.49  ? 27   SER B C   1 
ATOM   832  O O   . SER B 1 18 ? -5.482  -9.888  -0.507  1.00 21.51  ? 27   SER B O   1 
ATOM   833  C CB  . SER B 1 18 ? -4.086  -12.860 0.354   1.00 28.61  ? 27   SER B CB  1 
ATOM   834  O OG  . SER B 1 18 ? -5.482  -13.073 0.448   1.00 34.48  ? 27   SER B OG  1 
ATOM   835  N N   . PHE B 1 19 ? -4.398  -11.121 -2.040  1.00 20.81  ? 28   PHE B N   1 
ATOM   836  C CA  . PHE B 1 19 ? -5.169  -10.557 -3.134  1.00 18.61  ? 28   PHE B CA  1 
ATOM   837  C C   . PHE B 1 19 ? -6.566  -11.168 -3.189  1.00 18.00  ? 28   PHE B C   1 
ATOM   838  O O   . PHE B 1 19 ? -7.525  -10.500 -3.574  1.00 20.46  ? 28   PHE B O   1 
ATOM   839  C CB  . PHE B 1 19 ? -4.425  -10.744 -4.457  1.00 18.32  ? 28   PHE B CB  1 
ATOM   840  C CG  . PHE B 1 19 ? -3.158  -9.945  -4.544  1.00 16.19  ? 28   PHE B CG  1 
ATOM   841  C CD1 . PHE B 1 19 ? -1.924  -10.548 -4.333  1.00 17.25  ? 28   PHE B CD1 1 
ATOM   842  C CD2 . PHE B 1 19 ? -3.205  -8.572  -4.780  1.00 16.35  ? 28   PHE B CD2 1 
ATOM   843  C CE1 . PHE B 1 19 ? -0.749  -9.797  -4.353  1.00 19.01  ? 28   PHE B CE1 1 
ATOM   844  C CE2 . PHE B 1 19 ? -2.028  -7.809  -4.802  1.00 18.64  ? 28   PHE B CE2 1 
ATOM   845  C CZ  . PHE B 1 19 ? -0.805  -8.424  -4.588  1.00 18.42  ? 28   PHE B CZ  1 
ATOM   846  N N   . GLY B 1 20 ? -6.677  -12.433 -2.799  1.00 18.85  ? 29   GLY B N   1 
ATOM   847  C CA  . GLY B 1 20 ? -7.977  -13.082 -2.775  1.00 20.66  ? 29   GLY B CA  1 
ATOM   848  C C   . GLY B 1 20 ? -8.380  -13.918 -3.976  1.00 19.42  ? 29   GLY B C   1 
ATOM   849  O O   . GLY B 1 20 ? -9.569  -14.061 -4.259  1.00 17.12  ? 29   GLY B O   1 
ATOM   850  N N   . ILE B 1 21 ? -7.414  -14.469 -4.698  1.00 18.58  ? 30   ILE B N   1 
ATOM   851  C CA  . ILE B 1 21 ? -7.769  -15.303 -5.836  1.00 19.17  ? 30   ILE B CA  1 
ATOM   852  C C   . ILE B 1 21 ? -7.208  -16.707 -5.713  1.00 19.80  ? 30   ILE B C   1 
ATOM   853  O O   . ILE B 1 21 ? -6.103  -16.910 -5.208  1.00 21.00  ? 30   ILE B O   1 
ATOM   854  C CB  . ILE B 1 21 ? -7.283  -14.706 -7.188  1.00 22.16  ? 30   ILE B CB  1 
ATOM   855  C CG1 . ILE B 1 21 ? -5.762  -14.573 -7.203  1.00 21.20  ? 30   ILE B CG1 1 
ATOM   856  C CG2 . ILE B 1 21 ? -7.948  -13.361 -7.429  1.00 21.97  ? 30   ILE B CG2 1 
ATOM   857  C CD1 . ILE B 1 21 ? -5.195  -14.270 -8.584  1.00 25.90  ? 30   ILE B CD1 1 
ATOM   858  N N   . CYS B 1 22 ? -7.989  -17.681 -6.154  1.00 18.30  ? 31   CYS B N   1 
ATOM   859  C CA  . CYS B 1 22 ? -7.543  -19.062 -6.152  1.00 18.24  ? 31   CYS B CA  1 
ATOM   860  C C   . CYS B 1 22 ? -7.586  -19.445 -7.624  1.00 18.48  ? 31   CYS B C   1 
ATOM   861  O O   . CYS B 1 22 ? -8.562  -19.156 -8.322  1.00 18.78  ? 31   CYS B O   1 
ATOM   862  C CB  . CYS B 1 22 ? -8.474  -19.943 -5.333  1.00 23.28  ? 31   CYS B CB  1 
ATOM   863  S SG  . CYS B 1 22 ? -8.533  -19.539 -3.554  1.00 28.08  ? 31   CYS B SG  1 
ATOM   864  N N   . ILE B 1 23 ? -6.525  -20.085 -8.092  1.00 16.58  ? 32   ILE B N   1 
ATOM   865  C CA  . ILE B 1 23 ? -6.428  -20.432 -9.502  1.00 18.37  ? 32   ILE B CA  1 
ATOM   866  C C   . ILE B 1 23 ? -6.271  -21.914 -9.788  1.00 19.18  ? 32   ILE B C   1 
ATOM   867  O O   . ILE B 1 23 ? -5.937  -22.705 -8.908  1.00 19.56  ? 32   ILE B O   1 
ATOM   868  C CB  . ILE B 1 23 ? -5.241  -19.697 -10.140 1.00 15.35  ? 32   ILE B CB  1 
ATOM   869  C CG1 . ILE B 1 23 ? -3.932  -20.160 -9.476  1.00 18.59  ? 32   ILE B CG1 1 
ATOM   870  C CG2 . ILE B 1 23 ? -5.402  -18.193 -9.965  1.00 17.99  ? 32   ILE B CG2 1 
ATOM   871  C CD1 . ILE B 1 23 ? -2.689  -19.542 -10.069 1.00 16.93  ? 32   ILE B CD1 1 
ATOM   872  N N   . VAL B 1 24 ? -6.529  -22.282 -11.038 1.00 18.93  ? 33   VAL B N   1 
ATOM   873  C CA  . VAL B 1 24 ? -6.390  -23.663 -11.478 1.00 19.22  ? 33   VAL B CA  1 
ATOM   874  C C   . VAL B 1 24 ? -5.989  -23.648 -12.938 1.00 20.35  ? 33   VAL B C   1 
ATOM   875  O O   . VAL B 1 24 ? -6.246  -22.680 -13.650 1.00 15.75  ? 33   VAL B O   1 
ATOM   876  C CB  . VAL B 1 24 ? -7.714  -24.463 -11.373 1.00 21.37  ? 33   VAL B CB  1 
ATOM   877  C CG1 . VAL B 1 24 ? -8.179  -24.528 -9.929  1.00 26.48  ? 33   VAL B CG1 1 
ATOM   878  C CG2 . VAL B 1 24 ? -8.778  -23.836 -12.273 1.00 21.37  ? 33   VAL B CG2 1 
ATOM   879  N N   . ARG B 1 25 ? -5.345  -24.720 -13.376 1.00 21.18  ? 34   ARG B N   1 
ATOM   880  C CA  . ARG B 1 25 ? -4.957  -24.833 -14.771 1.00 24.58  ? 34   ARG B CA  1 
ATOM   881  C C   . ARG B 1 25 ? -6.163  -25.506 -15.418 1.00 24.64  ? 34   ARG B C   1 
ATOM   882  O O   . ARG B 1 25 ? -6.720  -26.455 -14.866 1.00 21.51  ? 34   ARG B O   1 
ATOM   883  C CB  . ARG B 1 25 ? -3.706  -25.707 -14.908 1.00 29.78  ? 34   ARG B CB  1 
ATOM   884  C CG  . ARG B 1 25 ? -3.032  -25.614 -16.265 1.00 39.78  ? 34   ARG B CG  1 
ATOM   885  C CD  . ARG B 1 25 ? -1.572  -26.048 -16.188 1.00 41.05  ? 34   ARG B CD  1 
ATOM   886  N NE  . ARG B 1 25 ? -0.849  -25.740 -17.420 1.00 48.23  ? 34   ARG B NE  1 
ATOM   887  C CZ  . ARG B 1 25 ? -0.994  -26.406 -18.561 1.00 51.91  ? 34   ARG B CZ  1 
ATOM   888  N NH1 . ARG B 1 25 ? -1.835  -27.428 -18.634 1.00 53.71  ? 34   ARG B NH1 1 
ATOM   889  N NH2 . ARG B 1 25 ? -0.302  -26.044 -19.633 1.00 55.04  ? 34   ARG B NH2 1 
ATOM   890  N N   . GLY B 1 26 ? -6.590  -24.994 -16.567 1.00 25.59  ? 35   GLY B N   1 
ATOM   891  C CA  . GLY B 1 26 ? -7.739  -25.579 -17.226 1.00 29.33  ? 35   GLY B CA  1 
ATOM   892  C C   . GLY B 1 26 ? -7.664  -25.418 -18.725 1.00 30.77  ? 35   GLY B C   1 
ATOM   893  O O   . GLY B 1 26 ? -6.670  -24.933 -19.257 1.00 30.07  ? 35   GLY B O   1 
ATOM   894  N N   . GLU B 1 27 ? -8.719  -25.834 -19.413 1.00 36.31  ? 36   GLU B N   1 
ATOM   895  C CA  . GLU B 1 27 ? -8.751  -25.718 -20.860 1.00 37.34  ? 36   GLU B CA  1 
ATOM   896  C C   . GLU B 1 27 ? -10.138 -25.355 -21.349 1.00 36.60  ? 36   GLU B C   1 
ATOM   897  O O   . GLU B 1 27 ? -11.128 -25.482 -20.625 1.00 35.32  ? 36   GLU B O   1 
ATOM   898  C CB  . GLU B 1 27 ? -8.303  -27.026 -21.514 1.00 40.28  ? 36   GLU B CB  1 
ATOM   899  C CG  . GLU B 1 27 ? -9.061  -28.255 -21.043 1.00 44.80  ? 36   GLU B CG  1 
ATOM   900  C CD  . GLU B 1 27 ? -8.831  -29.458 -21.938 1.00 47.87  ? 36   GLU B CD  1 
ATOM   901  O OE1 . GLU B 1 27 ? -7.662  -29.741 -22.275 1.00 50.53  ? 36   GLU B OE1 1 
ATOM   902  O OE2 . GLU B 1 27 ? -9.823  -30.126 -22.299 1.00 49.08  ? 36   GLU B OE2 1 
ATOM   903  N N   . VAL B 1 28 ? -10.197 -24.894 -22.588 1.00 35.84  ? 37   VAL B N   1 
ATOM   904  C CA  . VAL B 1 28 ? -11.452 -24.511 -23.204 1.00 35.44  ? 37   VAL B CA  1 
ATOM   905  C C   . VAL B 1 28 ? -11.244 -24.527 -24.706 1.00 36.12  ? 37   VAL B C   1 
ATOM   906  O O   . VAL B 1 28 ? -10.137 -24.280 -25.187 1.00 33.45  ? 37   VAL B O   1 
ATOM   907  C CB  . VAL B 1 28 ? -11.859 -23.118 -22.743 1.00 35.17  ? 37   VAL B CB  1 
ATOM   908  N N   . LYS B 1 29 ? -12.297 -24.840 -25.448 1.00 37.72  ? 38   LYS B N   1 
ATOM   909  C CA  . LYS B 1 29 ? -12.191 -24.857 -26.896 1.00 39.96  ? 38   LYS B CA  1 
ATOM   910  C C   . LYS B 1 29 ? -12.190 -23.420 -27.393 1.00 40.44  ? 38   LYS B C   1 
ATOM   911  O O   . LYS B 1 29 ? -13.155 -22.684 -27.193 1.00 42.04  ? 38   LYS B O   1 
ATOM   912  C CB  . LYS B 1 29 ? -13.357 -25.628 -27.517 1.00 41.55  ? 38   LYS B CB  1 
ATOM   913  C CG  . LYS B 1 29 ? -13.314 -27.123 -27.260 1.00 45.36  ? 38   LYS B CG  1 
ATOM   914  C CD  . LYS B 1 29 ? -14.267 -27.861 -28.189 1.00 49.10  ? 38   LYS B CD  1 
ATOM   915  C CE  . LYS B 1 29 ? -14.114 -29.368 -28.056 1.00 51.56  ? 38   LYS B CE  1 
ATOM   916  N NZ  . LYS B 1 29 ? -14.928 -30.100 -29.067 1.00 53.04  ? 38   LYS B NZ  1 
ATOM   917  N N   . ASP B 1 30 ? -11.091 -23.022 -28.019 1.00 41.57  ? 39   ASP B N   1 
ATOM   918  C CA  . ASP B 1 30 ? -10.958 -21.676 -28.556 1.00 43.82  ? 39   ASP B CA  1 
ATOM   919  C C   . ASP B 1 30 ? -11.369 -21.691 -30.024 1.00 43.65  ? 39   ASP B C   1 
ATOM   920  O O   . ASP B 1 30 ? -11.255 -20.687 -30.729 1.00 45.19  ? 39   ASP B O   1 
ATOM   921  C CB  . ASP B 1 30 ? -9.514  -21.195 -28.403 1.00 45.70  ? 39   ASP B CB  1 
ATOM   922  C CG  . ASP B 1 30 ? -8.513  -22.158 -29.004 1.00 48.78  ? 39   ASP B CG  1 
ATOM   923  O OD1 . ASP B 1 30 ? -8.640  -23.378 -28.762 1.00 48.52  ? 39   ASP B OD1 1 
ATOM   924  O OD2 . ASP B 1 30 ? -7.592  -21.695 -29.709 1.00 50.44  ? 39   ASP B OD2 1 
ATOM   925  N N   . SER B 1 31 ? -11.845 -22.849 -30.470 1.00 41.43  ? 40   SER B N   1 
ATOM   926  C CA  . SER B 1 31 ? -12.305 -23.037 -31.839 1.00 40.54  ? 40   SER B CA  1 
ATOM   927  C C   . SER B 1 31 ? -12.979 -24.405 -31.916 1.00 39.41  ? 40   SER B C   1 
ATOM   928  O O   . SER B 1 31 ? -12.870 -25.216 -30.993 1.00 36.82  ? 40   SER B O   1 
ATOM   929  C CB  . SER B 1 31 ? -11.133 -22.966 -32.823 1.00 41.76  ? 40   SER B CB  1 
ATOM   930  O OG  . SER B 1 31 ? -10.497 -24.220 -32.964 1.00 46.56  ? 40   SER B OG  1 
ATOM   931  N N   . PRO B 1 32 ? -13.682 -24.688 -33.021 1.00 38.70  ? 41   PRO B N   1 
ATOM   932  C CA  . PRO B 1 32 ? -14.351 -25.986 -33.135 1.00 35.80  ? 41   PRO B CA  1 
ATOM   933  C C   . PRO B 1 32 ? -13.441 -27.211 -33.069 1.00 33.69  ? 41   PRO B C   1 
ATOM   934  O O   . PRO B 1 32 ? -13.844 -28.256 -32.557 1.00 33.18  ? 41   PRO B O   1 
ATOM   935  C CB  . PRO B 1 32 ? -15.080 -25.874 -34.472 1.00 39.49  ? 41   PRO B CB  1 
ATOM   936  C CG  . PRO B 1 32 ? -14.179 -24.972 -35.268 1.00 40.69  ? 41   PRO B CG  1 
ATOM   937  C CD  . PRO B 1 32 ? -13.844 -23.903 -34.256 1.00 40.09  ? 41   PRO B CD  1 
ATOM   938  N N   . ASN B 1 33 ? -12.214 -27.084 -33.564 1.00 30.71  ? 42   ASN B N   1 
ATOM   939  C CA  . ASN B 1 33 ? -11.299 -28.218 -33.576 1.00 30.12  ? 42   ASN B CA  1 
ATOM   940  C C   . ASN B 1 33 ? -10.019 -28.041 -32.774 1.00 27.53  ? 42   ASN B C   1 
ATOM   941  O O   . ASN B 1 33 ? -9.042  -28.750 -33.002 1.00 23.27  ? 42   ASN B O   1 
ATOM   942  C CB  . ASN B 1 33 ? -10.938 -28.570 -35.019 1.00 33.80  ? 42   ASN B CB  1 
ATOM   943  C CG  . ASN B 1 33 ? -12.157 -28.858 -35.863 1.00 36.93  ? 42   ASN B CG  1 
ATOM   944  O OD1 . ASN B 1 33 ? -12.962 -29.730 -35.532 1.00 38.54  ? 42   ASN B OD1 1 
ATOM   945  N ND2 . ASN B 1 33 ? -12.301 -28.125 -36.964 1.00 42.44  ? 42   ASN B ND2 1 
ATOM   946  N N   . THR B 1 34 ? -10.007 -27.097 -31.842 1.00 27.36  ? 43   THR B N   1 
ATOM   947  C CA  . THR B 1 34 ? -8.812  -26.892 -31.035 1.00 28.86  ? 43   THR B CA  1 
ATOM   948  C C   . THR B 1 34 ? -9.166  -26.507 -29.610 1.00 28.42  ? 43   THR B C   1 
ATOM   949  O O   . THR B 1 34 ? -10.283 -26.079 -29.324 1.00 28.03  ? 43   THR B O   1 
ATOM   950  C CB  . THR B 1 34 ? -7.905  -25.782 -31.605 1.00 30.55  ? 43   THR B CB  1 
ATOM   951  O OG1 . THR B 1 34 ? -8.574  -24.519 -31.502 1.00 35.90  ? 43   THR B OG1 1 
ATOM   952  C CG2 . THR B 1 34 ? -7.561  -26.060 -33.060 1.00 32.50  ? 43   THR B CG2 1 
ATOM   953  N N   . LYS B 1 35 ? -8.198  -26.676 -28.717 1.00 29.22  ? 44   LYS B N   1 
ATOM   954  C CA  . LYS B 1 35 ? -8.376  -26.324 -27.318 1.00 31.74  ? 44   LYS B CA  1 
ATOM   955  C C   . LYS B 1 35 ? -7.155  -25.552 -26.858 1.00 33.64  ? 44   LYS B C   1 
ATOM   956  O O   . LYS B 1 35 ? -6.091  -25.630 -27.469 1.00 31.42  ? 44   LYS B O   1 
ATOM   957  C CB  . LYS B 1 35 ? -8.530  -27.576 -26.452 1.00 33.26  ? 44   LYS B CB  1 
ATOM   958  C CG  . LYS B 1 35 ? -9.897  -28.225 -26.515 1.00 37.59  ? 44   LYS B CG  1 
ATOM   959  C CD  . LYS B 1 35 ? -10.025 -29.297 -25.447 1.00 38.04  ? 44   LYS B CD  1 
ATOM   960  C CE  . LYS B 1 35 ? -11.448 -29.810 -25.345 1.00 41.94  ? 44   LYS B CE  1 
ATOM   961  N NZ  . LYS B 1 35 ? -11.577 -30.859 -24.292 1.00 45.75  ? 44   LYS B NZ  1 
ATOM   962  N N   . THR B 1 36 ? -7.319  -24.795 -25.782 1.00 33.14  ? 45   THR B N   1 
ATOM   963  C CA  . THR B 1 36 ? -6.222  -24.026 -25.221 1.00 36.03  ? 45   THR B CA  1 
ATOM   964  C C   . THR B 1 36 ? -6.274  -24.243 -23.714 1.00 35.75  ? 45   THR B C   1 
ATOM   965  O O   . THR B 1 36 ? -7.346  -24.187 -23.111 1.00 34.33  ? 45   THR B O   1 
ATOM   966  C CB  . THR B 1 36 ? -6.358  -22.520 -25.547 1.00 38.11  ? 45   THR B CB  1 
ATOM   967  O OG1 . THR B 1 36 ? -5.193  -21.828 -25.085 1.00 41.48  ? 45   THR B OG1 1 
ATOM   968  C CG2 . THR B 1 36 ? -7.597  -21.928 -24.882 1.00 38.31  ? 45   THR B CG2 1 
ATOM   969  N N   . THR B 1 37 ? -5.121  -24.529 -23.117 1.00 35.53  ? 46   THR B N   1 
ATOM   970  C CA  . THR B 1 37 ? -5.041  -24.763 -21.681 1.00 34.31  ? 46   THR B CA  1 
ATOM   971  C C   . THR B 1 37 ? -4.339  -23.583 -21.019 1.00 33.33  ? 46   THR B C   1 
ATOM   972  O O   . THR B 1 37 ? -3.220  -23.241 -21.387 1.00 36.24  ? 46   THR B O   1 
ATOM   973  C CB  . THR B 1 37 ? -4.253  -26.058 -21.374 1.00 37.28  ? 46   THR B CB  1 
ATOM   974  O OG1 . THR B 1 37 ? -4.860  -27.162 -22.057 1.00 40.63  ? 46   THR B OG1 1 
ATOM   975  C CG2 . THR B 1 37 ? -4.252  -26.345 -19.881 1.00 36.65  ? 46   THR B CG2 1 
ATOM   976  N N   . GLY B 1 38 ? -4.997  -22.962 -20.043 1.00 28.76  ? 47   GLY B N   1 
ATOM   977  C CA  . GLY B 1 38 ? -4.402  -21.824 -19.370 1.00 21.69  ? 47   GLY B CA  1 
ATOM   978  C C   . GLY B 1 38 ? -4.724  -21.751 -17.887 1.00 18.25  ? 47   GLY B C   1 
ATOM   979  O O   . GLY B 1 38 ? -5.223  -22.708 -17.304 1.00 19.67  ? 47   GLY B O   1 
ATOM   980  N N   . ILE B 1 39 ? -4.424  -20.601 -17.287 1.00 18.27  ? 48   ILE B N   1 
ATOM   981  C CA  . ILE B 1 39 ? -4.665  -20.354 -15.867 1.00 17.81  ? 48   ILE B CA  1 
ATOM   982  C C   . ILE B 1 39 ? -6.002  -19.640 -15.694 1.00 16.83  ? 48   ILE B C   1 
ATOM   983  O O   . ILE B 1 39 ? -6.223  -18.577 -16.269 1.00 19.68  ? 48   ILE B O   1 
ATOM   984  C CB  . ILE B 1 39 ? -3.548  -19.470 -15.273 1.00 18.21  ? 48   ILE B CB  1 
ATOM   985  C CG1 . ILE B 1 39 ? -2.199  -20.189 -15.389 1.00 16.82  ? 48   ILE B CG1 1 
ATOM   986  C CG2 . ILE B 1 39 ? -3.849  -19.146 -13.807 1.00 18.65  ? 48   ILE B CG2 1 
ATOM   987  C CD1 . ILE B 1 39 ? -2.102  -21.448 -14.567 1.00 21.03  ? 48   ILE B CD1 1 
ATOM   988  N N   . PHE B 1 40 ? -6.888  -20.218 -14.893 1.00 16.18  ? 49   PHE B N   1 
ATOM   989  C CA  . PHE B 1 40 ? -8.197  -19.625 -14.684 1.00 15.10  ? 49   PHE B CA  1 
ATOM   990  C C   . PHE B 1 40 ? -8.456  -19.307 -13.229 1.00 16.71  ? 49   PHE B C   1 
ATOM   991  O O   . PHE B 1 40 ? -7.906  -19.947 -12.338 1.00 17.17  ? 49   PHE B O   1 
ATOM   992  C CB  . PHE B 1 40 ? -9.291  -20.572 -15.169 1.00 17.54  ? 49   PHE B CB  1 
ATOM   993  C CG  . PHE B 1 40 ? -9.265  -20.829 -16.646 1.00 18.64  ? 49   PHE B CG  1 
ATOM   994  C CD1 . PHE B 1 40 ? -8.325  -21.693 -17.200 1.00 20.81  ? 49   PHE B CD1 1 
ATOM   995  C CD2 . PHE B 1 40 ? -10.185 -20.207 -17.485 1.00 20.58  ? 49   PHE B CD2 1 
ATOM   996  C CE1 . PHE B 1 40 ? -8.301  -21.935 -18.569 1.00 23.63  ? 49   PHE B CE1 1 
ATOM   997  C CE2 . PHE B 1 40 ? -10.170 -20.443 -18.861 1.00 25.37  ? 49   PHE B CE2 1 
ATOM   998  C CZ  . PHE B 1 40 ? -9.225  -21.309 -19.401 1.00 21.55  ? 49   PHE B CZ  1 
ATOM   999  N N   . ILE B 1 41 ? -9.303  -18.313 -12.996 1.00 15.50  ? 50   ILE B N   1 
ATOM   1000 C CA  . ILE B 1 41 ? -9.669  -17.968 -11.635 1.00 16.84  ? 50   ILE B CA  1 
ATOM   1001 C C   . ILE B 1 41 ? -10.752 -18.973 -11.241 1.00 18.22  ? 50   ILE B C   1 
ATOM   1002 O O   . ILE B 1 41 ? -11.807 -19.038 -11.876 1.00 20.21  ? 50   ILE B O   1 
ATOM   1003 C CB  . ILE B 1 41 ? -10.224 -16.534 -11.552 1.00 16.56  ? 50   ILE B CB  1 
ATOM   1004 C CG1 . ILE B 1 41 ? -9.111  -15.535 -11.886 1.00 19.70  ? 50   ILE B CG1 1 
ATOM   1005 C CG2 . ILE B 1 41 ? -10.804 -16.277 -10.157 1.00 17.94  ? 50   ILE B CG2 1 
ATOM   1006 C CD1 . ILE B 1 41 ? -9.544  -14.074 -11.830 1.00 21.65  ? 50   ILE B CD1 1 
ATOM   1007 N N   . LYS B 1 42 ? -10.484 -19.767 -10.210 1.00 16.57  ? 51   LYS B N   1 
ATOM   1008 C CA  . LYS B 1 42 ? -11.438 -20.778 -9.756  1.00 18.28  ? 51   LYS B CA  1 
ATOM   1009 C C   . LYS B 1 42 ? -12.280 -20.288 -8.586  1.00 20.49  ? 51   LYS B C   1 
ATOM   1010 O O   . LYS B 1 42 ? -13.370 -20.803 -8.325  1.00 18.75  ? 51   LYS B O   1 
ATOM   1011 C CB  . LYS B 1 42 ? -10.698 -22.054 -9.343  1.00 22.98  ? 51   LYS B CB  1 
ATOM   1012 C CG  . LYS B 1 42 ? -11.596 -23.279 -9.233  1.00 27.57  ? 51   LYS B CG  1 
ATOM   1013 C CD  . LYS B 1 42 ? -12.248 -23.594 -10.575 1.00 34.68  ? 51   LYS B CD  1 
ATOM   1014 C CE  . LYS B 1 42 ? -13.171 -24.806 -10.486 1.00 38.53  ? 51   LYS B CE  1 
ATOM   1015 N NZ  . LYS B 1 42 ? -13.797 -25.118 -11.807 1.00 39.98  ? 51   LYS B NZ  1 
ATOM   1016 N N   . GLY B 1 43 ? -11.771 -19.295 -7.869  1.00 20.02  ? 52   GLY B N   1 
ATOM   1017 C CA  . GLY B 1 43 ? -12.520 -18.778 -6.742  1.00 19.97  ? 52   GLY B CA  1 
ATOM   1018 C C   . GLY B 1 43 ? -11.993 -17.433 -6.308  1.00 20.13  ? 52   GLY B C   1 
ATOM   1019 O O   . GLY B 1 43 ? -10.831 -17.107 -6.556  1.00 18.09  ? 52   GLY B O   1 
ATOM   1020 N N   . ILE B 1 44 ? -12.857 -16.655 -5.667  1.00 19.27  ? 53   ILE B N   1 
ATOM   1021 C CA  . ILE B 1 44 ? -12.501 -15.333 -5.167  1.00 18.30  ? 53   ILE B CA  1 
ATOM   1022 C C   . ILE B 1 44 ? -12.861 -15.279 -3.681  1.00 20.38  ? 53   ILE B C   1 
ATOM   1023 O O   . ILE B 1 44 ? -13.949 -15.690 -3.290  1.00 21.35  ? 53   ILE B O   1 
ATOM   1024 C CB  . ILE B 1 44 ? -13.273 -14.239 -5.933  1.00 20.43  ? 53   ILE B CB  1 
ATOM   1025 C CG1 . ILE B 1 44 ? -12.742 -14.156 -7.370  1.00 20.36  ? 53   ILE B CG1 1 
ATOM   1026 C CG2 . ILE B 1 44 ? -13.145 -12.894 -5.224  1.00 21.65  ? 53   ILE B CG2 1 
ATOM   1027 C CD1 . ILE B 1 44 ? -13.500 -13.190 -8.252  1.00 27.59  ? 53   ILE B CD1 1 
ATOM   1028 N N   . VAL B 1 45 ? -11.943 -14.782 -2.858  1.00 18.61  ? 54   VAL B N   1 
ATOM   1029 C CA  . VAL B 1 45 ? -12.187 -14.695 -1.417  1.00 18.93  ? 54   VAL B CA  1 
ATOM   1030 C C   . VAL B 1 45 ? -13.075 -13.498 -1.083  1.00 18.08  ? 54   VAL B C   1 
ATOM   1031 O O   . VAL B 1 45 ? -12.776 -12.366 -1.455  1.00 18.41  ? 54   VAL B O   1 
ATOM   1032 C CB  . VAL B 1 45 ? -10.860 -14.549 -0.635  1.00 21.36  ? 54   VAL B CB  1 
ATOM   1033 C CG1 . VAL B 1 45 ? -11.144 -14.467 0.865   1.00 22.71  ? 54   VAL B CG1 1 
ATOM   1034 C CG2 . VAL B 1 45 ? -9.941  -15.721 -0.950  1.00 18.66  ? 54   VAL B CG2 1 
ATOM   1035 N N   . PRO B 1 46 ? -14.182 -13.731 -0.364  1.00 21.89  ? 55   PRO B N   1 
ATOM   1036 C CA  . PRO B 1 46 ? -15.049 -12.600 -0.030  1.00 21.85  ? 55   PRO B CA  1 
ATOM   1037 C C   . PRO B 1 46 ? -14.334 -11.506 0.765   1.00 23.12  ? 55   PRO B C   1 
ATOM   1038 O O   . PRO B 1 46 ? -13.527 -11.791 1.656   1.00 22.89  ? 55   PRO B O   1 
ATOM   1039 C CB  . PRO B 1 46 ? -16.202 -13.258 0.741   1.00 25.61  ? 55   PRO B CB  1 
ATOM   1040 C CG  . PRO B 1 46 ? -15.596 -14.520 1.287   1.00 29.51  ? 55   PRO B CG  1 
ATOM   1041 C CD  . PRO B 1 46 ? -14.732 -14.996 0.148   1.00 21.25  ? 55   PRO B CD  1 
ATOM   1042 N N   . ASP B 1 47 ? -14.631 -10.262 0.408   1.00 23.93  ? 56   ASP B N   1 
ATOM   1043 C CA  . ASP B 1 47 ? -14.066 -9.074  1.048   1.00 27.16  ? 56   ASP B CA  1 
ATOM   1044 C C   . ASP B 1 47 ? -12.588 -8.837  0.744   1.00 26.33  ? 56   ASP B C   1 
ATOM   1045 O O   . ASP B 1 47 ? -11.950 -7.997  1.376   1.00 24.15  ? 56   ASP B O   1 
ATOM   1046 C CB  . ASP B 1 47 ? -14.260 -9.131  2.567   1.00 32.02  ? 56   ASP B CB  1 
ATOM   1047 C CG  . ASP B 1 47 ? -14.045 -7.782  3.226   1.00 36.24  ? 56   ASP B CG  1 
ATOM   1048 O OD1 . ASP B 1 47 ? -13.568 -7.743  4.380   1.00 43.25  ? 56   ASP B OD1 1 
ATOM   1049 O OD2 . ASP B 1 47 ? -14.362 -6.755  2.588   1.00 38.06  ? 56   ASP B OD2 1 
ATOM   1050 N N   . SER B 1 48 ? -12.047 -9.568  -0.225  1.00 23.57  ? 57   SER B N   1 
ATOM   1051 C CA  . SER B 1 48 ? -10.644 -9.414  -0.601  1.00 22.19  ? 57   SER B CA  1 
ATOM   1052 C C   . SER B 1 48 ? -10.532 -8.384  -1.719  1.00 21.26  ? 57   SER B C   1 
ATOM   1053 O O   . SER B 1 48 ? -11.537 -7.949  -2.275  1.00 20.83  ? 57   SER B O   1 
ATOM   1054 C CB  . SER B 1 48 ? -10.086 -10.743 -1.107  1.00 23.47  ? 57   SER B CB  1 
ATOM   1055 O OG  . SER B 1 48 ? -10.694 -11.082 -2.347  1.00 19.36  ? 57   SER B OG  1 
ATOM   1056 N N   . PRO B 1 49 ? -9.300  -7.965  -2.052  1.00 20.43  ? 58   PRO B N   1 
ATOM   1057 C CA  . PRO B 1 49 ? -9.121  -6.988  -3.125  1.00 21.11  ? 58   PRO B CA  1 
ATOM   1058 C C   . PRO B 1 49 ? -9.764  -7.488  -4.426  1.00 19.81  ? 58   PRO B C   1 
ATOM   1059 O O   . PRO B 1 49 ? -10.400 -6.725  -5.150  1.00 20.58  ? 58   PRO B O   1 
ATOM   1060 C CB  . PRO B 1 49 ? -7.603  -6.883  -3.241  1.00 22.60  ? 58   PRO B CB  1 
ATOM   1061 C CG  . PRO B 1 49 ? -7.158  -7.057  -1.812  1.00 20.70  ? 58   PRO B CG  1 
ATOM   1062 C CD  . PRO B 1 49 ? -8.030  -8.207  -1.339  1.00 21.41  ? 58   PRO B CD  1 
ATOM   1063 N N   . ALA B 1 50 ? -9.598  -8.777  -4.714  1.00 18.66  ? 59   ALA B N   1 
ATOM   1064 C CA  . ALA B 1 50 ? -10.159 -9.356  -5.936  1.00 18.36  ? 59   ALA B CA  1 
ATOM   1065 C C   . ALA B 1 50 ? -11.676 -9.234  -5.953  1.00 19.71  ? 59   ALA B C   1 
ATOM   1066 O O   . ALA B 1 50 ? -12.276 -8.936  -6.987  1.00 20.25  ? 59   ALA B O   1 
ATOM   1067 C CB  . ALA B 1 50 ? -9.758  -10.822 -6.058  1.00 18.61  ? 59   ALA B CB  1 
ATOM   1068 N N   . HIS B 1 51 ? -12.290 -9.468  -4.799  1.00 19.26  ? 60   HIS B N   1 
ATOM   1069 C CA  . HIS B 1 51 ? -13.740 -9.394  -4.685  1.00 21.47  ? 60   HIS B CA  1 
ATOM   1070 C C   . HIS B 1 51 ? -14.227 -7.946  -4.731  1.00 23.57  ? 60   HIS B C   1 
ATOM   1071 O O   . HIS B 1 51 ? -15.151 -7.617  -5.476  1.00 25.22  ? 60   HIS B O   1 
ATOM   1072 C CB  . HIS B 1 51 ? -14.181 -10.066 -3.378  1.00 22.14  ? 60   HIS B CB  1 
ATOM   1073 C CG  . HIS B 1 51 ? -15.664 -10.110 -3.187  1.00 26.58  ? 60   HIS B CG  1 
ATOM   1074 N ND1 . HIS B 1 51 ? -16.536 -10.448 -4.200  1.00 30.15  ? 60   HIS B ND1 1 
ATOM   1075 C CD2 . HIS B 1 51 ? -16.427 -9.898  -2.088  1.00 26.02  ? 60   HIS B CD2 1 
ATOM   1076 C CE1 . HIS B 1 51 ? -17.772 -10.442 -3.734  1.00 27.82  ? 60   HIS B CE1 1 
ATOM   1077 N NE2 . HIS B 1 51 ? -17.735 -10.112 -2.456  1.00 29.87  ? 60   HIS B NE2 1 
ATOM   1078 N N   . LEU B 1 52 ? -13.595 -7.083  -3.944  1.00 23.66  ? 61   LEU B N   1 
ATOM   1079 C CA  . LEU B 1 52 ? -13.979 -5.675  -3.892  1.00 25.54  ? 61   LEU B CA  1 
ATOM   1080 C C   . LEU B 1 52 ? -13.765 -4.981  -5.234  1.00 26.58  ? 61   LEU B C   1 
ATOM   1081 O O   . LEU B 1 52 ? -14.508 -4.064  -5.596  1.00 22.89  ? 61   LEU B O   1 
ATOM   1082 C CB  . LEU B 1 52 ? -13.192 -4.958  -2.788  1.00 26.67  ? 61   LEU B CB  1 
ATOM   1083 C CG  . LEU B 1 52 ? -13.429 -5.489  -1.371  1.00 29.82  ? 61   LEU B CG  1 
ATOM   1084 C CD1 . LEU B 1 52 ? -12.528 -4.761  -0.392  1.00 31.31  ? 61   LEU B CD1 1 
ATOM   1085 C CD2 . LEU B 1 52 ? -14.895 -5.312  -0.988  1.00 33.02  ? 61   LEU B CD2 1 
ATOM   1086 N N   . CYS B 1 53 ? -12.747 -5.423  -5.965  1.00 25.40  ? 62   CYS B N   1 
ATOM   1087 C CA  . CYS B 1 53 ? -12.435 -4.869  -7.279  1.00 29.56  ? 62   CYS B CA  1 
ATOM   1088 C C   . CYS B 1 53 ? -13.668 -4.893  -8.180  1.00 28.96  ? 62   CYS B C   1 
ATOM   1089 O O   . CYS B 1 53 ? -13.984 -3.903  -8.842  1.00 30.95  ? 62   CYS B O   1 
ATOM   1090 C CB  . CYS B 1 53 ? -11.299 -5.674  -7.919  1.00 28.61  ? 62   CYS B CB  1 
ATOM   1091 S SG  . CYS B 1 53 ? -11.278 -5.665  -9.714  1.00 33.39  ? 62   CYS B SG  1 
ATOM   1092 N N   . GLY B 1 54 ? -14.356 -6.032  -8.205  1.00 27.61  ? 63   GLY B N   1 
ATOM   1093 C CA  . GLY B 1 54 ? -15.554 -6.165  -9.017  1.00 29.92  ? 63   GLY B CA  1 
ATOM   1094 C C   . GLY B 1 54 ? -15.322 -6.366  -10.504 1.00 30.81  ? 63   GLY B C   1 
ATOM   1095 O O   . GLY B 1 54 ? -16.272 -6.579  -11.259 1.00 34.63  ? 63   GLY B O   1 
ATOM   1096 N N   . ARG B 1 55 ? -14.069 -6.309  -10.936 1.00 29.20  ? 64   ARG B N   1 
ATOM   1097 C CA  . ARG B 1 55 ? -13.767 -6.479  -12.351 1.00 29.14  ? 64   ARG B CA  1 
ATOM   1098 C C   . ARG B 1 55 ? -13.187 -7.848  -12.681 1.00 25.81  ? 64   ARG B C   1 
ATOM   1099 O O   . ARG B 1 55 ? -12.742 -8.086  -13.806 1.00 24.65  ? 64   ARG B O   1 
ATOM   1100 C CB  . ARG B 1 55 ? -12.805 -5.385  -12.820 1.00 31.02  ? 64   ARG B CB  1 
ATOM   1101 C CG  . ARG B 1 55 ? -13.329 -3.966  -12.617 1.00 38.59  ? 64   ARG B CG  1 
ATOM   1102 C CD  . ARG B 1 55 ? -14.815 -3.869  -12.948 1.00 41.71  ? 64   ARG B CD  1 
ATOM   1103 N NE  . ARG B 1 55 ? -15.148 -4.560  -14.190 1.00 48.58  ? 64   ARG B NE  1 
ATOM   1104 C CZ  . ARG B 1 55 ? -16.385 -4.708  -14.654 1.00 51.15  ? 64   ARG B CZ  1 
ATOM   1105 N NH1 . ARG B 1 55 ? -17.413 -4.209  -13.978 1.00 53.36  ? 64   ARG B NH1 1 
ATOM   1106 N NH2 . ARG B 1 55 ? -16.597 -5.359  -15.791 1.00 51.92  ? 64   ARG B NH2 1 
ATOM   1107 N N   . LEU B 1 56 ? -13.186 -8.738  -11.694 1.00 23.15  ? 65   LEU B N   1 
ATOM   1108 C CA  . LEU B 1 56 ? -12.669 -10.086 -11.873 1.00 22.91  ? 65   LEU B CA  1 
ATOM   1109 C C   . LEU B 1 56 ? -13.796 -11.075 -11.632 1.00 25.57  ? 65   LEU B C   1 
ATOM   1110 O O   . LEU B 1 56 ? -14.530 -10.969 -10.651 1.00 26.12  ? 65   LEU B O   1 
ATOM   1111 C CB  . LEU B 1 56 ? -11.527 -10.364 -10.894 1.00 24.95  ? 65   LEU B CB  1 
ATOM   1112 C CG  . LEU B 1 56 ? -10.227 -9.588  -11.100 1.00 26.47  ? 65   LEU B CG  1 
ATOM   1113 C CD1 . LEU B 1 56 ? -9.254  -9.917  -9.977  1.00 27.28  ? 65   LEU B CD1 1 
ATOM   1114 C CD2 . LEU B 1 56 ? -9.624  -9.950  -12.458 1.00 25.96  ? 65   LEU B CD2 1 
ATOM   1115 N N   . LYS B 1 57 ? -13.932 -12.035 -12.538 1.00 21.71  ? 66   LYS B N   1 
ATOM   1116 C CA  . LYS B 1 57 ? -14.979 -13.031 -12.417 1.00 21.66  ? 66   LYS B CA  1 
ATOM   1117 C C   . LYS B 1 57 ? -14.409 -14.432 -12.357 1.00 21.49  ? 66   LYS B C   1 
ATOM   1118 O O   . LYS B 1 57 ? -13.382 -14.723 -12.974 1.00 19.66  ? 66   LYS B O   1 
ATOM   1119 C CB  . LYS B 1 57 ? -15.941 -12.942 -13.609 1.00 25.77  ? 66   LYS B CB  1 
ATOM   1120 C CG  . LYS B 1 57 ? -16.949 -11.800 -13.534 1.00 34.04  ? 66   LYS B CG  1 
ATOM   1121 C CD  . LYS B 1 57 ? -16.282 -10.436 -13.557 1.00 40.20  ? 66   LYS B CD  1 
ATOM   1122 C CE  . LYS B 1 57 ? -17.317 -9.317  -13.475 1.00 43.80  ? 66   LYS B CE  1 
ATOM   1123 N NZ  . LYS B 1 57 ? -16.699 -7.964  -13.591 1.00 45.22  ? 66   LYS B NZ  1 
ATOM   1124 N N   . VAL B 1 58 ? -15.066 -15.296 -11.592 1.00 20.98  ? 67   VAL B N   1 
ATOM   1125 C CA  . VAL B 1 58 ? -14.639 -16.680 -11.524 1.00 19.38  ? 67   VAL B CA  1 
ATOM   1126 C C   . VAL B 1 58 ? -14.804 -17.135 -12.966 1.00 20.90  ? 67   VAL B C   1 
ATOM   1127 O O   . VAL B 1 58 ? -15.799 -16.795 -13.611 1.00 20.35  ? 67   VAL B O   1 
ATOM   1128 C CB  . VAL B 1 58 ? -15.567 -17.517 -10.620 1.00 22.63  ? 67   VAL B CB  1 
ATOM   1129 C CG1 . VAL B 1 58 ? -15.181 -18.983 -10.692 1.00 24.38  ? 67   VAL B CG1 1 
ATOM   1130 C CG2 . VAL B 1 58 ? -15.486 -17.014 -9.195  1.00 20.33  ? 67   VAL B CG2 1 
ATOM   1131 N N   . GLY B 1 59 ? -13.827 -17.876 -13.478 1.00 18.63  ? 68   GLY B N   1 
ATOM   1132 C CA  . GLY B 1 59 ? -13.900 -18.335 -14.855 1.00 20.83  ? 68   GLY B CA  1 
ATOM   1133 C C   . GLY B 1 59 ? -13.006 -17.546 -15.801 1.00 18.18  ? 68   GLY B C   1 
ATOM   1134 O O   . GLY B 1 59 ? -12.734 -17.995 -16.918 1.00 20.13  ? 68   GLY B O   1 
ATOM   1135 N N   . ASP B 1 60 ? -12.557 -16.370 -15.364 1.00 17.28  ? 69   ASP B N   1 
ATOM   1136 C CA  . ASP B 1 60 ? -11.673 -15.530 -16.173 1.00 17.52  ? 69   ASP B CA  1 
ATOM   1137 C C   . ASP B 1 60 ? -10.317 -16.197 -16.323 1.00 17.47  ? 69   ASP B C   1 
ATOM   1138 O O   . ASP B 1 60 ? -9.877  -16.916 -15.429 1.00 17.96  ? 69   ASP B O   1 
ATOM   1139 C CB  . ASP B 1 60 ? -11.435 -14.168 -15.511 1.00 17.68  ? 69   ASP B CB  1 
ATOM   1140 C CG  . ASP B 1 60 ? -12.605 -13.226 -15.648 1.00 19.27  ? 69   ASP B CG  1 
ATOM   1141 O OD1 . ASP B 1 60 ? -13.514 -13.506 -16.454 1.00 19.80  ? 69   ASP B OD1 1 
ATOM   1142 O OD2 . ASP B 1 60 ? -12.598 -12.184 -14.956 1.00 20.19  ? 69   ASP B OD2 1 
ATOM   1143 N N   . ARG B 1 61 ? -9.650  -15.954 -17.446 1.00 15.13  ? 70   ARG B N   1 
ATOM   1144 C CA  . ARG B 1 61 ? -8.323  -16.510 -17.663 1.00 16.62  ? 70   ARG B CA  1 
ATOM   1145 C C   . ARG B 1 61 ? -7.277  -15.426 -17.410 1.00 18.06  ? 70   ARG B C   1 
ATOM   1146 O O   . ARG B 1 61 ? -7.492  -14.260 -17.733 1.00 19.92  ? 70   ARG B O   1 
ATOM   1147 C CB  . ARG B 1 61 ? -8.166  -17.025 -19.100 1.00 18.90  ? 70   ARG B CB  1 
ATOM   1148 C CG  . ARG B 1 61 ? -6.767  -17.560 -19.367 1.00 26.36  ? 70   ARG B CG  1 
ATOM   1149 C CD  . ARG B 1 61 ? -6.580  -18.122 -20.778 1.00 33.45  ? 70   ARG B CD  1 
ATOM   1150 N NE  . ARG B 1 61 ? -5.197  -18.560 -20.957 1.00 36.92  ? 70   ARG B NE  1 
ATOM   1151 C CZ  . ARG B 1 61 ? -4.709  -19.130 -22.051 1.00 35.90  ? 70   ARG B CZ  1 
ATOM   1152 N NH1 . ARG B 1 61 ? -5.487  -19.348 -23.101 1.00 42.41  ? 70   ARG B NH1 1 
ATOM   1153 N NH2 . ARG B 1 61 ? -3.433  -19.492 -22.090 1.00 41.50  ? 70   ARG B NH2 1 
ATOM   1154 N N   . ILE B 1 62 ? -6.151  -15.805 -16.815 1.00 15.56  ? 71   ILE B N   1 
ATOM   1155 C CA  . ILE B 1 62 ? -5.080  -14.848 -16.571 1.00 14.32  ? 71   ILE B CA  1 
ATOM   1156 C C   . ILE B 1 62 ? -4.055  -15.098 -17.680 1.00 16.65  ? 71   ILE B C   1 
ATOM   1157 O O   . ILE B 1 62 ? -3.497  -16.195 -17.779 1.00 16.91  ? 71   ILE B O   1 
ATOM   1158 C CB  . ILE B 1 62 ? -4.427  -15.075 -15.180 1.00 17.28  ? 71   ILE B CB  1 
ATOM   1159 C CG1 . ILE B 1 62 ? -5.479  -14.897 -14.079 1.00 18.00  ? 71   ILE B CG1 1 
ATOM   1160 C CG2 . ILE B 1 62 ? -3.288  -14.088 -14.968 1.00 16.14  ? 71   ILE B CG2 1 
ATOM   1161 C CD1 . ILE B 1 62 ? -4.974  -15.186 -12.672 1.00 19.89  ? 71   ILE B CD1 1 
ATOM   1162 N N   . LEU B 1 63 ? -3.835  -14.096 -18.531 1.00 14.97  ? 72   LEU B N   1 
ATOM   1163 C CA  . LEU B 1 63 ? -2.883  -14.238 -19.635 1.00 18.76  ? 72   LEU B CA  1 
ATOM   1164 C C   . LEU B 1 63 ? -1.472  -13.855 -19.211 1.00 19.13  ? 72   LEU B C   1 
ATOM   1165 O O   . LEU B 1 63 ? -0.495  -14.469 -19.645 1.00 21.43  ? 72   LEU B O   1 
ATOM   1166 C CB  . LEU B 1 63 ? -3.319  -13.387 -20.836 1.00 19.34  ? 72   LEU B CB  1 
ATOM   1167 C CG  . LEU B 1 63 ? -4.686  -13.722 -21.453 1.00 21.53  ? 72   LEU B CG  1 
ATOM   1168 C CD1 . LEU B 1 63 ? -4.953  -12.807 -22.647 1.00 22.97  ? 72   LEU B CD1 1 
ATOM   1169 C CD2 . LEU B 1 63 ? -4.729  -15.177 -21.892 1.00 22.47  ? 72   LEU B CD2 1 
ATOM   1170 N N   . SER B 1 64 ? -1.364  -12.832 -18.374 1.00 17.13  ? 73   SER B N   1 
ATOM   1171 C CA  . SER B 1 64 ? -0.061  -12.402 -17.885 1.00 20.23  ? 73   SER B CA  1 
ATOM   1172 C C   . SER B 1 64 ? -0.203  -11.732 -16.526 1.00 20.07  ? 73   SER B C   1 
ATOM   1173 O O   . SER B 1 64 ? -1.285  -11.259 -16.157 1.00 15.74  ? 73   SER B O   1 
ATOM   1174 C CB  . SER B 1 64 ? 0.617   -11.445 -18.874 1.00 20.86  ? 73   SER B CB  1 
ATOM   1175 O OG  . SER B 1 64 ? -0.016  -10.181 -18.918 1.00 21.43  ? 73   SER B OG  1 
ATOM   1176 N N   . LEU B 1 65 ? 0.900   -11.716 -15.787 1.00 19.20  ? 74   LEU B N   1 
ATOM   1177 C CA  . LEU B 1 65 ? 0.954   -11.122 -14.457 1.00 22.45  ? 74   LEU B CA  1 
ATOM   1178 C C   . LEU B 1 65 ? 2.163   -10.201 -14.430 1.00 24.68  ? 74   LEU B C   1 
ATOM   1179 O O   . LEU B 1 65 ? 3.297   -10.650 -14.604 1.00 27.80  ? 74   LEU B O   1 
ATOM   1180 C CB  . LEU B 1 65 ? 1.098   -12.225 -13.399 1.00 25.18  ? 74   LEU B CB  1 
ATOM   1181 C CG  . LEU B 1 65 ? 1.215   -11.862 -11.911 1.00 28.01  ? 74   LEU B CG  1 
ATOM   1182 C CD1 . LEU B 1 65 ? 2.574   -11.260 -11.604 1.00 34.13  ? 74   LEU B CD1 1 
ATOM   1183 C CD2 . LEU B 1 65 ? 0.110   -10.907 -11.544 1.00 32.72  ? 74   LEU B CD2 1 
ATOM   1184 N N   . ASN B 1 66 ? 1.915   -8.913  -14.221 1.00 24.79  ? 75   ASN B N   1 
ATOM   1185 C CA  . ASN B 1 66 ? 2.980   -7.923  -14.198 1.00 30.33  ? 75   ASN B CA  1 
ATOM   1186 C C   . ASN B 1 66 ? 3.850   -8.025  -15.442 1.00 32.19  ? 75   ASN B C   1 
ATOM   1187 O O   . ASN B 1 66 ? 5.075   -7.917  -15.372 1.00 34.42  ? 75   ASN B O   1 
ATOM   1188 C CB  . ASN B 1 66 ? 3.838   -8.079  -12.940 1.00 32.11  ? 75   ASN B CB  1 
ATOM   1189 C CG  . ASN B 1 66 ? 3.092   -7.697  -11.685 1.00 33.87  ? 75   ASN B CG  1 
ATOM   1190 O OD1 . ASN B 1 66 ? 2.251   -6.800  -11.703 1.00 29.58  ? 75   ASN B OD1 1 
ATOM   1191 N ND2 . ASN B 1 66 ? 3.403   -8.366  -10.580 1.00 36.42  ? 75   ASN B ND2 1 
ATOM   1192 N N   . GLY B 1 67 ? 3.203   -8.251  -16.579 1.00 32.23  ? 76   GLY B N   1 
ATOM   1193 C CA  . GLY B 1 67 ? 3.920   -8.339  -17.835 1.00 34.09  ? 76   GLY B CA  1 
ATOM   1194 C C   . GLY B 1 67 ? 4.462   -9.707  -18.189 1.00 33.15  ? 76   GLY B C   1 
ATOM   1195 O O   . GLY B 1 67 ? 4.866   -9.928  -19.329 1.00 36.47  ? 76   GLY B O   1 
ATOM   1196 N N   . LYS B 1 68 ? 4.484   -10.625 -17.228 1.00 31.85  ? 77   LYS B N   1 
ATOM   1197 C CA  . LYS B 1 68 ? 4.989   -11.964 -17.501 1.00 29.73  ? 77   LYS B CA  1 
ATOM   1198 C C   . LYS B 1 68 ? 3.894   -12.888 -18.003 1.00 28.44  ? 77   LYS B C   1 
ATOM   1199 O O   . LYS B 1 68 ? 2.855   -13.047 -17.362 1.00 23.91  ? 77   LYS B O   1 
ATOM   1200 C CB  . LYS B 1 68 ? 5.627   -12.576 -16.255 1.00 33.24  ? 77   LYS B CB  1 
ATOM   1201 C CG  . LYS B 1 68 ? 6.209   -13.962 -16.507 1.00 39.06  ? 77   LYS B CG  1 
ATOM   1202 C CD  . LYS B 1 68 ? 7.016   -14.454 -15.321 1.00 42.55  ? 77   LYS B CD  1 
ATOM   1203 C CE  . LYS B 1 68 ? 7.738   -15.753 -15.648 1.00 44.99  ? 77   LYS B CE  1 
ATOM   1204 N NZ  . LYS B 1 68 ? 8.754   -16.075 -14.606 1.00 47.67  ? 77   LYS B NZ  1 
ATOM   1205 N N   . ASP B 1 69 ? 4.140   -13.497 -19.157 1.00 25.87  ? 78   ASP B N   1 
ATOM   1206 C CA  . ASP B 1 69 ? 3.195   -14.421 -19.758 1.00 28.01  ? 78   ASP B CA  1 
ATOM   1207 C C   . ASP B 1 69 ? 3.077   -15.681 -18.899 1.00 27.74  ? 78   ASP B C   1 
ATOM   1208 O O   . ASP B 1 69 ? 4.076   -16.334 -18.601 1.00 26.76  ? 78   ASP B O   1 
ATOM   1209 C CB  . ASP B 1 69 ? 3.666   -14.765 -21.178 1.00 30.69  ? 78   ASP B CB  1 
ATOM   1210 C CG  . ASP B 1 69 ? 2.939   -15.949 -21.768 1.00 32.77  ? 78   ASP B CG  1 
ATOM   1211 O OD1 . ASP B 1 69 ? 1.716   -16.057 -21.569 1.00 30.82  ? 78   ASP B OD1 1 
ATOM   1212 O OD2 . ASP B 1 69 ? 3.596   -16.772 -22.444 1.00 37.89  ? 78   ASP B OD2 1 
ATOM   1213 N N   . VAL B 1 70 ? 1.855   -16.009 -18.483 1.00 24.51  ? 79   VAL B N   1 
ATOM   1214 C CA  . VAL B 1 70 ? 1.633   -17.194 -17.657 1.00 21.36  ? 79   VAL B CA  1 
ATOM   1215 C C   . VAL B 1 70 ? 0.702   -18.196 -18.331 1.00 23.50  ? 79   VAL B C   1 
ATOM   1216 O O   . VAL B 1 70 ? 0.214   -19.129 -17.695 1.00 22.14  ? 79   VAL B O   1 
ATOM   1217 C CB  . VAL B 1 70 ? 1.041   -16.817 -16.275 1.00 24.07  ? 79   VAL B CB  1 
ATOM   1218 C CG1 . VAL B 1 70 ? 2.072   -16.051 -15.465 1.00 22.30  ? 79   VAL B CG1 1 
ATOM   1219 C CG2 . VAL B 1 70 ? -0.233  -15.976 -16.456 1.00 22.12  ? 79   VAL B CG2 1 
ATOM   1220 N N   . ARG B 1 71 ? 0.472   -18.009 -19.625 1.00 23.55  ? 80   ARG B N   1 
ATOM   1221 C CA  . ARG B 1 71 ? -0.409  -18.897 -20.371 1.00 26.70  ? 80   ARG B CA  1 
ATOM   1222 C C   . ARG B 1 71 ? -0.069  -20.373 -20.178 1.00 25.83  ? 80   ARG B C   1 
ATOM   1223 O O   . ARG B 1 71 ? -0.965  -21.209 -20.089 1.00 28.77  ? 80   ARG B O   1 
ATOM   1224 C CB  . ARG B 1 71 ? -0.376  -18.543 -21.861 1.00 28.52  ? 80   ARG B CB  1 
ATOM   1225 C CG  . ARG B 1 71 ? -0.954  -17.165 -22.190 1.00 33.22  ? 80   ARG B CG  1 
ATOM   1226 C CD  . ARG B 1 71 ? -0.822  -16.870 -23.676 1.00 36.26  ? 80   ARG B CD  1 
ATOM   1227 N NE  . ARG B 1 71 ? -1.391  -15.580 -24.058 1.00 39.03  ? 80   ARG B NE  1 
ATOM   1228 C CZ  . ARG B 1 71 ? -0.933  -14.398 -23.655 1.00 39.63  ? 80   ARG B CZ  1 
ATOM   1229 N NH1 . ARG B 1 71 ? 0.115   -14.324 -22.842 1.00 39.40  ? 80   ARG B NH1 1 
ATOM   1230 N NH2 . ARG B 1 71 ? -1.517  -13.282 -24.074 1.00 40.94  ? 80   ARG B NH2 1 
ATOM   1231 N N   . ASN B 1 72 ? 1.218   -20.700 -20.107 1.00 25.88  ? 81   ASN B N   1 
ATOM   1232 C CA  . ASN B 1 72 ? 1.622   -22.091 -19.923 1.00 26.84  ? 81   ASN B CA  1 
ATOM   1233 C C   . ASN B 1 72 ? 2.299   -22.398 -18.591 1.00 26.30  ? 81   ASN B C   1 
ATOM   1234 O O   . ASN B 1 72 ? 3.000   -23.401 -18.465 1.00 24.53  ? 81   ASN B O   1 
ATOM   1235 C CB  . ASN B 1 72 ? 2.531   -22.535 -21.070 1.00 32.54  ? 81   ASN B CB  1 
ATOM   1236 C CG  . ASN B 1 72 ? 1.748   -22.958 -22.294 1.00 37.02  ? 81   ASN B CG  1 
ATOM   1237 O OD1 . ASN B 1 72 ? 1.124   -22.136 -22.960 1.00 37.65  ? 81   ASN B OD1 1 
ATOM   1238 N ND2 . ASN B 1 72 ? 1.763   -24.254 -22.587 1.00 41.90  ? 81   ASN B ND2 1 
ATOM   1239 N N   . SER B 1 73 ? 2.067   -21.553 -17.591 1.00 23.95  ? 82   SER B N   1 
ATOM   1240 C CA  . SER B 1 73 ? 2.675   -21.752 -16.281 1.00 21.52  ? 82   SER B CA  1 
ATOM   1241 C C   . SER B 1 73 ? 1.931   -22.754 -15.408 1.00 20.97  ? 82   SER B C   1 
ATOM   1242 O O   . SER B 1 73 ? 0.736   -22.997 -15.583 1.00 18.51  ? 82   SER B O   1 
ATOM   1243 C CB  . SER B 1 73 ? 2.760   -20.418 -15.526 1.00 24.21  ? 82   SER B CB  1 
ATOM   1244 O OG  . SER B 1 73 ? 3.578   -19.483 -16.209 1.00 26.69  ? 82   SER B OG  1 
ATOM   1245 N N   . THR B 1 74 ? 2.656   -23.349 -14.469 1.00 19.25  ? 83   THR B N   1 
ATOM   1246 C CA  . THR B 1 74 ? 2.043   -24.275 -13.535 1.00 19.88  ? 83   THR B CA  1 
ATOM   1247 C C   . THR B 1 74 ? 1.333   -23.348 -12.547 1.00 18.77  ? 83   THR B C   1 
ATOM   1248 O O   . THR B 1 74 ? 1.632   -22.153 -12.497 1.00 19.91  ? 83   THR B O   1 
ATOM   1249 C CB  . THR B 1 74 ? 3.102   -25.101 -12.775 1.00 22.91  ? 83   THR B CB  1 
ATOM   1250 O OG1 . THR B 1 74 ? 3.976   -24.212 -12.066 1.00 23.18  ? 83   THR B OG1 1 
ATOM   1251 C CG2 . THR B 1 74 ? 3.926   -25.940 -13.748 1.00 23.89  ? 83   THR B CG2 1 
ATOM   1252 N N   . GLU B 1 75 ? 0.397   -23.881 -11.774 1.00 18.96  ? 84   GLU B N   1 
ATOM   1253 C CA  . GLU B 1 75 ? -0.312  -23.055 -10.809 1.00 20.79  ? 84   GLU B CA  1 
ATOM   1254 C C   . GLU B 1 75 ? 0.653   -22.505 -9.773  1.00 20.89  ? 84   GLU B C   1 
ATOM   1255 O O   . GLU B 1 75 ? 0.646   -21.310 -9.477  1.00 18.19  ? 84   GLU B O   1 
ATOM   1256 C CB  . GLU B 1 75 ? -1.409  -23.855 -10.107 1.00 23.07  ? 84   GLU B CB  1 
ATOM   1257 C CG  . GLU B 1 75 ? -2.498  -24.351 -11.037 1.00 27.14  ? 84   GLU B CG  1 
ATOM   1258 C CD  . GLU B 1 75 ? -2.302  -25.794 -11.444 1.00 28.72  ? 84   GLU B CD  1 
ATOM   1259 O OE1 . GLU B 1 75 ? -1.143  -26.199 -11.671 1.00 30.70  ? 84   GLU B OE1 1 
ATOM   1260 O OE2 . GLU B 1 75 ? -3.313  -26.520 -11.545 1.00 34.13  ? 84   GLU B OE2 1 
ATOM   1261 N N   . GLN B 1 76 ? 1.497   -23.377 -9.233  1.00 20.20  ? 85   GLN B N   1 
ATOM   1262 C CA  . GLN B 1 76 ? 2.452   -22.951 -8.216  1.00 20.93  ? 85   GLN B CA  1 
ATOM   1263 C C   . GLN B 1 76 ? 3.362   -21.837 -8.709  1.00 20.21  ? 85   GLN B C   1 
ATOM   1264 O O   . GLN B 1 76 ? 3.696   -20.927 -7.951  1.00 23.17  ? 85   GLN B O   1 
ATOM   1265 C CB  . GLN B 1 76 ? 3.305   -24.128 -7.744  1.00 22.70  ? 85   GLN B CB  1 
ATOM   1266 C CG  . GLN B 1 76 ? 4.153   -23.780 -6.525  1.00 25.03  ? 85   GLN B CG  1 
ATOM   1267 C CD  . GLN B 1 76 ? 3.303   -23.338 -5.354  1.00 20.74  ? 85   GLN B CD  1 
ATOM   1268 O OE1 . GLN B 1 76 ? 2.419   -24.066 -4.908  1.00 24.85  ? 85   GLN B OE1 1 
ATOM   1269 N NE2 . GLN B 1 76 ? 3.563   -22.139 -4.851  1.00 23.78  ? 85   GLN B NE2 1 
ATOM   1270 N N   . ALA B 1 77 ? 3.771   -21.909 -9.972  1.00 21.23  ? 86   ALA B N   1 
ATOM   1271 C CA  . ALA B 1 77 ? 4.638   -20.885 -10.540 1.00 22.12  ? 86   ALA B CA  1 
ATOM   1272 C C   . ALA B 1 77 ? 3.963   -19.519 -10.488 1.00 23.39  ? 86   ALA B C   1 
ATOM   1273 O O   . ALA B 1 77 ? 4.602   -18.505 -10.190 1.00 24.35  ? 86   ALA B O   1 
ATOM   1274 C CB  . ALA B 1 77 ? 4.996   -21.234 -11.984 1.00 23.94  ? 86   ALA B CB  1 
ATOM   1275 N N   . VAL B 1 78 ? 2.668   -19.490 -10.787 1.00 20.62  ? 87   VAL B N   1 
ATOM   1276 C CA  . VAL B 1 78 ? 1.925   -18.238 -10.766 1.00 20.36  ? 87   VAL B CA  1 
ATOM   1277 C C   . VAL B 1 78 ? 1.787   -17.720 -9.338  1.00 20.06  ? 87   VAL B C   1 
ATOM   1278 O O   . VAL B 1 78 ? 1.934   -16.517 -9.084  1.00 22.42  ? 87   VAL B O   1 
ATOM   1279 C CB  . VAL B 1 78 ? 0.524   -18.410 -11.377 1.00 17.94  ? 87   VAL B CB  1 
ATOM   1280 C CG1 . VAL B 1 78 ? -0.216  -17.075 -11.350 1.00 20.37  ? 87   VAL B CG1 1 
ATOM   1281 C CG2 . VAL B 1 78 ? 0.644   -18.929 -12.818 1.00 18.89  ? 87   VAL B CG2 1 
ATOM   1282 N N   . ILE B 1 79 ? 1.503   -18.627 -8.408  1.00 19.18  ? 88   ILE B N   1 
ATOM   1283 C CA  . ILE B 1 79 ? 1.364   -18.253 -7.003  1.00 20.79  ? 88   ILE B CA  1 
ATOM   1284 C C   . ILE B 1 79 ? 2.678   -17.652 -6.514  1.00 22.10  ? 88   ILE B C   1 
ATOM   1285 O O   . ILE B 1 79 ? 2.682   -16.622 -5.834  1.00 21.93  ? 88   ILE B O   1 
ATOM   1286 C CB  . ILE B 1 79 ? 1.005   -19.471 -6.129  1.00 20.67  ? 88   ILE B CB  1 
ATOM   1287 C CG1 . ILE B 1 79 ? -0.373  -20.014 -6.529  1.00 20.72  ? 88   ILE B CG1 1 
ATOM   1288 C CG2 . ILE B 1 79 ? 1.003   -19.080 -4.650  1.00 20.45  ? 88   ILE B CG2 1 
ATOM   1289 C CD1 . ILE B 1 79 ? -1.516  -19.015 -6.369  1.00 21.00  ? 88   ILE B CD1 1 
ATOM   1290 N N   . ASP B 1 80 ? 3.794   -18.287 -6.865  1.00 23.00  ? 89   ASP B N   1 
ATOM   1291 C CA  . ASP B 1 80 ? 5.100   -17.777 -6.457  1.00 27.10  ? 89   ASP B CA  1 
ATOM   1292 C C   . ASP B 1 80 ? 5.280   -16.350 -6.969  1.00 27.08  ? 89   ASP B C   1 
ATOM   1293 O O   . ASP B 1 80 ? 5.708   -15.471 -6.229  1.00 24.72  ? 89   ASP B O   1 
ATOM   1294 C CB  . ASP B 1 80 ? 6.240   -18.658 -6.991  1.00 28.04  ? 89   ASP B CB  1 
ATOM   1295 C CG  . ASP B 1 80 ? 6.280   -20.030 -6.343  1.00 30.60  ? 89   ASP B CG  1 
ATOM   1296 O OD1 . ASP B 1 80 ? 5.764   -20.183 -5.215  1.00 34.68  ? 89   ASP B OD1 1 
ATOM   1297 O OD2 . ASP B 1 80 ? 6.846   -20.960 -6.956  1.00 32.69  ? 89   ASP B OD2 1 
ATOM   1298 N N   . LEU B 1 81 ? 4.955   -16.123 -8.239  1.00 27.55  ? 90   LEU B N   1 
ATOM   1299 C CA  . LEU B 1 81 ? 5.077   -14.792 -8.820  1.00 28.67  ? 90   LEU B CA  1 
ATOM   1300 C C   . LEU B 1 81 ? 4.229   -13.786 -8.047  1.00 27.78  ? 90   LEU B C   1 
ATOM   1301 O O   . LEU B 1 81 ? 4.681   -12.684 -7.741  1.00 29.40  ? 90   LEU B O   1 
ATOM   1302 C CB  . LEU B 1 81 ? 4.642   -14.802 -10.288 1.00 31.51  ? 90   LEU B CB  1 
ATOM   1303 C CG  . LEU B 1 81 ? 5.602   -15.447 -11.290 1.00 35.55  ? 90   LEU B CG  1 
ATOM   1304 C CD1 . LEU B 1 81 ? 4.967   -15.468 -12.674 1.00 39.29  ? 90   LEU B CD1 1 
ATOM   1305 C CD2 . LEU B 1 81 ? 6.907   -14.668 -11.316 1.00 37.91  ? 90   LEU B CD2 1 
ATOM   1306 N N   . ILE B 1 82 ? 2.998   -14.169 -7.733  1.00 26.23  ? 91   ILE B N   1 
ATOM   1307 C CA  . ILE B 1 82 ? 2.105   -13.284 -6.998  1.00 25.84  ? 91   ILE B CA  1 
ATOM   1308 C C   . ILE B 1 82 ? 2.641   -12.959 -5.602  1.00 27.61  ? 91   ILE B C   1 
ATOM   1309 O O   . ILE B 1 82 ? 2.586   -11.811 -5.166  1.00 26.07  ? 91   ILE B O   1 
ATOM   1310 C CB  . ILE B 1 82 ? 0.703   -13.900 -6.860  1.00 26.78  ? 91   ILE B CB  1 
ATOM   1311 C CG1 . ILE B 1 82 ? 0.059   -14.039 -8.244  1.00 23.79  ? 91   ILE B CG1 1 
ATOM   1312 C CG2 . ILE B 1 82 ? -0.165  -13.020 -5.962  1.00 23.99  ? 91   ILE B CG2 1 
ATOM   1313 C CD1 . ILE B 1 82 ? -1.252  -14.801 -8.240  1.00 24.05  ? 91   ILE B CD1 1 
ATOM   1314 N N   . LYS B 1 83 ? 3.166   -13.961 -4.907  1.00 28.06  ? 92   LYS B N   1 
ATOM   1315 C CA  . LYS B 1 83 ? 3.697   -13.733 -3.568  1.00 33.30  ? 92   LYS B CA  1 
ATOM   1316 C C   . LYS B 1 83 ? 4.980   -12.902 -3.597  1.00 35.42  ? 92   LYS B C   1 
ATOM   1317 O O   . LYS B 1 83 ? 5.359   -12.300 -2.591  1.00 37.61  ? 92   LYS B O   1 
ATOM   1318 C CB  . LYS B 1 83 ? 3.925   -15.068 -2.855  1.00 32.99  ? 92   LYS B CB  1 
ATOM   1319 C CG  . LYS B 1 83 ? 2.625   -15.819 -2.568  1.00 32.83  ? 92   LYS B CG  1 
ATOM   1320 C CD  . LYS B 1 83 ? 2.852   -17.084 -1.750  1.00 31.89  ? 92   LYS B CD  1 
ATOM   1321 C CE  . LYS B 1 83 ? 1.521   -17.709 -1.338  1.00 35.18  ? 92   LYS B CE  1 
ATOM   1322 N NZ  . LYS B 1 83 ? 1.682   -18.937 -0.503  1.00 31.54  ? 92   LYS B NZ  1 
ATOM   1323 N N   . GLU B 1 84 ? 5.638   -12.857 -4.750  1.00 35.90  ? 93   GLU B N   1 
ATOM   1324 C CA  . GLU B 1 84 ? 6.862   -12.072 -4.889  1.00 39.09  ? 93   GLU B CA  1 
ATOM   1325 C C   . GLU B 1 84 ? 6.512   -10.593 -5.024  1.00 39.35  ? 93   GLU B C   1 
ATOM   1326 O O   . GLU B 1 84 ? 7.371   -9.723  -4.867  1.00 37.43  ? 93   GLU B O   1 
ATOM   1327 C CB  . GLU B 1 84 ? 7.656   -12.521 -6.118  1.00 40.87  ? 93   GLU B CB  1 
ATOM   1328 C CG  . GLU B 1 84 ? 8.377   -13.848 -5.947  1.00 46.43  ? 93   GLU B CG  1 
ATOM   1329 C CD  . GLU B 1 84 ? 8.999   -14.340 -7.240  1.00 49.56  ? 93   GLU B CD  1 
ATOM   1330 O OE1 . GLU B 1 84 ? 9.712   -13.552 -7.898  1.00 51.45  ? 93   GLU B OE1 1 
ATOM   1331 O OE2 . GLU B 1 84 ? 8.781   -15.518 -7.597  1.00 53.68  ? 93   GLU B OE2 1 
ATOM   1332 N N   . ALA B 1 85 ? 5.244   -10.318 -5.317  1.00 37.39  ? 94   ALA B N   1 
ATOM   1333 C CA  . ALA B 1 85 ? 4.772   -8.949  -5.473  1.00 37.90  ? 94   ALA B CA  1 
ATOM   1334 C C   . ALA B 1 85 ? 4.739   -8.244  -4.122  1.00 37.01  ? 94   ALA B C   1 
ATOM   1335 O O   . ALA B 1 85 ? 4.461   -8.859  -3.094  1.00 38.58  ? 94   ALA B O   1 
ATOM   1336 C CB  . ALA B 1 85 ? 3.385   -8.945  -6.106  1.00 37.44  ? 94   ALA B CB  1 
ATOM   1337 N N   . ASP B 1 86 ? 5.017   -6.946  -4.130  1.00 37.34  ? 95   ASP B N   1 
ATOM   1338 C CA  . ASP B 1 86 ? 5.032   -6.167  -2.903  1.00 36.65  ? 95   ASP B CA  1 
ATOM   1339 C C   . ASP B 1 86 ? 3.626   -5.899  -2.369  1.00 34.17  ? 95   ASP B C   1 
ATOM   1340 O O   . ASP B 1 86 ? 3.287   -6.310  -1.258  1.00 36.10  ? 95   ASP B O   1 
ATOM   1341 C CB  . ASP B 1 86 ? 5.751   -4.840  -3.142  1.00 41.06  ? 95   ASP B CB  1 
ATOM   1342 C CG  . ASP B 1 86 ? 6.167   -4.167  -1.855  1.00 46.21  ? 95   ASP B CG  1 
ATOM   1343 O OD1 . ASP B 1 86 ? 5.297   -3.974  -0.976  1.00 47.72  ? 95   ASP B OD1 1 
ATOM   1344 O OD2 . ASP B 1 86 ? 7.365   -3.833  -1.725  1.00 47.55  ? 95   ASP B OD2 1 
ATOM   1345 N N   . PHE B 1 87 ? 2.807   -5.213  -3.158  1.00 27.73  ? 96   PHE B N   1 
ATOM   1346 C CA  . PHE B 1 87 ? 1.455   -4.895  -2.725  1.00 25.35  ? 96   PHE B CA  1 
ATOM   1347 C C   . PHE B 1 87 ? 0.444   -4.858  -3.865  1.00 22.98  ? 96   PHE B C   1 
ATOM   1348 O O   . PHE B 1 87 ? -0.754  -4.761  -3.621  1.00 21.18  ? 96   PHE B O   1 
ATOM   1349 C CB  . PHE B 1 87 ? 1.447   -3.548  -1.998  1.00 25.87  ? 96   PHE B CB  1 
ATOM   1350 C CG  . PHE B 1 87 ? 1.640   -2.372  -2.908  1.00 23.56  ? 96   PHE B CG  1 
ATOM   1351 C CD1 . PHE B 1 87 ? 0.544   -1.674  -3.406  1.00 23.18  ? 96   PHE B CD1 1 
ATOM   1352 C CD2 . PHE B 1 87 ? 2.915   -1.986  -3.303  1.00 27.58  ? 96   PHE B CD2 1 
ATOM   1353 C CE1 . PHE B 1 87 ? 0.716   -0.613  -4.285  1.00 25.27  ? 96   PHE B CE1 1 
ATOM   1354 C CE2 . PHE B 1 87 ? 3.096   -0.924  -4.183  1.00 26.13  ? 96   PHE B CE2 1 
ATOM   1355 C CZ  . PHE B 1 87 ? 1.995   -0.238  -4.675  1.00 26.87  ? 96   PHE B CZ  1 
ATOM   1356 N N   . LYS B 1 88 ? 0.914   -4.923  -5.107  1.00 22.11  ? 97   LYS B N   1 
ATOM   1357 C CA  . LYS B 1 88 ? -0.018  -4.894  -6.229  1.00 20.93  ? 97   LYS B CA  1 
ATOM   1358 C C   . LYS B 1 88 ? 0.400   -5.799  -7.379  1.00 20.31  ? 97   LYS B C   1 
ATOM   1359 O O   . LYS B 1 88 ? 1.581   -6.073  -7.577  1.00 19.54  ? 97   LYS B O   1 
ATOM   1360 C CB  . LYS B 1 88 ? -0.189  -3.462  -6.751  1.00 25.46  ? 97   LYS B CB  1 
ATOM   1361 C CG  . LYS B 1 88 ? 1.020   -2.898  -7.477  1.00 30.07  ? 97   LYS B CG  1 
ATOM   1362 C CD  . LYS B 1 88 ? 0.768   -1.464  -7.920  1.00 36.74  ? 97   LYS B CD  1 
ATOM   1363 C CE  . LYS B 1 88 ? 1.967   -0.878  -8.649  1.00 39.98  ? 97   LYS B CE  1 
ATOM   1364 N NZ  . LYS B 1 88 ? 2.236   -1.574  -9.940  1.00 45.01  ? 97   LYS B NZ  1 
ATOM   1365 N N   . ILE B 1 89 ? -0.587  -6.272  -8.129  1.00 19.87  ? 98   ILE B N   1 
ATOM   1366 C CA  . ILE B 1 89 ? -0.315  -7.118  -9.280  1.00 18.95  ? 98   ILE B CA  1 
ATOM   1367 C C   . ILE B 1 89 ? -1.198  -6.629  -10.417 1.00 22.13  ? 98   ILE B C   1 
ATOM   1368 O O   . ILE B 1 89 ? -2.362  -6.276  -10.205 1.00 19.55  ? 98   ILE B O   1 
ATOM   1369 C CB  . ILE B 1 89 ? -0.616  -8.612  -8.995  1.00 20.34  ? 98   ILE B CB  1 
ATOM   1370 C CG1 . ILE B 1 89 ? -2.045  -8.777  -8.474  1.00 19.19  ? 98   ILE B CG1 1 
ATOM   1371 C CG2 . ILE B 1 89 ? 0.405   -9.166  -8.005  1.00 19.27  ? 98   ILE B CG2 1 
ATOM   1372 C CD1 . ILE B 1 89 ? -2.469  -10.234 -8.256  1.00 19.42  ? 98   ILE B CD1 1 
ATOM   1373 N N   . GLU B 1 90 ? -0.620  -6.575  -11.610 1.00 18.79  ? 99   GLU B N   1 
ATOM   1374 C CA  . GLU B 1 90 ? -1.333  -6.136  -12.801 1.00 23.65  ? 99   GLU B CA  1 
ATOM   1375 C C   . GLU B 1 90 ? -1.677  -7.403  -13.564 1.00 20.46  ? 99   GLU B C   1 
ATOM   1376 O O   . GLU B 1 90 ? -0.788  -8.145  -13.978 1.00 21.74  ? 99   GLU B O   1 
ATOM   1377 C CB  . GLU B 1 90 ? -0.435  -5.237  -13.658 1.00 28.81  ? 99   GLU B CB  1 
ATOM   1378 C CG  . GLU B 1 90 ? 0.009   -3.954  -12.972 1.00 39.76  ? 99   GLU B CG  1 
ATOM   1379 C CD  . GLU B 1 90 ? 1.036   -3.182  -13.789 1.00 46.75  ? 99   GLU B CD  1 
ATOM   1380 O OE1 . GLU B 1 90 ? 0.773   -2.910  -14.982 1.00 49.07  ? 99   GLU B OE1 1 
ATOM   1381 O OE2 . GLU B 1 90 ? 2.107   -2.846  -13.237 1.00 51.53  ? 99   GLU B OE2 1 
ATOM   1382 N N   . LEU B 1 91 ? -2.966  -7.653  -13.746 1.00 17.62  ? 100  LEU B N   1 
ATOM   1383 C CA  . LEU B 1 91 ? -3.403  -8.852  -14.438 1.00 17.01  ? 100  LEU B CA  1 
ATOM   1384 C C   . LEU B 1 91 ? -3.986  -8.565  -15.811 1.00 15.82  ? 100  LEU B C   1 
ATOM   1385 O O   . LEU B 1 91 ? -4.813  -7.669  -15.957 1.00 18.54  ? 100  LEU B O   1 
ATOM   1386 C CB  . LEU B 1 91 ? -4.469  -9.573  -13.608 1.00 16.35  ? 100  LEU B CB  1 
ATOM   1387 C CG  . LEU B 1 91 ? -4.096  -9.986  -12.184 1.00 19.30  ? 100  LEU B CG  1 
ATOM   1388 C CD1 . LEU B 1 91 ? -5.338  -10.444 -11.423 1.00 24.09  ? 100  LEU B CD1 1 
ATOM   1389 C CD2 . LEU B 1 91 ? -3.064  -11.091 -12.240 1.00 23.00  ? 100  LEU B CD2 1 
ATOM   1390 N N   . GLU B 1 92 ? -3.539  -9.316  -16.813 1.00 14.90  ? 101  GLU B N   1 
ATOM   1391 C CA  . GLU B 1 92 ? -4.101  -9.193  -18.158 1.00 13.89  ? 101  GLU B CA  1 
ATOM   1392 C C   . GLU B 1 92 ? -5.129  -10.318 -18.112 1.00 13.00  ? 101  GLU B C   1 
ATOM   1393 O O   . GLU B 1 92 ? -4.771  -11.494 -18.020 1.00 15.93  ? 101  GLU B O   1 
ATOM   1394 C CB  . GLU B 1 92 ? -3.054  -9.479  -19.238 1.00 15.98  ? 101  GLU B CB  1 
ATOM   1395 C CG  . GLU B 1 92 ? -3.611  -9.341  -20.655 1.00 16.10  ? 101  GLU B CG  1 
ATOM   1396 C CD  . GLU B 1 92 ? -2.589  -9.686  -21.721 1.00 21.06  ? 101  GLU B CD  1 
ATOM   1397 O OE1 . GLU B 1 92 ? -1.416  -9.909  -21.361 1.00 22.79  ? 101  GLU B OE1 1 
ATOM   1398 O OE2 . GLU B 1 92 ? -2.961  -9.734  -22.913 1.00 22.08  ? 101  GLU B OE2 1 
ATOM   1399 N N   . ILE B 1 93 ? -6.400  -9.940  -18.163 1.00 13.47  ? 102  ILE B N   1 
ATOM   1400 C CA  . ILE B 1 93 ? -7.515  -10.868 -18.049 1.00 16.45  ? 102  ILE B CA  1 
ATOM   1401 C C   . ILE B 1 93 ? -8.326  -11.039 -19.327 1.00 16.00  ? 102  ILE B C   1 
ATOM   1402 O O   . ILE B 1 93 ? -8.588  -10.070 -20.030 1.00 15.39  ? 102  ILE B O   1 
ATOM   1403 C CB  . ILE B 1 93 ? -8.497  -10.362 -16.958 1.00 15.64  ? 102  ILE B CB  1 
ATOM   1404 C CG1 . ILE B 1 93 ? -7.770  -10.229 -15.617 1.00 18.75  ? 102  ILE B CG1 1 
ATOM   1405 C CG2 . ILE B 1 93 ? -9.710  -11.286 -16.859 1.00 17.18  ? 102  ILE B CG2 1 
ATOM   1406 C CD1 . ILE B 1 93 ? -7.339  -11.543 -15.027 1.00 16.74  ? 102  ILE B CD1 1 
ATOM   1407 N N   . GLN B 1 94 ? -8.716  -12.278 -19.621 1.00 18.33  ? 103  GLN B N   1 
ATOM   1408 C CA  . GLN B 1 94 ? -9.578  -12.541 -20.770 1.00 19.08  ? 103  GLN B CA  1 
ATOM   1409 C C   . GLN B 1 94 ? -10.882 -13.028 -20.144 1.00 19.66  ? 103  GLN B C   1 
ATOM   1410 O O   . GLN B 1 94 ? -10.906 -14.064 -19.476 1.00 20.06  ? 103  GLN B O   1 
ATOM   1411 C CB  . GLN B 1 94 ? -9.005  -13.618 -21.685 1.00 19.81  ? 103  GLN B CB  1 
ATOM   1412 C CG  . GLN B 1 94 ? -9.858  -13.813 -22.934 1.00 23.12  ? 103  GLN B CG  1 
ATOM   1413 C CD  . GLN B 1 94 ? -9.170  -14.662 -23.972 1.00 26.34  ? 103  GLN B CD  1 
ATOM   1414 O OE1 . GLN B 1 94 ? -7.952  -14.586 -24.133 1.00 29.24  ? 103  GLN B OE1 1 
ATOM   1415 N NE2 . GLN B 1 94 ? -9.943  -15.469 -24.694 1.00 24.88  ? 103  GLN B NE2 1 
ATOM   1416 N N   . THR B 1 95 ? -11.951 -12.266 -20.351 1.00 22.23  ? 104  THR B N   1 
ATOM   1417 C CA  . THR B 1 95 ? -13.256 -12.576 -19.768 1.00 25.78  ? 104  THR B CA  1 
ATOM   1418 C C   . THR B 1 95 ? -14.380 -12.618 -20.795 1.00 30.40  ? 104  THR B C   1 
ATOM   1419 O O   . THR B 1 95 ? -14.187 -12.279 -21.962 1.00 28.96  ? 104  THR B O   1 
ATOM   1420 C CB  . THR B 1 95 ? -13.636 -11.510 -18.718 1.00 25.32  ? 104  THR B CB  1 
ATOM   1421 O OG1 . THR B 1 95 ? -14.875 -11.861 -18.087 1.00 26.46  ? 104  THR B OG1 1 
ATOM   1422 C CG2 . THR B 1 95 ? -13.802 -10.150 -19.389 1.00 25.32  ? 104  THR B CG2 1 
ATOM   1423 N N   . PHE B 1 96 ? -15.557 -13.035 -20.338 1.00 34.95  ? 105  PHE B N   1 
ATOM   1424 C CA  . PHE B 1 96 ? -16.742 -13.092 -21.185 1.00 39.35  ? 105  PHE B CA  1 
ATOM   1425 C C   . PHE B 1 96 ? -17.618 -11.901 -20.805 1.00 43.72  ? 105  PHE B C   1 
ATOM   1426 O O   . PHE B 1 96 ? -17.745 -11.571 -19.624 1.00 44.71  ? 105  PHE B O   1 
ATOM   1427 C CB  . PHE B 1 96 ? -17.495 -14.395 -20.953 1.00 38.87  ? 105  PHE B CB  1 
ATOM   1428 N N   . ASP B 1 97 ? -18.211 -11.247 -21.797 1.00 47.66  ? 106  ASP B N   1 
ATOM   1429 C CA  . ASP B 1 97 ? -19.068 -10.096 -21.531 1.00 51.57  ? 106  ASP B CA  1 
ATOM   1430 C C   . ASP B 1 97 ? -20.182 -9.979  -22.564 1.00 52.47  ? 106  ASP B C   1 
ATOM   1431 O O   . ASP B 1 97 ? -20.224 -10.821 -23.486 1.00 55.25  ? 106  ASP B O   1 
ATOM   1432 C CB  . ASP B 1 97 ? -18.240 -8.810  -21.526 1.00 52.59  ? 106  ASP B CB  1 
ATOM   1433 C CG  . ASP B 1 97 ? -17.703 -8.458  -22.900 1.00 52.79  ? 106  ASP B CG  1 
ATOM   1434 O OD1 . ASP B 1 97 ? -16.985 -9.291  -23.490 1.00 53.14  ? 106  ASP B OD1 1 
ATOM   1435 O OD2 . ASP B 1 97 ? -17.999 -7.345  -23.387 1.00 52.51  ? 106  ASP B OD2 1 
ATOM   1436 N N   . THR C 2 3  ? -8.925  -25.212 -0.775  1.00 44.20  ? 3    THR C N   1 
ATOM   1437 C CA  . THR C 2 3  ? -8.483  -24.634 -2.079  1.00 44.09  ? 3    THR C CA  1 
ATOM   1438 C C   . THR C 2 3  ? -6.957  -24.645 -2.165  1.00 40.71  ? 3    THR C C   1 
ATOM   1439 O O   . THR C 2 3  ? -6.266  -23.976 -1.394  1.00 38.11  ? 3    THR C O   1 
ATOM   1440 C CB  . THR C 2 3  ? -9.013  -23.207 -2.237  1.00 45.21  ? 3    THR C CB  1 
ATOM   1441 O OG1 . THR C 2 3  ? -8.442  -22.615 -3.408  1.00 51.49  ? 3    THR C OG1 1 
ATOM   1442 C CG2 . THR C 2 3  ? -8.688  -22.380 -1.003  1.00 47.02  ? 3    THR C CG2 1 
ATOM   1443 N N   . GLU C 2 4  ? -6.444  -25.400 -3.129  1.00 37.61  ? 4    GLU C N   1 
ATOM   1444 C CA  . GLU C 2 4  ? -5.008  -25.575 -3.298  1.00 36.50  ? 4    GLU C CA  1 
ATOM   1445 C C   . GLU C 2 4  ? -4.120  -24.395 -3.691  1.00 34.44  ? 4    GLU C C   1 
ATOM   1446 O O   . GLU C 2 4  ? -3.092  -24.175 -3.053  1.00 37.34  ? 4    GLU C O   1 
ATOM   1447 C CB  . GLU C 2 4  ? -4.756  -26.741 -4.257  1.00 40.01  ? 4    GLU C CB  1 
ATOM   1448 C CG  . GLU C 2 4  ? -3.321  -27.237 -4.260  1.00 44.22  ? 4    GLU C CG  1 
ATOM   1449 C CD  . GLU C 2 4  ? -3.205  -28.667 -4.752  1.00 46.71  ? 4    GLU C CD  1 
ATOM   1450 O OE1 . GLU C 2 4  ? -3.836  -29.555 -4.140  1.00 49.32  ? 4    GLU C OE1 1 
ATOM   1451 O OE2 . GLU C 2 4  ? -2.486  -28.905 -5.744  1.00 50.57  ? 4    GLU C OE2 1 
ATOM   1452 N N   . PHE C 2 5  ? -4.481  -23.636 -4.722  1.00 27.88  ? 5    PHE C N   1 
ATOM   1453 C CA  . PHE C 2 5  ? -3.612  -22.526 -5.134  1.00 24.24  ? 5    PHE C CA  1 
ATOM   1454 C C   . PHE C 2 5  ? -4.226  -21.140 -4.984  1.00 23.91  ? 5    PHE C C   1 
ATOM   1455 O O   . PHE C 2 5  ? -4.884  -20.645 -5.900  1.00 23.28  ? 5    PHE C O   1 
ATOM   1456 C CB  . PHE C 2 5  ? -3.170  -22.714 -6.586  1.00 22.91  ? 5    PHE C CB  1 
ATOM   1457 C CG  . PHE C 2 5  ? -2.537  -24.047 -6.854  1.00 24.05  ? 5    PHE C CG  1 
ATOM   1458 C CD1 . PHE C 2 5  ? -3.285  -25.092 -7.390  1.00 23.19  ? 5    PHE C CD1 1 
ATOM   1459 C CD2 . PHE C 2 5  ? -1.196  -24.263 -6.557  1.00 24.94  ? 5    PHE C CD2 1 
ATOM   1460 C CE1 . PHE C 2 5  ? -2.707  -26.333 -7.629  1.00 24.05  ? 5    PHE C CE1 1 
ATOM   1461 C CE2 . PHE C 2 5  ? -0.606  -25.506 -6.792  1.00 26.21  ? 5    PHE C CE2 1 
ATOM   1462 C CZ  . PHE C 2 5  ? -1.363  -26.540 -7.329  1.00 24.09  ? 5    PHE C CZ  1 
ATOM   1463 N N   . CYS C 2 6  ? -3.996  -20.503 -3.841  1.00 20.17  ? 6    CYS C N   1 
ATOM   1464 C CA  . CYS C 2 6  ? -4.558  -19.175 -3.612  1.00 20.71  ? 6    CYS C CA  1 
ATOM   1465 C C   . CYS C 2 6  ? -3.505  -18.172 -3.160  1.00 22.38  ? 6    CYS C C   1 
ATOM   1466 O O   . CYS C 2 6  ? -2.514  -18.539 -2.532  1.00 21.10  ? 6    CYS C O   1 
ATOM   1467 C CB  . CYS C 2 6  ? -5.651  -19.230 -2.546  1.00 25.55  ? 6    CYS C CB  1 
ATOM   1468 S SG  . CYS C 2 6  ? -6.944  -20.502 -2.717  1.00 29.99  ? 6    CYS C SG  1 
ATOM   1469 N N   . ALA C 2 7  ? -3.736  -16.901 -3.470  1.00 20.87  ? 7    ALA C N   1 
ATOM   1470 C CA  . ALA C 2 7  ? -2.810  -15.842 -3.087  1.00 22.32  ? 7    ALA C CA  1 
ATOM   1471 C C   . ALA C 2 7  ? -3.542  -14.514 -2.955  1.00 23.15  ? 7    ALA C C   1 
ATOM   1472 O O   . ALA C 2 7  ? -2.865  -13.498 -2.685  1.00 20.38  ? 7    ALA C O   1 
ATOM   1473 C CB  . ALA C 2 7  ? -1.687  -15.724 -4.124  1.00 19.92  ? 7    ALA C CB  1 
ATOM   1474 O OXT . ALA C 2 7  ? -4.784  -14.510 -3.122  1.00 21.77  ? 7    ALA C OXT 1 
ATOM   1475 N N   . THR D 2 3  ? -6.075  6.947   19.798  1.00 40.96  ? 3    THR D N   1 
ATOM   1476 C CA  . THR D 2 3  ? -5.283  8.212   19.786  1.00 43.40  ? 3    THR D CA  1 
ATOM   1477 C C   . THR D 2 3  ? -5.619  9.048   18.549  1.00 42.71  ? 3    THR D C   1 
ATOM   1478 O O   . THR D 2 3  ? -5.463  8.597   17.413  1.00 42.89  ? 3    THR D O   1 
ATOM   1479 C CB  . THR D 2 3  ? -3.771  7.901   19.818  1.00 43.84  ? 3    THR D CB  1 
ATOM   1480 O OG1 . THR D 2 3  ? -3.018  9.120   19.795  1.00 47.34  ? 3    THR D OG1 1 
ATOM   1481 C CG2 . THR D 2 3  ? -3.386  7.034   18.634  1.00 45.56  ? 3    THR D CG2 1 
ATOM   1482 N N   . GLU D 2 4  ? -6.095  10.266  18.778  1.00 42.32  ? 4    GLU D N   1 
ATOM   1483 C CA  . GLU D 2 4  ? -6.467  11.148  17.680  1.00 41.03  ? 4    GLU D CA  1 
ATOM   1484 C C   . GLU D 2 4  ? -5.247  11.775  17.019  1.00 38.23  ? 4    GLU D C   1 
ATOM   1485 O O   . GLU D 2 4  ? -4.144  11.710  17.545  1.00 38.91  ? 4    GLU D O   1 
ATOM   1486 C CB  . GLU D 2 4  ? -7.428  12.232  18.183  1.00 45.60  ? 4    GLU D CB  1 
ATOM   1487 C CG  . GLU D 2 4  ? -6.940  13.013  19.395  1.00 48.48  ? 4    GLU D CG  1 
ATOM   1488 C CD  . GLU D 2 4  ? -8.061  13.772  20.093  1.00 50.69  ? 4    GLU D CD  1 
ATOM   1489 O OE1 . GLU D 2 4  ? -8.979  13.116  20.630  1.00 53.00  ? 4    GLU D OE1 1 
ATOM   1490 O OE2 . GLU D 2 4  ? -8.029  15.022  20.109  1.00 50.91  ? 4    GLU D OE2 1 
ATOM   1491 N N   . PHE D 2 5  ? -5.445  12.355  15.844  1.00 35.71  ? 5    PHE D N   1 
ATOM   1492 C CA  . PHE D 2 5  ? -4.358  12.994  15.114  1.00 26.58  ? 5    PHE D CA  1 
ATOM   1493 C C   . PHE D 2 5  ? -3.265  12.030  14.662  1.00 23.70  ? 5    PHE D C   1 
ATOM   1494 O O   . PHE D 2 5  ? -2.103  12.159  15.048  1.00 21.21  ? 5    PHE D O   1 
ATOM   1495 C CB  . PHE D 2 5  ? -3.745  14.104  15.965  1.00 27.60  ? 5    PHE D CB  1 
ATOM   1496 C CG  . PHE D 2 5  ? -4.760  15.063  16.515  1.00 27.05  ? 5    PHE D CG  1 
ATOM   1497 C CD1 . PHE D 2 5  ? -4.662  15.524  17.825  1.00 25.07  ? 5    PHE D CD1 1 
ATOM   1498 C CD2 . PHE D 2 5  ? -5.823  15.491  15.730  1.00 26.26  ? 5    PHE D CD2 1 
ATOM   1499 C CE1 . PHE D 2 5  ? -5.611  16.398  18.344  1.00 26.61  ? 5    PHE D CE1 1 
ATOM   1500 C CE2 . PHE D 2 5  ? -6.780  16.368  16.241  1.00 29.34  ? 5    PHE D CE2 1 
ATOM   1501 C CZ  . PHE D 2 5  ? -6.670  16.821  17.552  1.00 27.22  ? 5    PHE D CZ  1 
ATOM   1502 N N   . CYS D 2 6  ? -3.646  11.056  13.846  1.00 21.13  ? 6    CYS D N   1 
ATOM   1503 C CA  . CYS D 2 6  ? -2.683  10.105  13.307  1.00 20.21  ? 6    CYS D CA  1 
ATOM   1504 C C   . CYS D 2 6  ? -2.904  10.096  11.800  1.00 23.47  ? 6    CYS D C   1 
ATOM   1505 O O   . CYS D 2 6  ? -4.024  10.309  11.332  1.00 21.16  ? 6    CYS D O   1 
ATOM   1506 C CB  . CYS D 2 6  ? -2.917  8.692   13.843  1.00 23.91  ? 6    CYS D CB  1 
ATOM   1507 S SG  . CYS D 2 6  ? -2.844  8.397   15.644  1.00 28.50  ? 6    CYS D SG  1 
ATOM   1508 N N   . ALA D 2 7  ? -1.840  9.850   11.045  1.00 20.97  ? 7    ALA D N   1 
ATOM   1509 C CA  . ALA D 2 7  ? -1.932  9.810   9.589   1.00 22.00  ? 7    ALA D CA  1 
ATOM   1510 C C   . ALA D 2 7  ? -0.809  8.957   9.013   1.00 23.22  ? 7    ALA D C   1 
ATOM   1511 O O   . ALA D 2 7  ? -0.094  8.312   9.810   1.00 20.96  ? 7    ALA D O   1 
ATOM   1512 C CB  . ALA D 2 7  ? -1.861  11.217  9.022   1.00 24.79  ? 7    ALA D CB  1 
ATOM   1513 O OXT . ALA D 2 7  ? -0.664  8.943   7.773   1.00 20.40  ? 7    ALA D OXT 1 
HETATM 1514 O O   . HOH E 3 .  ? 11.526  5.405   12.686  1.00 23.24  ? 1003 HOH A O   1 
HETATM 1515 O O   . HOH E 3 .  ? 18.771  14.965  6.726   1.00 20.21  ? 1005 HOH A O   1 
HETATM 1516 O O   . HOH E 3 .  ? 9.305   5.705   3.405   1.00 27.61  ? 1009 HOH A O   1 
HETATM 1517 O O   . HOH E 3 .  ? 11.050  6.353   18.803  1.00 34.93  ? 1010 HOH A O   1 
HETATM 1518 O O   . HOH E 3 .  ? 9.439   20.177  4.803   1.00 24.34  ? 1011 HOH A O   1 
HETATM 1519 O O   . HOH E 3 .  ? 14.818  11.770  14.210  1.00 21.76  ? 1013 HOH A O   1 
HETATM 1520 O O   . HOH E 3 .  ? -0.676  2.008   -1.610  1.00 28.77  ? 1014 HOH A O   1 
HETATM 1521 O O   . HOH E 3 .  ? -6.152  20.478  16.219  1.00 29.31  ? 1016 HOH A O   1 
HETATM 1522 O O   . HOH E 3 .  ? -0.542  -0.655  6.317   1.00 32.08  ? 1018 HOH A O   1 
HETATM 1523 O O   . HOH E 3 .  ? -1.618  11.506  2.005   1.00 30.11  ? 1023 HOH A O   1 
HETATM 1524 O O   . HOH E 3 .  ? 11.548  23.077  19.232  1.00 33.34  ? 1024 HOH A O   1 
HETATM 1525 O O   . HOH E 3 .  ? 14.407  10.219  4.086   1.00 37.18  ? 1025 HOH A O   1 
HETATM 1526 O O   . HOH E 3 .  ? 13.902  13.650  19.781  1.00 31.22  ? 1027 HOH A O   1 
HETATM 1527 O O   . HOH E 3 .  ? 6.088   13.244  22.018  1.00 26.90  ? 1031 HOH A O   1 
HETATM 1528 O O   . HOH E 3 .  ? -3.894  22.352  6.951   1.00 38.48  ? 1034 HOH A O   1 
HETATM 1529 O O   . HOH E 3 .  ? 1.629   -1.095  9.837   1.00 32.94  ? 1035 HOH A O   1 
HETATM 1530 O O   . HOH E 3 .  ? 10.472  15.683  22.921  1.00 34.83  ? 1040 HOH A O   1 
HETATM 1531 O O   . HOH E 3 .  ? 5.924   22.267  15.249  1.00 36.47  ? 1041 HOH A O   1 
HETATM 1532 O O   . HOH E 3 .  ? 14.382  13.829  2.781   1.00 35.76  ? 1043 HOH A O   1 
HETATM 1533 O O   . HOH E 3 .  ? 5.818   2.434   1.766   1.00 29.01  ? 1045 HOH A O   1 
HETATM 1534 O O   . HOH E 3 .  ? -0.959  4.184   0.544   1.00 38.90  ? 1046 HOH A O   1 
HETATM 1535 O O   . HOH E 3 .  ? 23.897  18.234  18.048  1.00 42.42  ? 1048 HOH A O   1 
HETATM 1536 O O   . HOH E 3 .  ? 14.042  24.896  16.100  1.00 32.72  ? 1050 HOH A O   1 
HETATM 1537 O O   . HOH E 3 .  ? 7.156   -4.189  11.999  1.00 54.85  ? 1051 HOH A O   1 
HETATM 1538 O O   . HOH E 3 .  ? 12.157  34.573  29.643  1.00 35.46  ? 1054 HOH A O   1 
HETATM 1539 O O   . HOH E 3 .  ? 0.607   18.660  1.812   1.00 41.75  ? 1056 HOH A O   1 
HETATM 1540 O O   . HOH E 3 .  ? 10.975  29.977  22.894  1.00 46.82  ? 1060 HOH A O   1 
HETATM 1541 O O   . HOH E 3 .  ? 12.849  1.419   13.353  1.00 40.53  ? 1061 HOH A O   1 
HETATM 1542 O O   . HOH E 3 .  ? 5.204   27.665  5.160   1.00 42.64  ? 1065 HOH A O   1 
HETATM 1543 O O   . HOH E 3 .  ? 4.187   28.356  12.004  1.00 44.02  ? 1066 HOH A O   1 
HETATM 1544 O O   . HOH E 3 .  ? 9.974   3.427   5.420   1.00 60.92  ? 1067 HOH A O   1 
HETATM 1545 O O   . HOH E 3 .  ? -6.746  22.749  8.199   1.00 42.23  ? 1069 HOH A O   1 
HETATM 1546 O O   . HOH E 3 .  ? 0.737   -2.216  13.087  1.00 40.65  ? 1070 HOH A O   1 
HETATM 1547 O O   . HOH E 3 .  ? 22.650  14.291  17.870  1.00 61.64  ? 1071 HOH A O   1 
HETATM 1548 O O   . HOH E 3 .  ? 3.269   -3.401  1.363   1.00 52.83  ? 1074 HOH A O   1 
HETATM 1549 O O   . HOH E 3 .  ? 8.722   23.546  17.345  1.00 36.65  ? 1090 HOH A O   1 
HETATM 1550 O O   . HOH E 3 .  ? 1.466   1.323   7.680   1.00 40.97  ? 1091 HOH A O   1 
HETATM 1551 O O   . HOH E 3 .  ? 9.810   3.756   18.036  1.00 42.79  ? 1092 HOH A O   1 
HETATM 1552 O O   . HOH E 3 .  ? -9.061  19.403  16.477  1.00 38.01  ? 1093 HOH A O   1 
HETATM 1553 O O   . HOH E 3 .  ? 6.917   0.876   4.138   1.00 30.64  ? 1094 HOH A O   1 
HETATM 1554 O O   . HOH E 3 .  ? 12.807  5.031   5.036   1.00 41.49  ? 1097 HOH A O   1 
HETATM 1555 O O   . HOH E 3 .  ? 6.811   17.977  24.351  1.00 46.78  ? 1100 HOH A O   1 
HETATM 1556 O O   . HOH E 3 .  ? 26.576  18.104  16.385  1.00 48.45  ? 1102 HOH A O   1 
HETATM 1557 O O   . HOH E 3 .  ? 11.446  14.321  -0.663  1.00 39.10  ? 1104 HOH A O   1 
HETATM 1558 O O   . HOH E 3 .  ? -3.266  9.207   -0.639  1.00 48.79  ? 1105 HOH A O   1 
HETATM 1559 O O   . HOH E 3 .  ? 11.140  25.626  8.052   1.00 36.83  ? 1107 HOH A O   1 
HETATM 1560 O O   . HOH E 3 .  ? -0.257  -2.821  3.827   1.00 34.64  ? 1109 HOH A O   1 
HETATM 1561 O O   . HOH E 3 .  ? 6.605   27.609  17.804  1.00 60.47  ? 1115 HOH A O   1 
HETATM 1562 O O   . HOH E 3 .  ? 6.356   -0.062  -1.646  1.00 71.38  ? 1117 HOH A O   1 
HETATM 1563 O O   . HOH E 3 .  ? -0.106  2.938   9.909   1.00 62.42  ? 1118 HOH A O   1 
HETATM 1564 O O   . HOH E 3 .  ? 3.503   25.633  30.349  1.00 48.98  ? 1119 HOH A O   1 
HETATM 1565 O O   . HOH E 3 .  ? 0.267   25.949  21.223  1.00 53.88  ? 1120 HOH A O   1 
HETATM 1566 O O   . HOH E 3 .  ? 2.440   28.056  18.802  1.00 51.06  ? 1121 HOH A O   1 
HETATM 1567 O O   . HOH E 3 .  ? 6.827   -3.917  5.218   1.00 41.16  ? 1122 HOH A O   1 
HETATM 1568 O O   . HOH E 3 .  ? 10.998  3.647   15.261  1.00 36.98  ? 1123 HOH A O   1 
HETATM 1569 O O   . HOH E 3 .  ? 15.850  3.028   14.348  1.00 57.07  ? 1124 HOH A O   1 
HETATM 1570 O O   . HOH E 3 .  ? 19.230  5.211   15.873  1.00 52.46  ? 1125 HOH A O   1 
HETATM 1571 O O   . HOH E 3 .  ? -6.161  11.847  -2.474  1.00 62.28  ? 1126 HOH A O   1 
HETATM 1572 O O   . HOH E 3 .  ? 10.703  20.033  1.918   1.00 60.20  ? 1127 HOH A O   1 
HETATM 1573 O O   . HOH E 3 .  ? 16.512  23.606  8.713   1.00 50.94  ? 1128 HOH A O   1 
HETATM 1574 O O   . HOH E 3 .  ? 17.827  26.426  8.922   1.00 46.12  ? 1129 HOH A O   1 
HETATM 1575 O O   . HOH E 3 .  ? 7.443   3.321   -3.663  1.00 50.37  ? 1137 HOH A O   1 
HETATM 1576 O O   . HOH E 3 .  ? 16.507  23.926  29.311  1.00 63.01  ? 1138 HOH A O   1 
HETATM 1577 O O   . HOH E 3 .  ? 7.780   28.809  20.520  1.00 56.73  ? 1139 HOH A O   1 
HETATM 1578 O O   . HOH E 3 .  ? 4.688   15.444  23.639  1.00 39.87  ? 1140 HOH A O   1 
HETATM 1579 O O   . HOH E 3 .  ? -1.848  24.598  7.529   1.00 49.99  ? 1141 HOH A O   1 
HETATM 1580 O O   . HOH E 3 .  ? 9.349   29.726  11.810  1.00 51.07  ? 1142 HOH A O   1 
HETATM 1581 O O   . HOH E 3 .  ? 13.555  26.154  13.289  1.00 56.45  ? 1143 HOH A O   1 
HETATM 1582 O O   . HOH E 3 .  ? 2.013   19.133  -1.390  1.00 69.26  ? 1146 HOH A O   1 
HETATM 1583 O O   . HOH E 3 .  ? -1.565  20.885  0.741   1.00 47.66  ? 1147 HOH A O   1 
HETATM 1584 O O   . HOH E 3 .  ? 8.424   14.995  -1.569  1.00 53.49  ? 1148 HOH A O   1 
HETATM 1585 O O   . HOH E 3 .  ? 3.115   11.993  25.303  1.00 50.36  ? 1165 HOH A O   1 
HETATM 1586 O O   . HOH E 3 .  ? 6.060   10.308  27.647  1.00 60.60  ? 1166 HOH A O   1 
HETATM 1587 O O   . HOH E 3 .  ? 7.769   14.820  24.318  1.00 73.07  ? 1167 HOH A O   1 
HETATM 1588 O O   . HOH E 3 .  ? 12.720  12.035  22.115  1.00 57.20  ? 1168 HOH A O   1 
HETATM 1589 O O   . HOH E 3 .  ? 9.096   10.967  27.327  1.00 68.05  ? 1169 HOH A O   1 
HETATM 1590 O O   . HOH E 3 .  ? 10.122  10.894  24.153  1.00 51.03  ? 1170 HOH A O   1 
HETATM 1591 O O   . HOH E 3 .  ? 9.006   28.991  16.176  1.00 53.12  ? 1171 HOH A O   1 
HETATM 1592 O O   . HOH E 3 .  ? -5.346  21.903  19.274  1.00 52.35  ? 1172 HOH A O   1 
HETATM 1593 O O   . HOH F 3 .  ? -13.204 -9.801  -15.816 1.00 19.49  ? 1001 HOH B O   1 
HETATM 1594 O O   . HOH F 3 .  ? -8.812  -2.696  -19.100 1.00 19.39  ? 1002 HOH B O   1 
HETATM 1595 O O   . HOH F 3 .  ? -14.324 -9.021  -8.754  1.00 24.18  ? 1004 HOH B O   1 
HETATM 1596 O O   . HOH F 3 .  ? 1.542   -26.274 -9.778  1.00 24.10  ? 1006 HOH B O   1 
HETATM 1597 O O   . HOH F 3 .  ? -7.287  -3.473  -5.747  1.00 30.11  ? 1007 HOH B O   1 
HETATM 1598 O O   . HOH F 3 .  ? 0.184   -8.173  -16.991 1.00 23.84  ? 1008 HOH B O   1 
HETATM 1599 O O   . HOH F 3 .  ? 2.517   -26.762 -4.939  1.00 25.19  ? 1012 HOH B O   1 
HETATM 1600 O O   . HOH F 3 .  ? -17.377 -14.124 -10.495 1.00 37.62  ? 1015 HOH B O   1 
HETATM 1601 O O   . HOH F 3 .  ? -17.193 -9.983  -17.062 1.00 43.40  ? 1017 HOH B O   1 
HETATM 1602 O O   . HOH F 3 .  ? -6.259  -15.311 -25.947 1.00 31.75  ? 1019 HOH B O   1 
HETATM 1603 O O   . HOH F 3 .  ? -15.196 -15.185 -17.780 1.00 29.99  ? 1020 HOH B O   1 
HETATM 1604 O O   . HOH F 3 .  ? 2.441   -10.565 -2.697  1.00 32.19  ? 1022 HOH B O   1 
HETATM 1605 O O   . HOH F 3 .  ? 3.821   -4.234  -5.609  1.00 29.09  ? 1026 HOH B O   1 
HETATM 1606 O O   . HOH F 3 .  ? -12.894 -17.101 -20.607 1.00 47.17  ? 1028 HOH B O   1 
HETATM 1607 O O   . HOH F 3 .  ? 0.429   -22.894 -3.657  1.00 37.64  ? 1030 HOH B O   1 
HETATM 1608 O O   . HOH F 3 .  ? -3.427  -18.599 -19.008 1.00 33.38  ? 1032 HOH B O   1 
HETATM 1609 O O   . HOH F 3 .  ? 7.231   -18.512 -10.797 1.00 28.55  ? 1033 HOH B O   1 
HETATM 1610 O O   . HOH F 3 .  ? -10.006 -18.231 -21.592 1.00 68.12  ? 1036 HOH B O   1 
HETATM 1611 O O   . HOH F 3 .  ? -0.339  -27.241 -3.390  1.00 36.66  ? 1038 HOH B O   1 
HETATM 1612 O O   . HOH F 3 .  ? -1.043  -22.715 -17.685 1.00 32.16  ? 1039 HOH B O   1 
HETATM 1613 O O   . HOH F 3 .  ? -6.370  -2.901  -0.716  1.00 32.11  ? 1042 HOH B O   1 
HETATM 1614 O O   . HOH F 3 .  ? -14.042 -20.241 -17.741 1.00 34.35  ? 1044 HOH B O   1 
HETATM 1615 O O   . HOH F 3 .  ? -16.333 -9.304  -27.575 1.00 32.93  ? 1047 HOH B O   1 
HETATM 1616 O O   . HOH F 3 .  ? -4.961  -29.833 -20.114 1.00 50.01  ? 1049 HOH B O   1 
HETATM 1617 O O   . HOH F 3 .  ? 8.343   -21.142 -9.304  1.00 42.96  ? 1052 HOH B O   1 
HETATM 1618 O O   . HOH F 3 .  ? -8.312  -2.292  -12.039 1.00 37.55  ? 1053 HOH B O   1 
HETATM 1619 O O   . HOH F 3 .  ? -13.377 -31.108 -32.801 1.00 35.93  ? 1057 HOH B O   1 
HETATM 1620 O O   . HOH F 3 .  ? 0.473   -11.454 -22.675 1.00 38.83  ? 1059 HOH B O   1 
HETATM 1621 O O   . HOH F 3 .  ? -11.064 -11.119 2.997   1.00 40.58  ? 1062 HOH B O   1 
HETATM 1622 O O   . HOH F 3 .  ? 6.563   -19.564 -0.896  1.00 53.98  ? 1063 HOH B O   1 
HETATM 1623 O O   . HOH F 3 .  ? 3.791   -19.495 -19.356 1.00 42.92  ? 1068 HOH B O   1 
HETATM 1624 O O   . HOH F 3 .  ? 5.955   -25.410 -10.601 1.00 39.79  ? 1072 HOH B O   1 
HETATM 1625 O O   . HOH F 3 .  ? -5.423  -23.585 -29.300 1.00 44.78  ? 1073 HOH B O   1 
HETATM 1626 O O   . HOH F 3 .  ? -12.703 -21.413 -13.228 1.00 27.68  ? 1075 HOH B O   1 
HETATM 1627 O O   . HOH F 3 .  ? -16.968 -6.196  -27.743 1.00 61.33  ? 1076 HOH B O   1 
HETATM 1628 O O   . HOH F 3 .  ? -10.825 -3.600  -16.666 1.00 30.52  ? 1077 HOH B O   1 
HETATM 1629 O O   . HOH F 3 .  ? -7.327  -0.314  -18.151 1.00 32.94  ? 1078 HOH B O   1 
HETATM 1630 O O   . HOH F 3 .  ? -1.998  0.417   -7.027  1.00 67.21  ? 1079 HOH B O   1 
HETATM 1631 O O   . HOH F 3 .  ? -4.671  1.487   -4.375  1.00 81.78  ? 1080 HOH B O   1 
HETATM 1632 O O   . HOH F 3 .  ? -10.444 -2.295  -2.726  1.00 44.36  ? 1081 HOH B O   1 
HETATM 1633 O O   . HOH F 3 .  ? -9.273  -4.032  -0.399  1.00 31.71  ? 1082 HOH B O   1 
HETATM 1634 O O   . HOH F 3 .  ? -6.977  -0.345  -5.803  1.00 56.78  ? 1083 HOH B O   1 
HETATM 1635 O O   . HOH F 3 .  ? -7.385  -9.387  4.600   1.00 36.81  ? 1084 HOH B O   1 
HETATM 1636 O O   . HOH F 3 .  ? -7.031  -23.671 -6.672  1.00 25.50  ? 1085 HOH B O   1 
HETATM 1637 O O   . HOH F 3 .  ? -10.908 -27.073 -17.508 1.00 47.47  ? 1086 HOH B O   1 
HETATM 1638 O O   . HOH F 3 .  ? -15.543 -22.478 -12.435 1.00 36.73  ? 1087 HOH B O   1 
HETATM 1639 O O   . HOH F 3 .  ? -11.190 -27.460 -10.894 1.00 58.84  ? 1088 HOH B O   1 
HETATM 1640 O O   . HOH F 3 .  ? -7.405  -26.670 -7.324  1.00 44.72  ? 1089 HOH B O   1 
HETATM 1641 O O   . HOH F 3 .  ? -7.449  -28.888 -35.109 1.00 35.45  ? 1095 HOH B O   1 
HETATM 1642 O O   . HOH F 3 .  ? 1.910   -28.370 -7.507  1.00 45.38  ? 1096 HOH B O   1 
HETATM 1643 O O   . HOH F 3 .  ? -3.417  -14.166 -25.863 1.00 43.58  ? 1098 HOH B O   1 
HETATM 1644 O O   . HOH F 3 .  ? -9.207  -32.630 -23.270 1.00 51.49  ? 1099 HOH B O   1 
HETATM 1645 O O   . HOH F 3 .  ? 1.332   -16.058 -25.763 1.00 52.90  ? 1101 HOH B O   1 
HETATM 1646 O O   . HOH F 3 .  ? 4.459   -5.948  -8.251  1.00 54.44  ? 1106 HOH B O   1 
HETATM 1647 O O   . HOH F 3 .  ? 2.889   -20.703 -2.310  1.00 45.64  ? 1108 HOH B O   1 
HETATM 1648 O O   . HOH F 3 .  ? -17.969 -7.577  -6.241  1.00 39.21  ? 1110 HOH B O   1 
HETATM 1649 O O   . HOH F 3 .  ? -6.730  -19.344 -27.574 1.00 45.05  ? 1111 HOH B O   1 
HETATM 1650 O O   . HOH F 3 .  ? -12.418 -3.875  3.109   1.00 57.27  ? 1112 HOH B O   1 
HETATM 1651 O O   . HOH F 3 .  ? 6.703   -12.994 -20.561 1.00 42.94  ? 1113 HOH B O   1 
HETATM 1652 O O   . HOH F 3 .  ? 5.948   -1.510  1.265   1.00 79.26  ? 1116 HOH B O   1 
HETATM 1653 O O   . HOH F 3 .  ? -11.563 -16.733 -29.122 1.00 52.68  ? 1130 HOH B O   1 
HETATM 1654 O O   . HOH F 3 .  ? -10.877 -19.164 -26.298 1.00 50.37  ? 1131 HOH B O   1 
HETATM 1655 O O   . HOH F 3 .  ? -11.054 -8.589  5.011   1.00 64.63  ? 1132 HOH B O   1 
HETATM 1656 O O   . HOH F 3 .  ? -8.654  -7.028  6.572   1.00 77.44  ? 1133 HOH B O   1 
HETATM 1657 O O   . HOH F 3 .  ? -1.295  -29.288 -9.780  1.00 40.49  ? 1134 HOH B O   1 
HETATM 1658 O O   . HOH F 3 .  ? 7.765   -18.505 -13.822 1.00 41.22  ? 1135 HOH B O   1 
HETATM 1659 O O   . HOH F 3 .  ? -0.253  -20.857 -1.323  1.00 69.03  ? 1136 HOH B O   1 
HETATM 1660 O O   . HOH F 3 .  ? -8.386  -4.201  -22.083 1.00 101.30 ? 1149 HOH B O   1 
HETATM 1661 O O   . HOH F 3 .  ? -2.101  -2.432  -15.608 1.00 50.77  ? 1150 HOH B O   1 
HETATM 1662 O O   . HOH F 3 .  ? -11.621 -23.495 -15.481 1.00 50.00  ? 1151 HOH B O   1 
HETATM 1663 O O   . HOH F 3 .  ? -16.868 -20.730 -14.706 1.00 52.03  ? 1152 HOH B O   1 
HETATM 1664 O O   . HOH F 3 .  ? -17.502 -24.106 -16.269 1.00 47.87  ? 1153 HOH B O   1 
HETATM 1665 O O   . HOH F 3 .  ? -16.209 -24.736 -8.134  1.00 36.17  ? 1154 HOH B O   1 
HETATM 1666 O O   . HOH F 3 .  ? -18.081 -26.580 -9.589  1.00 42.15  ? 1155 HOH B O   1 
HETATM 1667 O O   . HOH F 3 .  ? -15.336 -6.652  -18.171 1.00 49.49  ? 1156 HOH B O   1 
HETATM 1668 O O   . HOH F 3 .  ? -7.932  -18.562 -23.841 1.00 39.12  ? 1157 HOH B O   1 
HETATM 1669 O O   . HOH F 3 .  ? -1.258  2.645   -4.659  1.00 59.12  ? 1158 HOH B O   1 
HETATM 1670 O O   . HOH F 3 .  ? -4.841  2.233   -0.944  1.00 62.92  ? 1159 HOH B O   1 
HETATM 1671 O O   . HOH F 3 .  ? -5.417  -6.767  7.022   1.00 56.39  ? 1160 HOH B O   1 
HETATM 1672 O O   . HOH F 3 .  ? -17.266 -8.187  1.298   1.00 49.62  ? 1161 HOH B O   1 
HETATM 1673 O O   . HOH F 3 .  ? -10.252 -4.008  -5.248  1.00 58.60  ? 1162 HOH B O   1 
HETATM 1674 O O   . HOH F 3 .  ? 3.844   -4.638  -14.409 1.00 47.73  ? 1163 HOH B O   1 
HETATM 1675 O O   . HOH F 3 .  ? 2.398   -4.205  -10.713 1.00 47.83  ? 1164 HOH B O   1 
HETATM 1676 O O   . HOH G 3 .  ? -0.506  -12.868 -1.617  1.00 36.41  ? 1029 HOH C O   1 
HETATM 1677 O O   . HOH G 3 .  ? -3.369  -21.993 -1.422  1.00 43.10  ? 1055 HOH C O   1 
HETATM 1678 O O   . HOH G 3 .  ? -6.071  -16.040 -1.038  1.00 37.92  ? 1058 HOH C O   1 
HETATM 1679 O O   . HOH H 3 .  ? -2.274  12.157  19.020  1.00 29.19  ? 1021 HOH D O   1 
HETATM 1680 O O   . HOH H 3 .  ? -2.255  9.147   5.689   1.00 27.77  ? 1037 HOH D O   1 
HETATM 1681 O O   . HOH H 3 .  ? -6.537  11.261  11.918  1.00 61.28  ? 1064 HOH D O   1 
HETATM 1682 O O   . HOH H 3 .  ? -1.416  6.380   11.269  1.00 34.64  ? 1103 HOH D O   1 
HETATM 1683 O O   . HOH H 3 .  ? -3.867  13.879  21.167  1.00 43.48  ? 1114 HOH D O   1 
HETATM 1684 O O   . HOH H 3 .  ? -7.743  13.281  14.125  1.00 55.03  ? 1144 HOH D O   1 
HETATM 1685 O O   . HOH H 3 .  ? -6.468  9.103   14.245  1.00 46.14  ? 1145 HOH D O   1 
# 
